data_6ZSX
# 
_entry.id   6ZSX 
# 
_audit_conform.dict_name       mmcif_pdbx.dic 
_audit_conform.dict_version    5.397 
_audit_conform.dict_location   http://mmcif.pdb.org/dictionaries/ascii/mmcif_pdbx.dic 
# 
loop_
_database_2.database_id 
_database_2.database_code 
_database_2.pdbx_database_accession 
_database_2.pdbx_DOI 
PDB   6ZSX         pdb_00006zsx 10.2210/pdb6zsx/pdb 
WWPDB D_1292110141 ?            ?                   
# 
loop_
_pdbx_audit_revision_history.ordinal 
_pdbx_audit_revision_history.data_content_type 
_pdbx_audit_revision_history.major_revision 
_pdbx_audit_revision_history.minor_revision 
_pdbx_audit_revision_history.revision_date 
1 'Structure model' 1 0 2021-07-28 
2 'Structure model' 1 1 2021-11-17 
3 'Structure model' 1 2 2022-01-19 
4 'Structure model' 1 3 2024-01-31 
5 'Structure model' 1 4 2024-10-16 
# 
_pdbx_audit_revision_details.ordinal             1 
_pdbx_audit_revision_details.revision_ordinal    1 
_pdbx_audit_revision_details.data_content_type   'Structure model' 
_pdbx_audit_revision_details.provider            repository 
_pdbx_audit_revision_details.type                'Initial release' 
_pdbx_audit_revision_details.description         ? 
_pdbx_audit_revision_details.details             ? 
# 
loop_
_pdbx_audit_revision_group.ordinal 
_pdbx_audit_revision_group.revision_ordinal 
_pdbx_audit_revision_group.data_content_type 
_pdbx_audit_revision_group.group 
1 2 'Structure model' 'Data collection'        
2 2 'Structure model' 'Database references'    
3 3 'Structure model' 'Data collection'        
4 3 'Structure model' 'Database references'    
5 4 'Structure model' 'Data collection'        
6 4 'Structure model' 'Refinement description' 
7 5 'Structure model' 'Structure summary'      
# 
loop_
_pdbx_audit_revision_category.ordinal 
_pdbx_audit_revision_category.revision_ordinal 
_pdbx_audit_revision_category.data_content_type 
_pdbx_audit_revision_category.category 
1  2 'Structure model' citation                      
2  2 'Structure model' citation_author               
3  2 'Structure model' database_2                    
4  2 'Structure model' diffrn_source                 
5  2 'Structure model' pdbx_database_proc            
6  3 'Structure model' citation                      
7  3 'Structure model' citation_author               
8  3 'Structure model' diffrn_source                 
9  4 'Structure model' chem_comp_atom                
10 4 'Structure model' chem_comp_bond                
11 4 'Structure model' pdbx_initial_refinement_model 
12 5 'Structure model' pdbx_entry_details            
13 5 'Structure model' pdbx_modification_feature     
# 
loop_
_pdbx_audit_revision_item.ordinal 
_pdbx_audit_revision_item.revision_ordinal 
_pdbx_audit_revision_item.data_content_type 
_pdbx_audit_revision_item.item 
1  2 'Structure model' '_citation.country'                            
2  2 'Structure model' '_citation.journal_abbrev'                     
3  2 'Structure model' '_citation.journal_id_CSD'                     
4  2 'Structure model' '_citation.journal_id_ISSN'                    
5  2 'Structure model' '_citation.pdbx_database_id_DOI'               
6  2 'Structure model' '_citation.pdbx_database_id_PubMed'            
7  2 'Structure model' '_citation.title'                              
8  2 'Structure model' '_citation.year'                               
9  2 'Structure model' '_database_2.pdbx_DOI'                         
10 2 'Structure model' '_database_2.pdbx_database_accession'          
11 2 'Structure model' '_diffrn_source.pdbx_synchrotron_site'         
12 3 'Structure model' '_citation.journal_volume'                     
13 3 'Structure model' '_citation.page_first'                         
14 3 'Structure model' '_citation.page_last'                          
15 3 'Structure model' '_citation.year'                               
16 3 'Structure model' '_citation_author.identifier_ORCID'            
17 3 'Structure model' '_diffrn_source.pdbx_synchrotron_site'         
18 5 'Structure model' '_pdbx_entry_details.has_protein_modification' 
# 
_pdbx_database_status.status_code                     REL 
_pdbx_database_status.status_code_sf                  REL 
_pdbx_database_status.status_code_mr                  ? 
_pdbx_database_status.entry_id                        6ZSX 
_pdbx_database_status.recvd_initial_deposition_date   2020-07-16 
_pdbx_database_status.SG_entry                        N 
_pdbx_database_status.deposit_site                    PDBE 
_pdbx_database_status.process_site                    PDBE 
_pdbx_database_status.status_code_cs                  ? 
_pdbx_database_status.status_code_nmr_data            ? 
_pdbx_database_status.methods_development_category    ? 
_pdbx_database_status.pdb_format_compatible           Y 
# 
loop_
_pdbx_database_related.db_name 
_pdbx_database_related.details 
_pdbx_database_related.db_id 
_pdbx_database_related.content_type 
PDB '(R111K:Y134F:T54V:R132Q:P39Y:R59Y) of human cellular retinoic acid binding protein II'                         6Z2U 
unspecified 
PDB '(R111K:Y134F:T54V:R132Q:P39Y:R59Y) of human cellular retinoic acid binding protein II - 2a conjugate'          6Z2Z 
unspecified 
PDB 'M2 mutant (R111K:Y134F:T54V:R132Q:P39Y:R59Y) of human cellular retinoic acid binding protein II - 6 conjugate' 6ZSW 
unspecified 
# 
loop_
_audit_author.name 
_audit_author.pdbx_ordinal 
_audit_author.identifier_ORCID 
'Tassone, G.' 1 0000-0002-2575-5528 
'Pozzi, C.'   2 0000-0003-2574-3911 
'Mangani, S.' 3 0000-0003-4824-7478 
# 
_citation.abstract                  ? 
_citation.abstract_id_CAS           ? 
_citation.book_id_ISBN              ? 
_citation.book_publisher            ? 
_citation.book_publisher_city       ? 
_citation.book_title                ? 
_citation.coordinate_linkage        ? 
_citation.country                   GE 
_citation.database_id_Medline       ? 
_citation.details                   ? 
_citation.id                        primary 
_citation.journal_abbrev            Chembiochem 
_citation.journal_id_ASTM           ? 
_citation.journal_id_CSD            ? 
_citation.journal_id_ISSN           1439-7633 
_citation.journal_full              ? 
_citation.journal_issue             ? 
_citation.journal_volume            23 
_citation.language                  ? 
_citation.page_first                e202100449 
_citation.page_last                 e202100449 
_citation.title                     
'Xanthopsin-Like Systems via Site-Specific Click-Functionalization of a Retinoic Acid Binding Protein.' 
_citation.year                      2022 
_citation.database_id_CSD           ? 
_citation.pdbx_database_id_DOI      10.1002/cbic.202100449 
_citation.pdbx_database_id_PubMed   34647400 
_citation.unpublished_flag          ? 
# 
loop_
_citation_author.citation_id 
_citation_author.name 
_citation_author.ordinal 
_citation_author.identifier_ORCID 
primary 'Tassone, G.'   1  0000-0002-2575-5528 
primary 'Paolino, M.'   2  ?                   
primary 'Pozzi, C.'     3  0000-0003-2574-3911 
primary 'Reale, A.'     4  0000-0001-6687-186X 
primary 'Salvini, L.'   5  ?                   
primary 'Giorgi, G.'    6  0000-0002-8817-7745 
primary 'Orlandini, M.' 7  0000-0002-6112-4889 
primary 'Galvagni, F.'  8  0000-0003-1967-9554 
primary 'Mangani, S.'   9  0000-0003-4824-7478 
primary 'Yang, X.'      10 0000-0002-1500-1773 
primary 'Carlotti, B.'  11 0000-0002-2980-2598 
primary 'Ortica, F.'    12 0000-0001-8276-452X 
primary 'Latterini, L.' 13 0000-0002-1021-9423 
primary 'Olivucci, M.'  14 0000-0002-8247-209X 
primary 'Cappelli, A.'  15 0000-0003-4140-3028 
# 
loop_
_entity.id 
_entity.type 
_entity.src_method 
_entity.pdbx_description 
_entity.formula_weight 
_entity.pdbx_number_of_molecules 
_entity.pdbx_ec 
_entity.pdbx_mutation 
_entity.pdbx_fragment 
_entity.details 
1 polymer     man 'Cellular retinoic acid-binding protein 2'      15992.265 1  ? 'R111K, Y134F, T54V, R132Q, P39Y, R59Y' ? ? 
2 non-polymer syn 'methyl (~{Z})-2-methyl-3-phenyl-prop-2-enoate' 176.212   1  ? ?                                       ? ? 
3 water       nat water                                           18.015    24 ? ?                                       ? ? 
# 
_entity_name_com.entity_id   1 
_entity_name_com.name        'Cellular retinoic acid-binding protein II,CRABP-II' 
# 
_entity_poly.entity_id                      1 
_entity_poly.type                           'polypeptide(L)' 
_entity_poly.nstd_linkage                   no 
_entity_poly.nstd_monomer                   no 
_entity_poly.pdbx_seq_one_letter_code       
;GSHMPNFSGNWKIIRSENFEELLKVLGVNVMLRKIAVAAASKYAVEIKQEGDTFYIKVSTTVYTTEINFKVGEEFEEQTV
DGRPCKSLVKWESENKMVCEQKLLKGEGPKTSWTKELTNDGELILTMTADDVVCTQVFVRE
;
_entity_poly.pdbx_seq_one_letter_code_can   
;GSHMPNFSGNWKIIRSENFEELLKVLGVNVMLRKIAVAAASKYAVEIKQEGDTFYIKVSTTVYTTEINFKVGEEFEEQTV
DGRPCKSLVKWESENKMVCEQKLLKGEGPKTSWTKELTNDGELILTMTADDVVCTQVFVRE
;
_entity_poly.pdbx_strand_id                 A 
_entity_poly.pdbx_target_identifier         ? 
# 
loop_
_pdbx_entity_nonpoly.entity_id 
_pdbx_entity_nonpoly.name 
_pdbx_entity_nonpoly.comp_id 
2 'methyl (~{Z})-2-methyl-3-phenyl-prop-2-enoate' QPE 
3 water                                           HOH 
# 
loop_
_entity_poly_seq.entity_id 
_entity_poly_seq.num 
_entity_poly_seq.mon_id 
_entity_poly_seq.hetero 
1 1   GLY n 
1 2   SER n 
1 3   HIS n 
1 4   MET n 
1 5   PRO n 
1 6   ASN n 
1 7   PHE n 
1 8   SER n 
1 9   GLY n 
1 10  ASN n 
1 11  TRP n 
1 12  LYS n 
1 13  ILE n 
1 14  ILE n 
1 15  ARG n 
1 16  SER n 
1 17  GLU n 
1 18  ASN n 
1 19  PHE n 
1 20  GLU n 
1 21  GLU n 
1 22  LEU n 
1 23  LEU n 
1 24  LYS n 
1 25  VAL n 
1 26  LEU n 
1 27  GLY n 
1 28  VAL n 
1 29  ASN n 
1 30  VAL n 
1 31  MET n 
1 32  LEU n 
1 33  ARG n 
1 34  LYS n 
1 35  ILE n 
1 36  ALA n 
1 37  VAL n 
1 38  ALA n 
1 39  ALA n 
1 40  ALA n 
1 41  SER n 
1 42  LYS n 
1 43  TYR n 
1 44  ALA n 
1 45  VAL n 
1 46  GLU n 
1 47  ILE n 
1 48  LYS n 
1 49  GLN n 
1 50  GLU n 
1 51  GLY n 
1 52  ASP n 
1 53  THR n 
1 54  PHE n 
1 55  TYR n 
1 56  ILE n 
1 57  LYS n 
1 58  VAL n 
1 59  SER n 
1 60  THR n 
1 61  THR n 
1 62  VAL n 
1 63  TYR n 
1 64  THR n 
1 65  THR n 
1 66  GLU n 
1 67  ILE n 
1 68  ASN n 
1 69  PHE n 
1 70  LYS n 
1 71  VAL n 
1 72  GLY n 
1 73  GLU n 
1 74  GLU n 
1 75  PHE n 
1 76  GLU n 
1 77  GLU n 
1 78  GLN n 
1 79  THR n 
1 80  VAL n 
1 81  ASP n 
1 82  GLY n 
1 83  ARG n 
1 84  PRO n 
1 85  CYS n 
1 86  LYS n 
1 87  SER n 
1 88  LEU n 
1 89  VAL n 
1 90  LYS n 
1 91  TRP n 
1 92  GLU n 
1 93  SER n 
1 94  GLU n 
1 95  ASN n 
1 96  LYS n 
1 97  MET n 
1 98  VAL n 
1 99  CYS n 
1 100 GLU n 
1 101 GLN n 
1 102 LYS n 
1 103 LEU n 
1 104 LEU n 
1 105 LYS n 
1 106 GLY n 
1 107 GLU n 
1 108 GLY n 
1 109 PRO n 
1 110 LYS n 
1 111 THR n 
1 112 SER n 
1 113 TRP n 
1 114 THR n 
1 115 LYS n 
1 116 GLU n 
1 117 LEU n 
1 118 THR n 
1 119 ASN n 
1 120 ASP n 
1 121 GLY n 
1 122 GLU n 
1 123 LEU n 
1 124 ILE n 
1 125 LEU n 
1 126 THR n 
1 127 MET n 
1 128 THR n 
1 129 ALA n 
1 130 ASP n 
1 131 ASP n 
1 132 VAL n 
1 133 VAL n 
1 134 CYS n 
1 135 THR n 
1 136 GLN n 
1 137 VAL n 
1 138 PHE n 
1 139 VAL n 
1 140 ARG n 
1 141 GLU n 
# 
_entity_src_gen.entity_id                          1 
_entity_src_gen.pdbx_src_id                        1 
_entity_src_gen.pdbx_alt_source_flag               sample 
_entity_src_gen.pdbx_seq_type                      'Biological sequence' 
_entity_src_gen.pdbx_beg_seq_num                   1 
_entity_src_gen.pdbx_end_seq_num                   141 
_entity_src_gen.gene_src_common_name               Human 
_entity_src_gen.gene_src_genus                     ? 
_entity_src_gen.pdbx_gene_src_gene                 CRABP2 
_entity_src_gen.gene_src_species                   ? 
_entity_src_gen.gene_src_strain                    ? 
_entity_src_gen.gene_src_tissue                    ? 
_entity_src_gen.gene_src_tissue_fraction           ? 
_entity_src_gen.gene_src_details                   ? 
_entity_src_gen.pdbx_gene_src_fragment             ? 
_entity_src_gen.pdbx_gene_src_scientific_name      'Homo sapiens' 
_entity_src_gen.pdbx_gene_src_ncbi_taxonomy_id     9606 
_entity_src_gen.pdbx_gene_src_variant              ? 
_entity_src_gen.pdbx_gene_src_cell_line            ? 
_entity_src_gen.pdbx_gene_src_atcc                 ? 
_entity_src_gen.pdbx_gene_src_organ                ? 
_entity_src_gen.pdbx_gene_src_organelle            ? 
_entity_src_gen.pdbx_gene_src_cell                 ? 
_entity_src_gen.pdbx_gene_src_cellular_location    ? 
_entity_src_gen.host_org_common_name               ? 
_entity_src_gen.pdbx_host_org_scientific_name      'Escherichia coli BL21(DE3)' 
_entity_src_gen.pdbx_host_org_ncbi_taxonomy_id     469008 
_entity_src_gen.host_org_genus                     ? 
_entity_src_gen.pdbx_host_org_gene                 ? 
_entity_src_gen.pdbx_host_org_organ                ? 
_entity_src_gen.host_org_species                   ? 
_entity_src_gen.pdbx_host_org_tissue               ? 
_entity_src_gen.pdbx_host_org_tissue_fraction      ? 
_entity_src_gen.pdbx_host_org_strain               ? 
_entity_src_gen.pdbx_host_org_variant              ? 
_entity_src_gen.pdbx_host_org_cell_line            ? 
_entity_src_gen.pdbx_host_org_atcc                 ? 
_entity_src_gen.pdbx_host_org_culture_collection   ? 
_entity_src_gen.pdbx_host_org_cell                 ? 
_entity_src_gen.pdbx_host_org_organelle            ? 
_entity_src_gen.pdbx_host_org_cellular_location    ? 
_entity_src_gen.pdbx_host_org_vector_type          PLASMID 
_entity_src_gen.pdbx_host_org_vector               ? 
_entity_src_gen.host_org_details                   ? 
_entity_src_gen.expression_system_id               ? 
_entity_src_gen.plasmid_name                       pET15b 
_entity_src_gen.plasmid_details                    ? 
_entity_src_gen.pdbx_description                   ? 
# 
loop_
_chem_comp.id 
_chem_comp.type 
_chem_comp.mon_nstd_flag 
_chem_comp.name 
_chem_comp.pdbx_synonyms 
_chem_comp.formula 
_chem_comp.formula_weight 
ALA 'L-peptide linking' y ALANINE                                         ? 'C3 H7 N O2'     89.093  
ARG 'L-peptide linking' y ARGININE                                        ? 'C6 H15 N4 O2 1' 175.209 
ASN 'L-peptide linking' y ASPARAGINE                                      ? 'C4 H8 N2 O3'    132.118 
ASP 'L-peptide linking' y 'ASPARTIC ACID'                                 ? 'C4 H7 N O4'     133.103 
CYS 'L-peptide linking' y CYSTEINE                                        ? 'C3 H7 N O2 S'   121.158 
GLN 'L-peptide linking' y GLUTAMINE                                       ? 'C5 H10 N2 O3'   146.144 
GLU 'L-peptide linking' y 'GLUTAMIC ACID'                                 ? 'C5 H9 N O4'     147.129 
GLY 'peptide linking'   y GLYCINE                                         ? 'C2 H5 N O2'     75.067  
HIS 'L-peptide linking' y HISTIDINE                                       ? 'C6 H10 N3 O2 1' 156.162 
HOH non-polymer         . WATER                                           ? 'H2 O'           18.015  
ILE 'L-peptide linking' y ISOLEUCINE                                      ? 'C6 H13 N O2'    131.173 
LEU 'L-peptide linking' y LEUCINE                                         ? 'C6 H13 N O2'    131.173 
LYS 'L-peptide linking' y LYSINE                                          ? 'C6 H15 N2 O2 1' 147.195 
MET 'L-peptide linking' y METHIONINE                                      ? 'C5 H11 N O2 S'  149.211 
PHE 'L-peptide linking' y PHENYLALANINE                                   ? 'C9 H11 N O2'    165.189 
PRO 'L-peptide linking' y PROLINE                                         ? 'C5 H9 N O2'     115.130 
QPE non-polymer         . 'methyl (~{Z})-2-methyl-3-phenyl-prop-2-enoate' ? 'C11 H12 O2'     176.212 
SER 'L-peptide linking' y SERINE                                          ? 'C3 H7 N O3'     105.093 
THR 'L-peptide linking' y THREONINE                                       ? 'C4 H9 N O3'     119.119 
TRP 'L-peptide linking' y TRYPTOPHAN                                      ? 'C11 H12 N2 O2'  204.225 
TYR 'L-peptide linking' y TYROSINE                                        ? 'C9 H11 N O3'    181.189 
VAL 'L-peptide linking' y VALINE                                          ? 'C5 H11 N O2'    117.146 
# 
loop_
_pdbx_poly_seq_scheme.asym_id 
_pdbx_poly_seq_scheme.entity_id 
_pdbx_poly_seq_scheme.seq_id 
_pdbx_poly_seq_scheme.mon_id 
_pdbx_poly_seq_scheme.ndb_seq_num 
_pdbx_poly_seq_scheme.pdb_seq_num 
_pdbx_poly_seq_scheme.auth_seq_num 
_pdbx_poly_seq_scheme.pdb_mon_id 
_pdbx_poly_seq_scheme.auth_mon_id 
_pdbx_poly_seq_scheme.pdb_strand_id 
_pdbx_poly_seq_scheme.pdb_ins_code 
_pdbx_poly_seq_scheme.hetero 
A 1 1   GLY 1   -3  ?   ?   ?   A . n 
A 1 2   SER 2   -2  ?   ?   ?   A . n 
A 1 3   HIS 3   -1  -1  HIS HIS A . n 
A 1 4   MET 4   0   0   MET MET A . n 
A 1 5   PRO 5   1   1   PRO PRO A . n 
A 1 6   ASN 6   2   2   ASN ASN A . n 
A 1 7   PHE 7   3   3   PHE PHE A . n 
A 1 8   SER 8   4   4   SER SER A . n 
A 1 9   GLY 9   5   5   GLY GLY A . n 
A 1 10  ASN 10  6   6   ASN ASN A . n 
A 1 11  TRP 11  7   7   TRP TRP A . n 
A 1 12  LYS 12  8   8   LYS LYS A . n 
A 1 13  ILE 13  9   9   ILE ILE A . n 
A 1 14  ILE 14  10  10  ILE ILE A . n 
A 1 15  ARG 15  11  11  ARG ARG A . n 
A 1 16  SER 16  12  12  SER SER A . n 
A 1 17  GLU 17  13  13  GLU GLU A . n 
A 1 18  ASN 18  14  14  ASN ASN A . n 
A 1 19  PHE 19  15  15  PHE PHE A . n 
A 1 20  GLU 20  16  16  GLU GLU A . n 
A 1 21  GLU 21  17  17  GLU GLU A . n 
A 1 22  LEU 22  18  18  LEU LEU A . n 
A 1 23  LEU 23  19  19  LEU LEU A . n 
A 1 24  LYS 24  20  20  LYS LYS A . n 
A 1 25  VAL 25  21  21  VAL VAL A . n 
A 1 26  LEU 26  22  22  LEU LEU A . n 
A 1 27  GLY 27  23  23  GLY GLY A . n 
A 1 28  VAL 28  24  24  VAL VAL A . n 
A 1 29  ASN 29  25  25  ASN ASN A . n 
A 1 30  VAL 30  26  26  VAL VAL A . n 
A 1 31  MET 31  27  27  MET MET A . n 
A 1 32  LEU 32  28  28  LEU LEU A . n 
A 1 33  ARG 33  29  29  ARG ARG A . n 
A 1 34  LYS 34  30  30  LYS LYS A . n 
A 1 35  ILE 35  31  31  ILE ILE A . n 
A 1 36  ALA 36  32  32  ALA ALA A . n 
A 1 37  VAL 37  33  33  VAL VAL A . n 
A 1 38  ALA 38  34  34  ALA ALA A . n 
A 1 39  ALA 39  35  35  ALA ALA A . n 
A 1 40  ALA 40  36  36  ALA ALA A . n 
A 1 41  SER 41  37  37  SER SER A . n 
A 1 42  LYS 42  38  38  LYS LYS A . n 
A 1 43  TYR 43  39  39  TYR TYR A . n 
A 1 44  ALA 44  40  40  ALA ALA A . n 
A 1 45  VAL 45  41  41  VAL VAL A . n 
A 1 46  GLU 46  42  42  GLU GLU A . n 
A 1 47  ILE 47  43  43  ILE ILE A . n 
A 1 48  LYS 48  44  44  LYS LYS A . n 
A 1 49  GLN 49  45  45  GLN GLN A . n 
A 1 50  GLU 50  46  46  GLU GLU A . n 
A 1 51  GLY 51  47  47  GLY GLY A . n 
A 1 52  ASP 52  48  48  ASP ASP A . n 
A 1 53  THR 53  49  49  THR THR A . n 
A 1 54  PHE 54  50  50  PHE PHE A . n 
A 1 55  TYR 55  51  51  TYR TYR A . n 
A 1 56  ILE 56  52  52  ILE ILE A . n 
A 1 57  LYS 57  53  53  LYS LYS A . n 
A 1 58  VAL 58  54  54  VAL VAL A . n 
A 1 59  SER 59  55  55  SER SER A . n 
A 1 60  THR 60  56  56  THR THR A . n 
A 1 61  THR 61  57  57  THR THR A . n 
A 1 62  VAL 62  58  58  VAL VAL A . n 
A 1 63  TYR 63  59  59  TYR TYR A . n 
A 1 64  THR 64  60  60  THR THR A . n 
A 1 65  THR 65  61  61  THR THR A . n 
A 1 66  GLU 66  62  62  GLU GLU A . n 
A 1 67  ILE 67  63  63  ILE ILE A . n 
A 1 68  ASN 68  64  64  ASN ASN A . n 
A 1 69  PHE 69  65  65  PHE PHE A . n 
A 1 70  LYS 70  66  66  LYS LYS A . n 
A 1 71  VAL 71  67  67  VAL VAL A . n 
A 1 72  GLY 72  68  68  GLY GLY A . n 
A 1 73  GLU 73  69  69  GLU GLU A . n 
A 1 74  GLU 74  70  70  GLU GLU A . n 
A 1 75  PHE 75  71  71  PHE PHE A . n 
A 1 76  GLU 76  72  72  GLU GLU A . n 
A 1 77  GLU 77  73  73  GLU GLU A . n 
A 1 78  GLN 78  74  74  GLN GLN A . n 
A 1 79  THR 79  75  75  THR THR A . n 
A 1 80  VAL 80  76  76  VAL VAL A . n 
A 1 81  ASP 81  77  77  ASP ASP A . n 
A 1 82  GLY 82  78  78  GLY GLY A . n 
A 1 83  ARG 83  79  79  ARG ARG A . n 
A 1 84  PRO 84  80  80  PRO PRO A . n 
A 1 85  CYS 85  81  81  CYS CYS A . n 
A 1 86  LYS 86  82  82  LYS LYS A . n 
A 1 87  SER 87  83  83  SER SER A . n 
A 1 88  LEU 88  84  84  LEU LEU A . n 
A 1 89  VAL 89  85  85  VAL VAL A . n 
A 1 90  LYS 90  86  86  LYS LYS A . n 
A 1 91  TRP 91  87  87  TRP TRP A . n 
A 1 92  GLU 92  88  88  GLU GLU A . n 
A 1 93  SER 93  89  89  SER SER A . n 
A 1 94  GLU 94  90  90  GLU GLU A . n 
A 1 95  ASN 95  91  91  ASN ASN A . n 
A 1 96  LYS 96  92  92  LYS LYS A . n 
A 1 97  MET 97  93  93  MET MET A . n 
A 1 98  VAL 98  94  94  VAL VAL A . n 
A 1 99  CYS 99  95  95  CYS CYS A . n 
A 1 100 GLU 100 96  96  GLU GLU A . n 
A 1 101 GLN 101 97  97  GLN GLN A . n 
A 1 102 LYS 102 98  98  LYS LYS A . n 
A 1 103 LEU 103 99  99  LEU LEU A . n 
A 1 104 LEU 104 100 100 LEU LEU A . n 
A 1 105 LYS 105 101 101 LYS LYS A . n 
A 1 106 GLY 106 102 102 GLY GLY A . n 
A 1 107 GLU 107 103 103 GLU GLU A . n 
A 1 108 GLY 108 104 104 GLY GLY A . n 
A 1 109 PRO 109 105 105 PRO PRO A . n 
A 1 110 LYS 110 106 106 LYS LYS A . n 
A 1 111 THR 111 107 107 THR THR A . n 
A 1 112 SER 112 108 108 SER SER A . n 
A 1 113 TRP 113 109 109 TRP TRP A . n 
A 1 114 THR 114 110 110 THR THR A . n 
A 1 115 LYS 115 111 111 LYS LYS A . n 
A 1 116 GLU 116 112 112 GLU GLU A . n 
A 1 117 LEU 117 113 113 LEU LEU A . n 
A 1 118 THR 118 114 114 THR THR A . n 
A 1 119 ASN 119 115 115 ASN ASN A . n 
A 1 120 ASP 120 116 116 ASP ASP A . n 
A 1 121 GLY 121 117 117 GLY GLY A . n 
A 1 122 GLU 122 118 118 GLU GLU A . n 
A 1 123 LEU 123 119 119 LEU LEU A . n 
A 1 124 ILE 124 120 120 ILE ILE A . n 
A 1 125 LEU 125 121 121 LEU LEU A . n 
A 1 126 THR 126 122 122 THR THR A . n 
A 1 127 MET 127 123 123 MET MET A . n 
A 1 128 THR 128 124 124 THR THR A . n 
A 1 129 ALA 129 125 125 ALA ALA A . n 
A 1 130 ASP 130 126 126 ASP ASP A . n 
A 1 131 ASP 131 127 127 ASP ASP A . n 
A 1 132 VAL 132 128 128 VAL VAL A . n 
A 1 133 VAL 133 129 129 VAL VAL A . n 
A 1 134 CYS 134 130 130 CYS CYS A . n 
A 1 135 THR 135 131 131 THR THR A . n 
A 1 136 GLN 136 132 132 GLN GLN A . n 
A 1 137 VAL 137 133 133 VAL VAL A . n 
A 1 138 PHE 138 134 134 PHE PHE A . n 
A 1 139 VAL 139 135 135 VAL VAL A . n 
A 1 140 ARG 140 136 136 ARG ARG A . n 
A 1 141 GLU 141 137 137 GLU GLU A . n 
# 
_pdbx_entity_instance_feature.ordinal        1 
_pdbx_entity_instance_feature.comp_id        QPE 
_pdbx_entity_instance_feature.asym_id        ? 
_pdbx_entity_instance_feature.seq_num        ? 
_pdbx_entity_instance_feature.auth_comp_id   QPE 
_pdbx_entity_instance_feature.auth_asym_id   ? 
_pdbx_entity_instance_feature.auth_seq_num   ? 
_pdbx_entity_instance_feature.feature_type   'SUBJECT OF INVESTIGATION' 
_pdbx_entity_instance_feature.details        ? 
# 
loop_
_pdbx_nonpoly_scheme.asym_id 
_pdbx_nonpoly_scheme.entity_id 
_pdbx_nonpoly_scheme.mon_id 
_pdbx_nonpoly_scheme.ndb_seq_num 
_pdbx_nonpoly_scheme.pdb_seq_num 
_pdbx_nonpoly_scheme.auth_seq_num 
_pdbx_nonpoly_scheme.pdb_mon_id 
_pdbx_nonpoly_scheme.auth_mon_id 
_pdbx_nonpoly_scheme.pdb_strand_id 
_pdbx_nonpoly_scheme.pdb_ins_code 
B 2 QPE 1  201 201 QPE UNL A . 
C 3 HOH 1  301 6   HOH HOH A . 
C 3 HOH 2  302 27  HOH HOH A . 
C 3 HOH 3  303 13  HOH HOH A . 
C 3 HOH 4  304 22  HOH HOH A . 
C 3 HOH 5  305 2   HOH HOH A . 
C 3 HOH 6  306 19  HOH HOH A . 
C 3 HOH 7  307 9   HOH HOH A . 
C 3 HOH 8  308 16  HOH HOH A . 
C 3 HOH 9  309 26  HOH HOH A . 
C 3 HOH 10 310 15  HOH HOH A . 
C 3 HOH 11 311 10  HOH HOH A . 
C 3 HOH 12 312 25  HOH HOH A . 
C 3 HOH 13 313 21  HOH HOH A . 
C 3 HOH 14 314 1   HOH HOH A . 
C 3 HOH 15 315 12  HOH HOH A . 
C 3 HOH 16 316 11  HOH HOH A . 
C 3 HOH 17 317 18  HOH HOH A . 
C 3 HOH 18 318 31  HOH HOH A . 
C 3 HOH 19 319 24  HOH HOH A . 
C 3 HOH 20 320 29  HOH HOH A . 
C 3 HOH 21 321 32  HOH HOH A . 
C 3 HOH 22 322 28  HOH HOH A . 
C 3 HOH 23 323 20  HOH HOH A . 
C 3 HOH 24 324 30  HOH HOH A . 
# 
loop_
_pdbx_unobs_or_zero_occ_atoms.id 
_pdbx_unobs_or_zero_occ_atoms.PDB_model_num 
_pdbx_unobs_or_zero_occ_atoms.polymer_flag 
_pdbx_unobs_or_zero_occ_atoms.occupancy_flag 
_pdbx_unobs_or_zero_occ_atoms.auth_asym_id 
_pdbx_unobs_or_zero_occ_atoms.auth_comp_id 
_pdbx_unobs_or_zero_occ_atoms.auth_seq_id 
_pdbx_unobs_or_zero_occ_atoms.PDB_ins_code 
_pdbx_unobs_or_zero_occ_atoms.auth_atom_id 
_pdbx_unobs_or_zero_occ_atoms.label_alt_id 
_pdbx_unobs_or_zero_occ_atoms.label_asym_id 
_pdbx_unobs_or_zero_occ_atoms.label_comp_id 
_pdbx_unobs_or_zero_occ_atoms.label_seq_id 
_pdbx_unobs_or_zero_occ_atoms.label_atom_id 
1  1 Y 1 A HIS -1  ? CG  ? A HIS 3   CG  
2  1 Y 1 A HIS -1  ? ND1 ? A HIS 3   ND1 
3  1 Y 1 A HIS -1  ? CD2 ? A HIS 3   CD2 
4  1 Y 1 A HIS -1  ? CE1 ? A HIS 3   CE1 
5  1 Y 1 A HIS -1  ? NE2 ? A HIS 3   NE2 
6  1 Y 1 A LYS 8   ? CD  ? A LYS 12  CD  
7  1 Y 1 A LYS 8   ? CE  ? A LYS 12  CE  
8  1 Y 1 A LYS 8   ? NZ  ? A LYS 12  NZ  
9  1 Y 1 A LYS 38  ? CD  ? A LYS 42  CD  
10 1 Y 1 A LYS 38  ? CE  ? A LYS 42  CE  
11 1 Y 1 A LYS 38  ? NZ  ? A LYS 42  NZ  
12 1 Y 1 A LYS 44  ? CD  ? A LYS 48  CD  
13 1 Y 1 A LYS 44  ? CE  ? A LYS 48  CE  
14 1 Y 1 A LYS 44  ? NZ  ? A LYS 48  NZ  
15 1 Y 1 A GLU 72  ? CD  ? A GLU 76  CD  
16 1 Y 1 A GLU 72  ? OE1 ? A GLU 76  OE1 
17 1 Y 1 A GLU 72  ? OE2 ? A GLU 76  OE2 
18 1 Y 1 A LYS 82  ? CD  ? A LYS 86  CD  
19 1 Y 1 A LYS 82  ? CE  ? A LYS 86  CE  
20 1 Y 1 A LYS 82  ? NZ  ? A LYS 86  NZ  
21 1 Y 1 A GLU 96  ? CD  ? A GLU 100 CD  
22 1 Y 1 A GLU 96  ? OE1 ? A GLU 100 OE1 
23 1 Y 1 A GLU 96  ? OE2 ? A GLU 100 OE2 
24 1 Y 1 A LYS 98  ? CD  ? A LYS 102 CD  
25 1 Y 1 A LYS 98  ? CE  ? A LYS 102 CE  
26 1 Y 1 A LYS 98  ? NZ  ? A LYS 102 NZ  
27 1 Y 1 A LYS 101 ? CG  ? A LYS 105 CG  
28 1 Y 1 A LYS 101 ? CD  ? A LYS 105 CD  
29 1 Y 1 A LYS 101 ? CE  ? A LYS 105 CE  
30 1 Y 1 A LYS 101 ? NZ  ? A LYS 105 NZ  
31 1 Y 1 A GLU 103 ? CG  ? A GLU 107 CG  
32 1 Y 1 A GLU 103 ? CD  ? A GLU 107 CD  
33 1 Y 1 A GLU 103 ? OE1 ? A GLU 107 OE1 
34 1 Y 1 A GLU 103 ? OE2 ? A GLU 107 OE2 
35 1 Y 1 A LYS 106 ? CE  ? A LYS 110 CE  
36 1 Y 1 A LYS 106 ? NZ  ? A LYS 110 NZ  
37 1 Y 1 A ASP 127 ? CG  ? A ASP 131 CG  
38 1 Y 1 A ASP 127 ? OD1 ? A ASP 131 OD1 
39 1 Y 1 A ASP 127 ? OD2 ? A ASP 131 OD2 
# 
loop_
_software.citation_id 
_software.classification 
_software.compiler_name 
_software.compiler_version 
_software.contact_author 
_software.contact_author_email 
_software.date 
_software.description 
_software.dependencies 
_software.hardware 
_software.language 
_software.location 
_software.mods 
_software.name 
_software.os 
_software.os_version 
_software.type 
_software.version 
_software.pdbx_ordinal 
? refinement        ? ? ? ? ? ? ? ? ? ? ? REFMAC      ? ? ? 5.8.0258 1 
? 'data extraction' ? ? ? ? ? ? ? ? ? ? ? PDB_EXTRACT ? ? ? 3.25     2 
? 'data reduction'  ? ? ? ? ? ? ? ? ? ? ? XDS         ? ? ? .        3 
? 'data scaling'    ? ? ? ? ? ? ? ? ? ? ? SCALA       ? ? ? .        4 
? phasing           ? ? ? ? ? ? ? ? ? ? ? MOLREP      ? ? ? .        5 
# 
_cell.angle_alpha                  90.000 
_cell.angle_alpha_esd              ? 
_cell.angle_beta                   90.000 
_cell.angle_beta_esd               ? 
_cell.angle_gamma                  120.000 
_cell.angle_gamma_esd              ? 
_cell.entry_id                     6ZSX 
_cell.details                      ? 
_cell.formula_units_Z              ? 
_cell.length_a                     57.339 
_cell.length_a_esd                 ? 
_cell.length_b                     57.339 
_cell.length_b_esd                 ? 
_cell.length_c                     102.816 
_cell.length_c_esd                 ? 
_cell.volume                       ? 
_cell.volume_esd                   ? 
_cell.Z_PDB                        6 
_cell.reciprocal_angle_alpha       ? 
_cell.reciprocal_angle_beta        ? 
_cell.reciprocal_angle_gamma       ? 
_cell.reciprocal_angle_alpha_esd   ? 
_cell.reciprocal_angle_beta_esd    ? 
_cell.reciprocal_angle_gamma_esd   ? 
_cell.reciprocal_length_a          ? 
_cell.reciprocal_length_b          ? 
_cell.reciprocal_length_c          ? 
_cell.reciprocal_length_a_esd      ? 
_cell.reciprocal_length_b_esd      ? 
_cell.reciprocal_length_c_esd      ? 
_cell.pdbx_unique_axis             ? 
# 
_symmetry.entry_id                         6ZSX 
_symmetry.cell_setting                     ? 
_symmetry.Int_Tables_number                152 
_symmetry.space_group_name_Hall            ? 
_symmetry.space_group_name_H-M             'P 31 2 1' 
_symmetry.pdbx_full_space_group_name_H-M   ? 
# 
_exptl.absorpt_coefficient_mu     ? 
_exptl.absorpt_correction_T_max   ? 
_exptl.absorpt_correction_T_min   ? 
_exptl.absorpt_correction_type    ? 
_exptl.absorpt_process_details    ? 
_exptl.entry_id                   6ZSX 
_exptl.crystals_number            1 
_exptl.details                    ? 
_exptl.method                     'X-RAY DIFFRACTION' 
_exptl.method_details             ? 
# 
_exptl_crystal.colour                      ? 
_exptl_crystal.density_diffrn              ? 
_exptl_crystal.density_Matthews            3.14 
_exptl_crystal.density_method              ? 
_exptl_crystal.density_percent_sol         60.89 
_exptl_crystal.description                 ? 
_exptl_crystal.F_000                       ? 
_exptl_crystal.id                          1 
_exptl_crystal.preparation                 ? 
_exptl_crystal.size_max                    ? 
_exptl_crystal.size_mid                    ? 
_exptl_crystal.size_min                    ? 
_exptl_crystal.size_rad                    ? 
_exptl_crystal.colour_lustre               ? 
_exptl_crystal.colour_modifier             ? 
_exptl_crystal.colour_primary              ? 
_exptl_crystal.density_meas                ? 
_exptl_crystal.density_meas_esd            ? 
_exptl_crystal.density_meas_gt             ? 
_exptl_crystal.density_meas_lt             ? 
_exptl_crystal.density_meas_temp           ? 
_exptl_crystal.density_meas_temp_esd       ? 
_exptl_crystal.density_meas_temp_gt        ? 
_exptl_crystal.density_meas_temp_lt        ? 
_exptl_crystal.pdbx_crystal_image_url      ? 
_exptl_crystal.pdbx_crystal_image_format   ? 
_exptl_crystal.pdbx_mosaicity              ? 
_exptl_crystal.pdbx_mosaicity_esd          ? 
# 
_exptl_crystal_grow.apparatus       ? 
_exptl_crystal_grow.atmosphere      ? 
_exptl_crystal_grow.crystal_id      1 
_exptl_crystal_grow.details         ? 
_exptl_crystal_grow.method          'VAPOR DIFFUSION, SITTING DROP' 
_exptl_crystal_grow.method_ref      ? 
_exptl_crystal_grow.pH              7.0 
_exptl_crystal_grow.pressure        ? 
_exptl_crystal_grow.pressure_esd    ? 
_exptl_crystal_grow.seeding         ? 
_exptl_crystal_grow.seeding_ref     ? 
_exptl_crystal_grow.temp            281 
_exptl_crystal_grow.temp_details    ? 
_exptl_crystal_grow.temp_esd        ? 
_exptl_crystal_grow.time            ? 
_exptl_crystal_grow.pdbx_details    '0.1 M sodium malonate pH 7 and 20 % w/v PEG 3350' 
_exptl_crystal_grow.pdbx_pH_range   ? 
# 
_diffrn.ambient_environment              ? 
_diffrn.ambient_temp                     100 
_diffrn.ambient_temp_details             ? 
_diffrn.ambient_temp_esd                 ? 
_diffrn.crystal_id                       1 
_diffrn.crystal_support                  ? 
_diffrn.crystal_treatment                ? 
_diffrn.details                          ? 
_diffrn.id                               1 
_diffrn.ambient_pressure                 ? 
_diffrn.ambient_pressure_esd             ? 
_diffrn.ambient_pressure_gt              ? 
_diffrn.ambient_pressure_lt              ? 
_diffrn.ambient_temp_gt                  ? 
_diffrn.ambient_temp_lt                  ? 
_diffrn.pdbx_serial_crystal_experiment   N 
# 
_diffrn_detector.details                      ? 
_diffrn_detector.detector                     PIXEL 
_diffrn_detector.diffrn_id                    1 
_diffrn_detector.type                         'DECTRIS EIGER2 X 16M' 
_diffrn_detector.area_resol_mean              ? 
_diffrn_detector.dtime                        ? 
_diffrn_detector.pdbx_frames_total            ? 
_diffrn_detector.pdbx_collection_time_total   ? 
_diffrn_detector.pdbx_collection_date         2020-02-26 
_diffrn_detector.pdbx_frequency               ? 
# 
_diffrn_radiation.collimation                      ? 
_diffrn_radiation.diffrn_id                        1 
_diffrn_radiation.filter_edge                      ? 
_diffrn_radiation.inhomogeneity                    ? 
_diffrn_radiation.monochromator                    'Si(111)' 
_diffrn_radiation.polarisn_norm                    ? 
_diffrn_radiation.polarisn_ratio                   ? 
_diffrn_radiation.probe                            ? 
_diffrn_radiation.type                             ? 
_diffrn_radiation.xray_symbol                      ? 
_diffrn_radiation.wavelength_id                    1 
_diffrn_radiation.pdbx_monochromatic_or_laue_m_l   M 
_diffrn_radiation.pdbx_wavelength_list             ? 
_diffrn_radiation.pdbx_wavelength                  ? 
_diffrn_radiation.pdbx_diffrn_protocol             'SINGLE WAVELENGTH' 
_diffrn_radiation.pdbx_analyzer                    ? 
_diffrn_radiation.pdbx_scattering_type             x-ray 
# 
_diffrn_radiation_wavelength.id           1 
_diffrn_radiation_wavelength.wavelength   0.97625 
_diffrn_radiation_wavelength.wt           1.0 
# 
_diffrn_source.current                     ? 
_diffrn_source.details                     ? 
_diffrn_source.diffrn_id                   1 
_diffrn_source.power                       ? 
_diffrn_source.size                        ? 
_diffrn_source.source                      SYNCHROTRON 
_diffrn_source.target                      ? 
_diffrn_source.type                        'DIAMOND BEAMLINE I03' 
_diffrn_source.voltage                     ? 
_diffrn_source.take-off_angle              ? 
_diffrn_source.pdbx_wavelength_list        0.97625 
_diffrn_source.pdbx_wavelength             ? 
_diffrn_source.pdbx_synchrotron_beamline   I03 
_diffrn_source.pdbx_synchrotron_site       Diamond 
# 
_reflns.B_iso_Wilson_estimate            48.2 
_reflns.entry_id                         6ZSX 
_reflns.data_reduction_details           ? 
_reflns.data_reduction_method            ? 
_reflns.d_resolution_high                2.40 
_reflns.d_resolution_low                 51.41 
_reflns.details                          ? 
_reflns.limit_h_max                      ? 
_reflns.limit_h_min                      ? 
_reflns.limit_k_max                      ? 
_reflns.limit_k_min                      ? 
_reflns.limit_l_max                      ? 
_reflns.limit_l_min                      ? 
_reflns.number_all                       ? 
_reflns.number_obs                       8107 
_reflns.observed_criterion               ? 
_reflns.observed_criterion_F_max         ? 
_reflns.observed_criterion_F_min         ? 
_reflns.observed_criterion_I_max         ? 
_reflns.observed_criterion_I_min         ? 
_reflns.observed_criterion_sigma_F       ? 
_reflns.observed_criterion_sigma_I       ? 
_reflns.percent_possible_obs             100.0 
_reflns.R_free_details                   ? 
_reflns.Rmerge_F_all                     ? 
_reflns.Rmerge_F_obs                     ? 
_reflns.Friedel_coverage                 ? 
_reflns.number_gt                        ? 
_reflns.threshold_expression             ? 
_reflns.pdbx_redundancy                  8.2 
_reflns.pdbx_Rmerge_I_obs                0.064 
_reflns.pdbx_Rmerge_I_all                ? 
_reflns.pdbx_Rsym_value                  ? 
_reflns.pdbx_netI_over_av_sigmaI         ? 
_reflns.pdbx_netI_over_sigmaI            14.5 
_reflns.pdbx_res_netI_over_av_sigmaI_2   ? 
_reflns.pdbx_res_netI_over_sigmaI_2      ? 
_reflns.pdbx_chi_squared                 ? 
_reflns.pdbx_scaling_rejects             ? 
_reflns.pdbx_d_res_high_opt              ? 
_reflns.pdbx_d_res_low_opt               ? 
_reflns.pdbx_d_res_opt_method            ? 
_reflns.phase_calculation_details        ? 
_reflns.pdbx_Rrim_I_all                  0.068 
_reflns.pdbx_Rpim_I_all                  0.024 
_reflns.pdbx_d_opt                       ? 
_reflns.pdbx_number_measured_all         ? 
_reflns.pdbx_diffrn_id                   1 
_reflns.pdbx_ordinal                     1 
_reflns.pdbx_CC_half                     0.999 
_reflns.pdbx_CC_star                     ? 
_reflns.pdbx_R_split                     ? 
# 
_reflns_shell.d_res_high                  2.40 
_reflns_shell.d_res_low                   2.53 
_reflns_shell.meanI_over_sigI_all         ? 
_reflns_shell.meanI_over_sigI_obs         3.3 
_reflns_shell.number_measured_all         ? 
_reflns_shell.number_measured_obs         ? 
_reflns_shell.number_possible             ? 
_reflns_shell.number_unique_all           ? 
_reflns_shell.number_unique_obs           1148 
_reflns_shell.percent_possible_all        100.0 
_reflns_shell.percent_possible_obs        ? 
_reflns_shell.Rmerge_F_all                ? 
_reflns_shell.Rmerge_F_obs                ? 
_reflns_shell.Rmerge_I_all                ? 
_reflns_shell.Rmerge_I_obs                0.391 
_reflns_shell.meanI_over_sigI_gt          ? 
_reflns_shell.meanI_over_uI_all           ? 
_reflns_shell.meanI_over_uI_gt            ? 
_reflns_shell.number_measured_gt          ? 
_reflns_shell.number_unique_gt            ? 
_reflns_shell.percent_possible_gt         ? 
_reflns_shell.Rmerge_F_gt                 ? 
_reflns_shell.Rmerge_I_gt                 ? 
_reflns_shell.pdbx_redundancy             8.3 
_reflns_shell.pdbx_Rsym_value             ? 
_reflns_shell.pdbx_chi_squared            ? 
_reflns_shell.pdbx_netI_over_sigmaI_all   ? 
_reflns_shell.pdbx_netI_over_sigmaI_obs   ? 
_reflns_shell.pdbx_Rrim_I_all             0.417 
_reflns_shell.pdbx_Rpim_I_all             0.143 
_reflns_shell.pdbx_rejects                ? 
_reflns_shell.pdbx_ordinal                1 
_reflns_shell.pdbx_diffrn_id              1 
_reflns_shell.pdbx_CC_half                0.976 
_reflns_shell.pdbx_CC_star                ? 
_reflns_shell.pdbx_R_split                ? 
# 
_refine.aniso_B[1][1]                            0.0200 
_refine.aniso_B[1][2]                            0.0100 
_refine.aniso_B[1][3]                            0.0000 
_refine.aniso_B[2][2]                            0.0200 
_refine.aniso_B[2][3]                            -0.0000 
_refine.aniso_B[3][3]                            -0.0800 
_refine.B_iso_max                                135.710 
_refine.B_iso_mean                               63.2990 
_refine.B_iso_min                                37.180 
_refine.correlation_coeff_Fo_to_Fc               0.9610 
_refine.correlation_coeff_Fo_to_Fc_free          0.9410 
_refine.details                                  'U VALUES      : REFINED INDIVIDUALLY' 
_refine.diff_density_max                         ? 
_refine.diff_density_max_esd                     ? 
_refine.diff_density_min                         ? 
_refine.diff_density_min_esd                     ? 
_refine.diff_density_rms                         ? 
_refine.diff_density_rms_esd                     ? 
_refine.entry_id                                 6ZSX 
_refine.pdbx_refine_id                           'X-RAY DIFFRACTION' 
_refine.ls_abs_structure_details                 ? 
_refine.ls_abs_structure_Flack                   ? 
_refine.ls_abs_structure_Flack_esd               ? 
_refine.ls_abs_structure_Rogers                  ? 
_refine.ls_abs_structure_Rogers_esd              ? 
_refine.ls_d_res_high                            2.4000 
_refine.ls_d_res_low                             49.6600 
_refine.ls_extinction_coef                       ? 
_refine.ls_extinction_coef_esd                   ? 
_refine.ls_extinction_expression                 ? 
_refine.ls_extinction_method                     ? 
_refine.ls_goodness_of_fit_all                   ? 
_refine.ls_goodness_of_fit_all_esd               ? 
_refine.ls_goodness_of_fit_obs                   ? 
_refine.ls_goodness_of_fit_obs_esd               ? 
_refine.ls_hydrogen_treatment                    ? 
_refine.ls_matrix_type                           ? 
_refine.ls_number_constraints                    ? 
_refine.ls_number_parameters                     ? 
_refine.ls_number_reflns_all                     ? 
_refine.ls_number_reflns_obs                     7692 
_refine.ls_number_reflns_R_free                  367 
_refine.ls_number_reflns_R_work                  ? 
_refine.ls_number_restraints                     ? 
_refine.ls_percent_reflns_obs                    99.7300 
_refine.ls_percent_reflns_R_free                 4.6000 
_refine.ls_R_factor_all                          ? 
_refine.ls_R_factor_obs                          0.1987 
_refine.ls_R_factor_R_free                       0.2489 
_refine.ls_R_factor_R_free_error                 ? 
_refine.ls_R_factor_R_free_error_details         ? 
_refine.ls_R_factor_R_work                       0.1958 
_refine.ls_R_Fsqd_factor_obs                     ? 
_refine.ls_R_I_factor_obs                        ? 
_refine.ls_redundancy_reflns_all                 ? 
_refine.ls_redundancy_reflns_obs                 ? 
_refine.ls_restrained_S_all                      ? 
_refine.ls_restrained_S_obs                      ? 
_refine.ls_shift_over_esd_max                    ? 
_refine.ls_shift_over_esd_mean                   ? 
_refine.ls_structure_factor_coef                 ? 
_refine.ls_weighting_details                     ? 
_refine.ls_weighting_scheme                      ? 
_refine.ls_wR_factor_all                         ? 
_refine.ls_wR_factor_obs                         ? 
_refine.ls_wR_factor_R_free                      ? 
_refine.ls_wR_factor_R_work                      ? 
_refine.occupancy_max                            ? 
_refine.occupancy_min                            ? 
_refine.solvent_model_details                    MASK 
_refine.solvent_model_param_bsol                 ? 
_refine.solvent_model_param_ksol                 ? 
_refine.pdbx_R_complete                          ? 
_refine.ls_R_factor_gt                           ? 
_refine.ls_goodness_of_fit_gt                    ? 
_refine.ls_goodness_of_fit_ref                   ? 
_refine.ls_shift_over_su_max                     ? 
_refine.ls_shift_over_su_max_lt                  ? 
_refine.ls_shift_over_su_mean                    ? 
_refine.ls_shift_over_su_mean_lt                 ? 
_refine.pdbx_ls_sigma_I                          ? 
_refine.pdbx_ls_sigma_F                          0.000 
_refine.pdbx_ls_sigma_Fsqd                       ? 
_refine.pdbx_data_cutoff_high_absF               ? 
_refine.pdbx_data_cutoff_high_rms_absF           ? 
_refine.pdbx_data_cutoff_low_absF                ? 
_refine.pdbx_isotropic_thermal_model             ? 
_refine.pdbx_ls_cross_valid_method               THROUGHOUT 
_refine.pdbx_method_to_determine_struct          'MOLECULAR REPLACEMENT' 
_refine.pdbx_starting_model                      4YFP 
_refine.pdbx_stereochemistry_target_values       'MAXIMUM LIKELIHOOD' 
_refine.pdbx_R_Free_selection_details            RANDOM 
_refine.pdbx_stereochem_target_val_spec_case     ? 
_refine.pdbx_overall_ESU_R                       0.2790 
_refine.pdbx_overall_ESU_R_Free                  0.2310 
_refine.pdbx_solvent_vdw_probe_radii             1.2000 
_refine.pdbx_solvent_ion_probe_radii             0.8000 
_refine.pdbx_solvent_shrinkage_radii             0.8000 
_refine.pdbx_real_space_R                        ? 
_refine.pdbx_density_correlation                 ? 
_refine.pdbx_pd_number_of_powder_patterns        ? 
_refine.pdbx_pd_number_of_points                 ? 
_refine.pdbx_pd_meas_number_of_points            ? 
_refine.pdbx_pd_proc_ls_prof_R_factor            ? 
_refine.pdbx_pd_proc_ls_prof_wR_factor           ? 
_refine.pdbx_pd_Marquardt_correlation_coeff      ? 
_refine.pdbx_pd_Fsqrd_R_factor                   ? 
_refine.pdbx_pd_ls_matrix_band_width             ? 
_refine.pdbx_overall_phase_error                 ? 
_refine.pdbx_overall_SU_R_free_Cruickshank_DPI   ? 
_refine.pdbx_overall_SU_R_free_Blow_DPI          ? 
_refine.pdbx_overall_SU_R_Blow_DPI               ? 
_refine.pdbx_TLS_residual_ADP_flag               ? 
_refine.pdbx_diffrn_id                           1 
_refine.overall_SU_B                             8.1350 
_refine.overall_SU_ML                            0.1840 
_refine.overall_SU_R_Cruickshank_DPI             ? 
_refine.overall_SU_R_free                        ? 
_refine.overall_FOM_free_R_set                   ? 
_refine.overall_FOM_work_R_set                   ? 
_refine.pdbx_average_fsc_overall                 ? 
_refine.pdbx_average_fsc_work                    ? 
_refine.pdbx_average_fsc_free                    ? 
# 
_refine_analyze.entry_id                        6ZSX 
_refine_analyze.pdbx_refine_id                  'X-RAY DIFFRACTION' 
_refine_analyze.Luzzati_coordinate_error_free   ? 
_refine_analyze.Luzzati_coordinate_error_obs    0.3232 
_refine_analyze.Luzzati_d_res_low_free          ? 
_refine_analyze.Luzzati_d_res_low_obs           ? 
_refine_analyze.Luzzati_sigma_a_free            ? 
_refine_analyze.Luzzati_sigma_a_free_details    ? 
_refine_analyze.Luzzati_sigma_a_obs             ? 
_refine_analyze.Luzzati_sigma_a_obs_details     ? 
_refine_analyze.number_disordered_residues      ? 
_refine_analyze.occupancy_sum_hydrogen          ? 
_refine_analyze.occupancy_sum_non_hydrogen      ? 
_refine_analyze.RG_d_res_high                   ? 
_refine_analyze.RG_d_res_low                    ? 
_refine_analyze.RG_free                         ? 
_refine_analyze.RG_work                         ? 
_refine_analyze.RG_free_work_ratio              ? 
_refine_analyze.pdbx_Luzzati_d_res_high_obs     ? 
# 
_refine_hist.pdbx_refine_id                   'X-RAY DIFFRACTION' 
_refine_hist.cycle_id                         final 
_refine_hist.details                          ? 
_refine_hist.d_res_high                       2.4000 
_refine_hist.d_res_low                        49.6600 
_refine_hist.number_atoms_solvent             24 
_refine_hist.number_atoms_total               1108 
_refine_hist.number_reflns_all                ? 
_refine_hist.number_reflns_obs                ? 
_refine_hist.number_reflns_R_free             ? 
_refine_hist.number_reflns_R_work             ? 
_refine_hist.R_factor_all                     ? 
_refine_hist.R_factor_obs                     ? 
_refine_hist.R_factor_R_free                  ? 
_refine_hist.R_factor_R_work                  ? 
_refine_hist.pdbx_number_residues_total       139 
_refine_hist.pdbx_B_iso_mean_ligand           86.88 
_refine_hist.pdbx_B_iso_mean_solvent          66.85 
_refine_hist.pdbx_number_atoms_protein        1071 
_refine_hist.pdbx_number_atoms_nucleic_acid   0 
_refine_hist.pdbx_number_atoms_ligand         13 
_refine_hist.pdbx_number_atoms_lipid          ? 
_refine_hist.pdbx_number_atoms_carb           ? 
_refine_hist.pdbx_pseudo_atom_details         ? 
# 
loop_
_refine_ls_restr.pdbx_refine_id 
_refine_ls_restr.criterion 
_refine_ls_restr.dev_ideal 
_refine_ls_restr.dev_ideal_target 
_refine_ls_restr.number 
_refine_ls_restr.rejects 
_refine_ls_restr.type 
_refine_ls_restr.weight 
_refine_ls_restr.pdbx_restraint_function 
'X-RAY DIFFRACTION' ? 0.007  0.012  1102 ? r_bond_refined_d       ? ? 
'X-RAY DIFFRACTION' ? 1.711  1.652  1492 ? r_angle_refined_deg    ? ? 
'X-RAY DIFFRACTION' ? 7.976  5.000  138  ? r_dihedral_angle_1_deg ? ? 
'X-RAY DIFFRACTION' ? 37.008 24.286 49   ? r_dihedral_angle_2_deg ? ? 
'X-RAY DIFFRACTION' ? 17.140 15.000 191  ? r_dihedral_angle_3_deg ? ? 
'X-RAY DIFFRACTION' ? 14.943 15.000 4    ? r_dihedral_angle_4_deg ? ? 
'X-RAY DIFFRACTION' ? 0.119  0.200  150  ? r_chiral_restr         ? ? 
'X-RAY DIFFRACTION' ? 0.008  0.020  822  ? r_gen_planes_refined   ? ? 
# 
_refine_ls_shell.pdbx_refine_id                   'X-RAY DIFFRACTION' 
_refine_ls_shell.d_res_high                       2.4000 
_refine_ls_shell.d_res_low                        2.4630 
_refine_ls_shell.number_reflns_all                579 
_refine_ls_shell.number_reflns_obs                ? 
_refine_ls_shell.number_reflns_R_free             20 
_refine_ls_shell.number_reflns_R_work             559 
_refine_ls_shell.percent_reflns_obs               98.9700 
_refine_ls_shell.percent_reflns_R_free            ? 
_refine_ls_shell.R_factor_all                     ? 
_refine_ls_shell.R_factor_obs                     ? 
_refine_ls_shell.R_factor_R_free                  0.6330 
_refine_ls_shell.R_factor_R_free_error            0.0000 
_refine_ls_shell.R_factor_R_work                  0.3780 
_refine_ls_shell.redundancy_reflns_all            ? 
_refine_ls_shell.redundancy_reflns_obs            ? 
_refine_ls_shell.wR_factor_all                    ? 
_refine_ls_shell.wR_factor_obs                    ? 
_refine_ls_shell.wR_factor_R_free                 ? 
_refine_ls_shell.wR_factor_R_work                 ? 
_refine_ls_shell.pdbx_R_complete                  ? 
_refine_ls_shell.pdbx_total_number_of_bins_used   20 
_refine_ls_shell.pdbx_phase_error                 ? 
_refine_ls_shell.pdbx_fsc_work                    ? 
_refine_ls_shell.pdbx_fsc_free                    ? 
# 
_struct.entry_id                     6ZSX 
_struct.title                        
'M2 mutant (R111K:Y134F:T54V:R132Q:P39Y:R59Y) of human cellular retinoic acid binding protein II - 4 conjugate' 
_struct.pdbx_model_details           ? 
_struct.pdbx_formula_weight          ? 
_struct.pdbx_formula_weight_method   ? 
_struct.pdbx_model_type_details      ? 
_struct.pdbx_CASP_flag               N 
# 
_struct_keywords.entry_id        6ZSX 
_struct_keywords.text            
'human cellular retinoic acid binding protein II, hCRABPII, conjigate, chromophore, M2, TRANSPORT PROTEIN' 
_struct_keywords.pdbx_keywords   'TRANSPORT PROTEIN' 
# 
loop_
_struct_asym.id 
_struct_asym.pdbx_blank_PDB_chainid_flag 
_struct_asym.pdbx_modified 
_struct_asym.entity_id 
_struct_asym.details 
A N N 1 ? 
B N N 2 ? 
C N N 3 ? 
# 
_struct_ref.id                         1 
_struct_ref.db_name                    UNP 
_struct_ref.db_code                    RABP2_HUMAN 
_struct_ref.pdbx_db_accession          P29373 
_struct_ref.pdbx_db_isoform            ? 
_struct_ref.entity_id                  1 
_struct_ref.pdbx_seq_one_letter_code   
;MPNFSGNWKIIRSENFEELLKVLGVNVMLRKIAVAAASKPAVEIKQEGDTFYIKTSTTVRTTEINFKVGEEFEEQTVDGR
PCKSLVKWESENKMVCEQKLLKGEGPKTSWTRELTNDGELILTMTADDVVCTRVYVRE
;
_struct_ref.pdbx_align_begin           1 
# 
_struct_ref_seq.align_id                      1 
_struct_ref_seq.ref_id                        1 
_struct_ref_seq.pdbx_PDB_id_code              6ZSX 
_struct_ref_seq.pdbx_strand_id                A 
_struct_ref_seq.seq_align_beg                 4 
_struct_ref_seq.pdbx_seq_align_beg_ins_code   ? 
_struct_ref_seq.seq_align_end                 141 
_struct_ref_seq.pdbx_seq_align_end_ins_code   ? 
_struct_ref_seq.pdbx_db_accession             P29373 
_struct_ref_seq.db_align_beg                  1 
_struct_ref_seq.pdbx_db_align_beg_ins_code    ? 
_struct_ref_seq.db_align_end                  138 
_struct_ref_seq.pdbx_db_align_end_ins_code    ? 
_struct_ref_seq.pdbx_auth_seq_align_beg       0 
_struct_ref_seq.pdbx_auth_seq_align_end       137 
# 
loop_
_struct_ref_seq_dif.align_id 
_struct_ref_seq_dif.pdbx_pdb_id_code 
_struct_ref_seq_dif.mon_id 
_struct_ref_seq_dif.pdbx_pdb_strand_id 
_struct_ref_seq_dif.seq_num 
_struct_ref_seq_dif.pdbx_pdb_ins_code 
_struct_ref_seq_dif.pdbx_seq_db_name 
_struct_ref_seq_dif.pdbx_seq_db_accession_code 
_struct_ref_seq_dif.db_mon_id 
_struct_ref_seq_dif.pdbx_seq_db_seq_num 
_struct_ref_seq_dif.details 
_struct_ref_seq_dif.pdbx_auth_seq_num 
_struct_ref_seq_dif.pdbx_ordinal 
1 6ZSX GLY A 1   ? UNP P29373 ?   ?   'expression tag'      -3  1 
1 6ZSX SER A 2   ? UNP P29373 ?   ?   'expression tag'      -2  2 
1 6ZSX HIS A 3   ? UNP P29373 ?   ?   'expression tag'      -1  3 
1 6ZSX TYR A 43  ? UNP P29373 PRO 40  'engineered mutation' 39  4 
1 6ZSX VAL A 58  ? UNP P29373 THR 55  'engineered mutation' 54  5 
1 6ZSX TYR A 63  ? UNP P29373 ARG 60  'engineered mutation' 59  6 
1 6ZSX LYS A 115 ? UNP P29373 ARG 112 'engineered mutation' 111 7 
1 6ZSX GLN A 136 ? UNP P29373 ARG 133 'engineered mutation' 132 8 
1 6ZSX PHE A 138 ? UNP P29373 TYR 135 'engineered mutation' 134 9 
# 
_pdbx_struct_assembly.id                   1 
_pdbx_struct_assembly.details              author_and_software_defined_assembly 
_pdbx_struct_assembly.method_details       PISA 
_pdbx_struct_assembly.oligomeric_details   monomeric 
_pdbx_struct_assembly.oligomeric_count     1 
# 
loop_
_pdbx_struct_assembly_prop.biol_id 
_pdbx_struct_assembly_prop.type 
_pdbx_struct_assembly_prop.value 
_pdbx_struct_assembly_prop.details 
1 'ABSA (A^2)' 0    ? 
1 MORE         0    ? 
1 'SSA (A^2)'  7870 ? 
# 
_pdbx_struct_assembly_gen.assembly_id       1 
_pdbx_struct_assembly_gen.oper_expression   1 
_pdbx_struct_assembly_gen.asym_id_list      A,B,C 
# 
_pdbx_struct_assembly_auth_evidence.id                     1 
_pdbx_struct_assembly_auth_evidence.assembly_id            1 
_pdbx_struct_assembly_auth_evidence.experimental_support   'gel filtration' 
_pdbx_struct_assembly_auth_evidence.details                ? 
# 
_pdbx_struct_oper_list.id                   1 
_pdbx_struct_oper_list.type                 'identity operation' 
_pdbx_struct_oper_list.name                 1_555 
_pdbx_struct_oper_list.symmetry_operation   x,y,z 
_pdbx_struct_oper_list.matrix[1][1]         1.0000000000 
_pdbx_struct_oper_list.matrix[1][2]         0.0000000000 
_pdbx_struct_oper_list.matrix[1][3]         0.0000000000 
_pdbx_struct_oper_list.vector[1]            0.0000000000 
_pdbx_struct_oper_list.matrix[2][1]         0.0000000000 
_pdbx_struct_oper_list.matrix[2][2]         1.0000000000 
_pdbx_struct_oper_list.matrix[2][3]         0.0000000000 
_pdbx_struct_oper_list.vector[2]            0.0000000000 
_pdbx_struct_oper_list.matrix[3][1]         0.0000000000 
_pdbx_struct_oper_list.matrix[3][2]         0.0000000000 
_pdbx_struct_oper_list.matrix[3][3]         1.0000000000 
_pdbx_struct_oper_list.vector[3]            0.0000000000 
# 
loop_
_struct_conf.conf_type_id 
_struct_conf.id 
_struct_conf.pdbx_PDB_helix_id 
_struct_conf.beg_label_comp_id 
_struct_conf.beg_label_asym_id 
_struct_conf.beg_label_seq_id 
_struct_conf.pdbx_beg_PDB_ins_code 
_struct_conf.end_label_comp_id 
_struct_conf.end_label_asym_id 
_struct_conf.end_label_seq_id 
_struct_conf.pdbx_end_PDB_ins_code 
_struct_conf.beg_auth_comp_id 
_struct_conf.beg_auth_asym_id 
_struct_conf.beg_auth_seq_id 
_struct_conf.end_auth_comp_id 
_struct_conf.end_auth_asym_id 
_struct_conf.end_auth_seq_id 
_struct_conf.pdbx_PDB_helix_class 
_struct_conf.details 
_struct_conf.pdbx_PDB_helix_length 
HELX_P HELX_P1 AA1 ASN A 18 ? LEU A 26 ? ASN A 14 LEU A 22 1 ? 9  
HELX_P HELX_P2 AA2 ASN A 29 ? ALA A 40 ? ASN A 25 ALA A 36 1 ? 12 
# 
_struct_conf_type.id          HELX_P 
_struct_conf_type.criteria    ? 
_struct_conf_type.reference   ? 
# 
_struct_conn.id                            covale1 
_struct_conn.conn_type_id                  covale 
_struct_conn.pdbx_leaving_atom_flag        none 
_struct_conn.pdbx_PDB_id                   ? 
_struct_conn.ptnr1_label_asym_id           A 
_struct_conn.ptnr1_label_comp_id           LYS 
_struct_conn.ptnr1_label_seq_id            115 
_struct_conn.ptnr1_label_atom_id           NZ 
_struct_conn.pdbx_ptnr1_label_alt_id       ? 
_struct_conn.pdbx_ptnr1_PDB_ins_code       ? 
_struct_conn.pdbx_ptnr1_standard_comp_id   ? 
_struct_conn.ptnr1_symmetry                1_555 
_struct_conn.ptnr2_label_asym_id           B 
_struct_conn.ptnr2_label_comp_id           QPE 
_struct_conn.ptnr2_label_seq_id            . 
_struct_conn.ptnr2_label_atom_id           CAI 
_struct_conn.pdbx_ptnr2_label_alt_id       ? 
_struct_conn.pdbx_ptnr2_PDB_ins_code       ? 
_struct_conn.ptnr1_auth_asym_id            A 
_struct_conn.ptnr1_auth_comp_id            LYS 
_struct_conn.ptnr1_auth_seq_id             111 
_struct_conn.ptnr2_auth_asym_id            A 
_struct_conn.ptnr2_auth_comp_id            QPE 
_struct_conn.ptnr2_auth_seq_id             201 
_struct_conn.ptnr2_symmetry                1_555 
_struct_conn.pdbx_ptnr3_label_atom_id      ? 
_struct_conn.pdbx_ptnr3_label_seq_id       ? 
_struct_conn.pdbx_ptnr3_label_comp_id      ? 
_struct_conn.pdbx_ptnr3_label_asym_id      ? 
_struct_conn.pdbx_ptnr3_label_alt_id       ? 
_struct_conn.pdbx_ptnr3_PDB_ins_code       ? 
_struct_conn.details                       ? 
_struct_conn.pdbx_dist_value               1.417 
_struct_conn.pdbx_value_order              ? 
_struct_conn.pdbx_role                     ? 
# 
_struct_conn_type.id          covale 
_struct_conn_type.criteria    ? 
_struct_conn_type.reference   ? 
# 
_pdbx_modification_feature.ordinal                            1 
_pdbx_modification_feature.label_comp_id                      QPE 
_pdbx_modification_feature.label_asym_id                      B 
_pdbx_modification_feature.label_seq_id                       . 
_pdbx_modification_feature.label_alt_id                       ? 
_pdbx_modification_feature.modified_residue_label_comp_id     LYS 
_pdbx_modification_feature.modified_residue_label_asym_id     A 
_pdbx_modification_feature.modified_residue_label_seq_id      115 
_pdbx_modification_feature.modified_residue_label_alt_id      ? 
_pdbx_modification_feature.auth_comp_id                       QPE 
_pdbx_modification_feature.auth_asym_id                       A 
_pdbx_modification_feature.auth_seq_id                        201 
_pdbx_modification_feature.PDB_ins_code                       ? 
_pdbx_modification_feature.symmetry                           1_555 
_pdbx_modification_feature.modified_residue_auth_comp_id      LYS 
_pdbx_modification_feature.modified_residue_auth_asym_id      A 
_pdbx_modification_feature.modified_residue_auth_seq_id       111 
_pdbx_modification_feature.modified_residue_PDB_ins_code      ? 
_pdbx_modification_feature.modified_residue_symmetry          1_555 
_pdbx_modification_feature.comp_id_linking_atom               CAI 
_pdbx_modification_feature.modified_residue_id_linking_atom   NZ 
_pdbx_modification_feature.modified_residue_id                LYS 
_pdbx_modification_feature.ref_pcm_id                         1 
_pdbx_modification_feature.ref_comp_id                        QPE 
_pdbx_modification_feature.type                               None 
_pdbx_modification_feature.category                           'Covalent chemical modification' 
# 
_struct_sheet.id               AA1 
_struct_sheet.type             ? 
_struct_sheet.number_strands   10 
_struct_sheet.details          ? 
# 
loop_
_struct_sheet_order.sheet_id 
_struct_sheet_order.range_id_1 
_struct_sheet_order.range_id_2 
_struct_sheet_order.offset 
_struct_sheet_order.sense 
AA1 1 2  ? anti-parallel 
AA1 2 3  ? anti-parallel 
AA1 3 4  ? anti-parallel 
AA1 4 5  ? anti-parallel 
AA1 5 6  ? anti-parallel 
AA1 6 7  ? anti-parallel 
AA1 7 8  ? anti-parallel 
AA1 8 9  ? anti-parallel 
AA1 9 10 ? anti-parallel 
# 
loop_
_struct_sheet_range.sheet_id 
_struct_sheet_range.id 
_struct_sheet_range.beg_label_comp_id 
_struct_sheet_range.beg_label_asym_id 
_struct_sheet_range.beg_label_seq_id 
_struct_sheet_range.pdbx_beg_PDB_ins_code 
_struct_sheet_range.end_label_comp_id 
_struct_sheet_range.end_label_asym_id 
_struct_sheet_range.end_label_seq_id 
_struct_sheet_range.pdbx_end_PDB_ins_code 
_struct_sheet_range.beg_auth_comp_id 
_struct_sheet_range.beg_auth_asym_id 
_struct_sheet_range.beg_auth_seq_id 
_struct_sheet_range.end_auth_comp_id 
_struct_sheet_range.end_auth_asym_id 
_struct_sheet_range.end_auth_seq_id 
AA1 1  THR A 64  ? LYS A 70  ? THR A 60  LYS A 66  
AA1 2  THR A 53  ? SER A 59  ? THR A 49  SER A 55  
AA1 3  ALA A 44  ? GLU A 50  ? ALA A 40  GLU A 46  
AA1 4  GLY A 9   ? GLU A 17  ? GLY A 5   GLU A 13  
AA1 5  VAL A 132 ? ARG A 140 ? VAL A 128 ARG A 136 
AA1 6  GLU A 122 ? ALA A 129 ? GLU A 118 ALA A 125 
AA1 7  THR A 111 ? LEU A 117 ? THR A 107 LEU A 113 
AA1 8  LYS A 96  ? LEU A 103 ? LYS A 92  LEU A 99  
AA1 9  PRO A 84  ? SER A 93  ? PRO A 80  SER A 89  
AA1 10 PHE A 75  ? GLN A 78  ? PHE A 71  GLN A 74  
# 
loop_
_pdbx_struct_sheet_hbond.sheet_id 
_pdbx_struct_sheet_hbond.range_id_1 
_pdbx_struct_sheet_hbond.range_id_2 
_pdbx_struct_sheet_hbond.range_1_label_atom_id 
_pdbx_struct_sheet_hbond.range_1_label_comp_id 
_pdbx_struct_sheet_hbond.range_1_label_asym_id 
_pdbx_struct_sheet_hbond.range_1_label_seq_id 
_pdbx_struct_sheet_hbond.range_1_PDB_ins_code 
_pdbx_struct_sheet_hbond.range_1_auth_atom_id 
_pdbx_struct_sheet_hbond.range_1_auth_comp_id 
_pdbx_struct_sheet_hbond.range_1_auth_asym_id 
_pdbx_struct_sheet_hbond.range_1_auth_seq_id 
_pdbx_struct_sheet_hbond.range_2_label_atom_id 
_pdbx_struct_sheet_hbond.range_2_label_comp_id 
_pdbx_struct_sheet_hbond.range_2_label_asym_id 
_pdbx_struct_sheet_hbond.range_2_label_seq_id 
_pdbx_struct_sheet_hbond.range_2_PDB_ins_code 
_pdbx_struct_sheet_hbond.range_2_auth_atom_id 
_pdbx_struct_sheet_hbond.range_2_auth_comp_id 
_pdbx_struct_sheet_hbond.range_2_auth_asym_id 
_pdbx_struct_sheet_hbond.range_2_auth_seq_id 
AA1 1 2  O PHE A 69  ? O PHE A 65  N PHE A 54  ? N PHE A 50  
AA1 2 3  O TYR A 55  ? O TYR A 51  N LYS A 48  ? N LYS A 44  
AA1 3 4  O VAL A 45  ? O VAL A 41  N TRP A 11  ? N TRP A 7   
AA1 4 5  N ILE A 14  ? N ILE A 10  O VAL A 137 ? O VAL A 133 
AA1 5 6  O CYS A 134 ? O CYS A 130 N MET A 127 ? N MET A 123 
AA1 6 7  O ILE A 124 ? O ILE A 120 N GLU A 116 ? N GLU A 112 
AA1 7 8  O TRP A 113 ? O TRP A 109 N CYS A 99  ? N CYS A 95  
AA1 8 9  O LYS A 102 ? O LYS A 98  N LYS A 86  ? N LYS A 82  
AA1 9 10 O SER A 87  ? O SER A 83  N PHE A 75  ? N PHE A 71  
# 
_struct_site.id                   AC1 
_struct_site.pdbx_evidence_code   Software 
_struct_site.pdbx_auth_asym_id    A 
_struct_site.pdbx_auth_comp_id    QPE 
_struct_site.pdbx_auth_seq_id     201 
_struct_site.pdbx_auth_ins_code   ? 
_struct_site.pdbx_num_residues    9 
_struct_site.details              'binding site for residue QPE A 201' 
# 
loop_
_struct_site_gen.id 
_struct_site_gen.site_id 
_struct_site_gen.pdbx_num_res 
_struct_site_gen.label_comp_id 
_struct_site_gen.label_asym_id 
_struct_site_gen.label_seq_id 
_struct_site_gen.pdbx_auth_ins_code 
_struct_site_gen.auth_comp_id 
_struct_site_gen.auth_asym_id 
_struct_site_gen.auth_seq_id 
_struct_site_gen.label_atom_id 
_struct_site_gen.label_alt_id 
_struct_site_gen.symmetry 
_struct_site_gen.details 
1 AC1 9 ILE A 56  ? ILE A 52  . ? 1_555 ? 
2 AC1 9 ILE A 67  ? ILE A 63  . ? 1_555 ? 
3 AC1 9 GLU A 77  ? GLU A 73  . ? 1_555 ? 
4 AC1 9 GLN A 78  ? GLN A 74  . ? 1_555 ? 
5 AC1 9 VAL A 80  ? VAL A 76  . ? 1_555 ? 
6 AC1 9 GLN A 101 ? GLN A 97  . ? 1_555 ? 
7 AC1 9 TRP A 113 ? TRP A 109 . ? 1_555 ? 
8 AC1 9 LYS A 115 ? LYS A 111 . ? 1_555 ? 
9 AC1 9 MET A 127 ? MET A 123 . ? 1_555 ? 
# 
_pdbx_entry_details.entry_id                   6ZSX 
_pdbx_entry_details.has_ligand_of_interest     Y 
_pdbx_entry_details.compound_details           ? 
_pdbx_entry_details.source_details             ? 
_pdbx_entry_details.nonpolymer_details         ? 
_pdbx_entry_details.sequence_details           ? 
_pdbx_entry_details.has_protein_modification   Y 
# 
loop_
_pdbx_validate_torsion.id 
_pdbx_validate_torsion.PDB_model_num 
_pdbx_validate_torsion.auth_comp_id 
_pdbx_validate_torsion.auth_asym_id 
_pdbx_validate_torsion.auth_seq_id 
_pdbx_validate_torsion.PDB_ins_code 
_pdbx_validate_torsion.label_alt_id 
_pdbx_validate_torsion.phi 
_pdbx_validate_torsion.psi 
1 1 ASN A 2   ? ? -137.23 -154.19 
2 1 THR A 56  ? ? -110.68 -165.10 
3 1 GLU A 73  ? ? -162.40 -156.98 
4 1 SER A 89  ? ? -164.13 -159.98 
5 1 ASP A 116 ? ? -97.94  39.33   
6 1 ASP A 126 ? ? 48.17   -114.09 
# 
loop_
_pdbx_unobs_or_zero_occ_residues.id 
_pdbx_unobs_or_zero_occ_residues.PDB_model_num 
_pdbx_unobs_or_zero_occ_residues.polymer_flag 
_pdbx_unobs_or_zero_occ_residues.occupancy_flag 
_pdbx_unobs_or_zero_occ_residues.auth_asym_id 
_pdbx_unobs_or_zero_occ_residues.auth_comp_id 
_pdbx_unobs_or_zero_occ_residues.auth_seq_id 
_pdbx_unobs_or_zero_occ_residues.PDB_ins_code 
_pdbx_unobs_or_zero_occ_residues.label_asym_id 
_pdbx_unobs_or_zero_occ_residues.label_comp_id 
_pdbx_unobs_or_zero_occ_residues.label_seq_id 
1 1 Y 1 A GLY -3 ? A GLY 1 
2 1 Y 1 A SER -2 ? A SER 2 
# 
loop_
_chem_comp_atom.comp_id 
_chem_comp_atom.atom_id 
_chem_comp_atom.type_symbol 
_chem_comp_atom.pdbx_aromatic_flag 
_chem_comp_atom.pdbx_stereo_config 
_chem_comp_atom.pdbx_ordinal 
ALA N    N N N 1   
ALA CA   C N S 2   
ALA C    C N N 3   
ALA O    O N N 4   
ALA CB   C N N 5   
ALA OXT  O N N 6   
ALA H    H N N 7   
ALA H2   H N N 8   
ALA HA   H N N 9   
ALA HB1  H N N 10  
ALA HB2  H N N 11  
ALA HB3  H N N 12  
ALA HXT  H N N 13  
ARG N    N N N 14  
ARG CA   C N S 15  
ARG C    C N N 16  
ARG O    O N N 17  
ARG CB   C N N 18  
ARG CG   C N N 19  
ARG CD   C N N 20  
ARG NE   N N N 21  
ARG CZ   C N N 22  
ARG NH1  N N N 23  
ARG NH2  N N N 24  
ARG OXT  O N N 25  
ARG H    H N N 26  
ARG H2   H N N 27  
ARG HA   H N N 28  
ARG HB2  H N N 29  
ARG HB3  H N N 30  
ARG HG2  H N N 31  
ARG HG3  H N N 32  
ARG HD2  H N N 33  
ARG HD3  H N N 34  
ARG HE   H N N 35  
ARG HH11 H N N 36  
ARG HH12 H N N 37  
ARG HH21 H N N 38  
ARG HH22 H N N 39  
ARG HXT  H N N 40  
ASN N    N N N 41  
ASN CA   C N S 42  
ASN C    C N N 43  
ASN O    O N N 44  
ASN CB   C N N 45  
ASN CG   C N N 46  
ASN OD1  O N N 47  
ASN ND2  N N N 48  
ASN OXT  O N N 49  
ASN H    H N N 50  
ASN H2   H N N 51  
ASN HA   H N N 52  
ASN HB2  H N N 53  
ASN HB3  H N N 54  
ASN HD21 H N N 55  
ASN HD22 H N N 56  
ASN HXT  H N N 57  
ASP N    N N N 58  
ASP CA   C N S 59  
ASP C    C N N 60  
ASP O    O N N 61  
ASP CB   C N N 62  
ASP CG   C N N 63  
ASP OD1  O N N 64  
ASP OD2  O N N 65  
ASP OXT  O N N 66  
ASP H    H N N 67  
ASP H2   H N N 68  
ASP HA   H N N 69  
ASP HB2  H N N 70  
ASP HB3  H N N 71  
ASP HD2  H N N 72  
ASP HXT  H N N 73  
CYS N    N N N 74  
CYS CA   C N R 75  
CYS C    C N N 76  
CYS O    O N N 77  
CYS CB   C N N 78  
CYS SG   S N N 79  
CYS OXT  O N N 80  
CYS H    H N N 81  
CYS H2   H N N 82  
CYS HA   H N N 83  
CYS HB2  H N N 84  
CYS HB3  H N N 85  
CYS HG   H N N 86  
CYS HXT  H N N 87  
GLN N    N N N 88  
GLN CA   C N S 89  
GLN C    C N N 90  
GLN O    O N N 91  
GLN CB   C N N 92  
GLN CG   C N N 93  
GLN CD   C N N 94  
GLN OE1  O N N 95  
GLN NE2  N N N 96  
GLN OXT  O N N 97  
GLN H    H N N 98  
GLN H2   H N N 99  
GLN HA   H N N 100 
GLN HB2  H N N 101 
GLN HB3  H N N 102 
GLN HG2  H N N 103 
GLN HG3  H N N 104 
GLN HE21 H N N 105 
GLN HE22 H N N 106 
GLN HXT  H N N 107 
GLU N    N N N 108 
GLU CA   C N S 109 
GLU C    C N N 110 
GLU O    O N N 111 
GLU CB   C N N 112 
GLU CG   C N N 113 
GLU CD   C N N 114 
GLU OE1  O N N 115 
GLU OE2  O N N 116 
GLU OXT  O N N 117 
GLU H    H N N 118 
GLU H2   H N N 119 
GLU HA   H N N 120 
GLU HB2  H N N 121 
GLU HB3  H N N 122 
GLU HG2  H N N 123 
GLU HG3  H N N 124 
GLU HE2  H N N 125 
GLU HXT  H N N 126 
GLY N    N N N 127 
GLY CA   C N N 128 
GLY C    C N N 129 
GLY O    O N N 130 
GLY OXT  O N N 131 
GLY H    H N N 132 
GLY H2   H N N 133 
GLY HA2  H N N 134 
GLY HA3  H N N 135 
GLY HXT  H N N 136 
HIS N    N N N 137 
HIS CA   C N S 138 
HIS C    C N N 139 
HIS O    O N N 140 
HIS CB   C N N 141 
HIS CG   C Y N 142 
HIS ND1  N Y N 143 
HIS CD2  C Y N 144 
HIS CE1  C Y N 145 
HIS NE2  N Y N 146 
HIS OXT  O N N 147 
HIS H    H N N 148 
HIS H2   H N N 149 
HIS HA   H N N 150 
HIS HB2  H N N 151 
HIS HB3  H N N 152 
HIS HD1  H N N 153 
HIS HD2  H N N 154 
HIS HE1  H N N 155 
HIS HE2  H N N 156 
HIS HXT  H N N 157 
HOH O    O N N 158 
HOH H1   H N N 159 
HOH H2   H N N 160 
ILE N    N N N 161 
ILE CA   C N S 162 
ILE C    C N N 163 
ILE O    O N N 164 
ILE CB   C N S 165 
ILE CG1  C N N 166 
ILE CG2  C N N 167 
ILE CD1  C N N 168 
ILE OXT  O N N 169 
ILE H    H N N 170 
ILE H2   H N N 171 
ILE HA   H N N 172 
ILE HB   H N N 173 
ILE HG12 H N N 174 
ILE HG13 H N N 175 
ILE HG21 H N N 176 
ILE HG22 H N N 177 
ILE HG23 H N N 178 
ILE HD11 H N N 179 
ILE HD12 H N N 180 
ILE HD13 H N N 181 
ILE HXT  H N N 182 
LEU N    N N N 183 
LEU CA   C N S 184 
LEU C    C N N 185 
LEU O    O N N 186 
LEU CB   C N N 187 
LEU CG   C N N 188 
LEU CD1  C N N 189 
LEU CD2  C N N 190 
LEU OXT  O N N 191 
LEU H    H N N 192 
LEU H2   H N N 193 
LEU HA   H N N 194 
LEU HB2  H N N 195 
LEU HB3  H N N 196 
LEU HG   H N N 197 
LEU HD11 H N N 198 
LEU HD12 H N N 199 
LEU HD13 H N N 200 
LEU HD21 H N N 201 
LEU HD22 H N N 202 
LEU HD23 H N N 203 
LEU HXT  H N N 204 
LYS N    N N N 205 
LYS CA   C N S 206 
LYS C    C N N 207 
LYS O    O N N 208 
LYS CB   C N N 209 
LYS CG   C N N 210 
LYS CD   C N N 211 
LYS CE   C N N 212 
LYS NZ   N N N 213 
LYS OXT  O N N 214 
LYS H    H N N 215 
LYS H2   H N N 216 
LYS HA   H N N 217 
LYS HB2  H N N 218 
LYS HB3  H N N 219 
LYS HG2  H N N 220 
LYS HG3  H N N 221 
LYS HD2  H N N 222 
LYS HD3  H N N 223 
LYS HE2  H N N 224 
LYS HE3  H N N 225 
LYS HZ1  H N N 226 
LYS HZ2  H N N 227 
LYS HZ3  H N N 228 
LYS HXT  H N N 229 
MET N    N N N 230 
MET CA   C N S 231 
MET C    C N N 232 
MET O    O N N 233 
MET CB   C N N 234 
MET CG   C N N 235 
MET SD   S N N 236 
MET CE   C N N 237 
MET OXT  O N N 238 
MET H    H N N 239 
MET H2   H N N 240 
MET HA   H N N 241 
MET HB2  H N N 242 
MET HB3  H N N 243 
MET HG2  H N N 244 
MET HG3  H N N 245 
MET HE1  H N N 246 
MET HE2  H N N 247 
MET HE3  H N N 248 
MET HXT  H N N 249 
PHE N    N N N 250 
PHE CA   C N S 251 
PHE C    C N N 252 
PHE O    O N N 253 
PHE CB   C N N 254 
PHE CG   C Y N 255 
PHE CD1  C Y N 256 
PHE CD2  C Y N 257 
PHE CE1  C Y N 258 
PHE CE2  C Y N 259 
PHE CZ   C Y N 260 
PHE OXT  O N N 261 
PHE H    H N N 262 
PHE H2   H N N 263 
PHE HA   H N N 264 
PHE HB2  H N N 265 
PHE HB3  H N N 266 
PHE HD1  H N N 267 
PHE HD2  H N N 268 
PHE HE1  H N N 269 
PHE HE2  H N N 270 
PHE HZ   H N N 271 
PHE HXT  H N N 272 
PRO N    N N N 273 
PRO CA   C N S 274 
PRO C    C N N 275 
PRO O    O N N 276 
PRO CB   C N N 277 
PRO CG   C N N 278 
PRO CD   C N N 279 
PRO OXT  O N N 280 
PRO H    H N N 281 
PRO HA   H N N 282 
PRO HB2  H N N 283 
PRO HB3  H N N 284 
PRO HG2  H N N 285 
PRO HG3  H N N 286 
PRO HD2  H N N 287 
PRO HD3  H N N 288 
PRO HXT  H N N 289 
QPE CAM  C N N 290 
QPE OAL  O N N 291 
QPE CAJ  C N N 292 
QPE OAK  O N N 293 
QPE CAH  C N N 294 
QPE CAI  C N N 295 
QPE CAG  C N N 296 
QPE CAD  C Y N 297 
QPE CAC  C Y N 298 
QPE CAA  C Y N 299 
QPE CAB  C Y N 300 
QPE CAF  C Y N 301 
QPE CAE  C Y N 302 
QPE H1   H N N 303 
QPE H2   H N N 304 
QPE H3   H N N 305 
QPE H4   H N N 306 
QPE H5   H N N 307 
QPE H6   H N N 308 
QPE H7   H N N 309 
QPE H8   H N N 310 
QPE H9   H N N 311 
QPE H10  H N N 312 
QPE H11  H N N 313 
QPE H12  H N N 314 
SER N    N N N 315 
SER CA   C N S 316 
SER C    C N N 317 
SER O    O N N 318 
SER CB   C N N 319 
SER OG   O N N 320 
SER OXT  O N N 321 
SER H    H N N 322 
SER H2   H N N 323 
SER HA   H N N 324 
SER HB2  H N N 325 
SER HB3  H N N 326 
SER HG   H N N 327 
SER HXT  H N N 328 
THR N    N N N 329 
THR CA   C N S 330 
THR C    C N N 331 
THR O    O N N 332 
THR CB   C N R 333 
THR OG1  O N N 334 
THR CG2  C N N 335 
THR OXT  O N N 336 
THR H    H N N 337 
THR H2   H N N 338 
THR HA   H N N 339 
THR HB   H N N 340 
THR HG1  H N N 341 
THR HG21 H N N 342 
THR HG22 H N N 343 
THR HG23 H N N 344 
THR HXT  H N N 345 
TRP N    N N N 346 
TRP CA   C N S 347 
TRP C    C N N 348 
TRP O    O N N 349 
TRP CB   C N N 350 
TRP CG   C Y N 351 
TRP CD1  C Y N 352 
TRP CD2  C Y N 353 
TRP NE1  N Y N 354 
TRP CE2  C Y N 355 
TRP CE3  C Y N 356 
TRP CZ2  C Y N 357 
TRP CZ3  C Y N 358 
TRP CH2  C Y N 359 
TRP OXT  O N N 360 
TRP H    H N N 361 
TRP H2   H N N 362 
TRP HA   H N N 363 
TRP HB2  H N N 364 
TRP HB3  H N N 365 
TRP HD1  H N N 366 
TRP HE1  H N N 367 
TRP HE3  H N N 368 
TRP HZ2  H N N 369 
TRP HZ3  H N N 370 
TRP HH2  H N N 371 
TRP HXT  H N N 372 
TYR N    N N N 373 
TYR CA   C N S 374 
TYR C    C N N 375 
TYR O    O N N 376 
TYR CB   C N N 377 
TYR CG   C Y N 378 
TYR CD1  C Y N 379 
TYR CD2  C Y N 380 
TYR CE1  C Y N 381 
TYR CE2  C Y N 382 
TYR CZ   C Y N 383 
TYR OH   O N N 384 
TYR OXT  O N N 385 
TYR H    H N N 386 
TYR H2   H N N 387 
TYR HA   H N N 388 
TYR HB2  H N N 389 
TYR HB3  H N N 390 
TYR HD1  H N N 391 
TYR HD2  H N N 392 
TYR HE1  H N N 393 
TYR HE2  H N N 394 
TYR HH   H N N 395 
TYR HXT  H N N 396 
VAL N    N N N 397 
VAL CA   C N S 398 
VAL C    C N N 399 
VAL O    O N N 400 
VAL CB   C N N 401 
VAL CG1  C N N 402 
VAL CG2  C N N 403 
VAL OXT  O N N 404 
VAL H    H N N 405 
VAL H2   H N N 406 
VAL HA   H N N 407 
VAL HB   H N N 408 
VAL HG11 H N N 409 
VAL HG12 H N N 410 
VAL HG13 H N N 411 
VAL HG21 H N N 412 
VAL HG22 H N N 413 
VAL HG23 H N N 414 
VAL HXT  H N N 415 
# 
loop_
_chem_comp_bond.comp_id 
_chem_comp_bond.atom_id_1 
_chem_comp_bond.atom_id_2 
_chem_comp_bond.value_order 
_chem_comp_bond.pdbx_aromatic_flag 
_chem_comp_bond.pdbx_stereo_config 
_chem_comp_bond.pdbx_ordinal 
ALA N   CA   sing N N 1   
ALA N   H    sing N N 2   
ALA N   H2   sing N N 3   
ALA CA  C    sing N N 4   
ALA CA  CB   sing N N 5   
ALA CA  HA   sing N N 6   
ALA C   O    doub N N 7   
ALA C   OXT  sing N N 8   
ALA CB  HB1  sing N N 9   
ALA CB  HB2  sing N N 10  
ALA CB  HB3  sing N N 11  
ALA OXT HXT  sing N N 12  
ARG N   CA   sing N N 13  
ARG N   H    sing N N 14  
ARG N   H2   sing N N 15  
ARG CA  C    sing N N 16  
ARG CA  CB   sing N N 17  
ARG CA  HA   sing N N 18  
ARG C   O    doub N N 19  
ARG C   OXT  sing N N 20  
ARG CB  CG   sing N N 21  
ARG CB  HB2  sing N N 22  
ARG CB  HB3  sing N N 23  
ARG CG  CD   sing N N 24  
ARG CG  HG2  sing N N 25  
ARG CG  HG3  sing N N 26  
ARG CD  NE   sing N N 27  
ARG CD  HD2  sing N N 28  
ARG CD  HD3  sing N N 29  
ARG NE  CZ   sing N N 30  
ARG NE  HE   sing N N 31  
ARG CZ  NH1  sing N N 32  
ARG CZ  NH2  doub N N 33  
ARG NH1 HH11 sing N N 34  
ARG NH1 HH12 sing N N 35  
ARG NH2 HH21 sing N N 36  
ARG NH2 HH22 sing N N 37  
ARG OXT HXT  sing N N 38  
ASN N   CA   sing N N 39  
ASN N   H    sing N N 40  
ASN N   H2   sing N N 41  
ASN CA  C    sing N N 42  
ASN CA  CB   sing N N 43  
ASN CA  HA   sing N N 44  
ASN C   O    doub N N 45  
ASN C   OXT  sing N N 46  
ASN CB  CG   sing N N 47  
ASN CB  HB2  sing N N 48  
ASN CB  HB3  sing N N 49  
ASN CG  OD1  doub N N 50  
ASN CG  ND2  sing N N 51  
ASN ND2 HD21 sing N N 52  
ASN ND2 HD22 sing N N 53  
ASN OXT HXT  sing N N 54  
ASP N   CA   sing N N 55  
ASP N   H    sing N N 56  
ASP N   H2   sing N N 57  
ASP CA  C    sing N N 58  
ASP CA  CB   sing N N 59  
ASP CA  HA   sing N N 60  
ASP C   O    doub N N 61  
ASP C   OXT  sing N N 62  
ASP CB  CG   sing N N 63  
ASP CB  HB2  sing N N 64  
ASP CB  HB3  sing N N 65  
ASP CG  OD1  doub N N 66  
ASP CG  OD2  sing N N 67  
ASP OD2 HD2  sing N N 68  
ASP OXT HXT  sing N N 69  
CYS N   CA   sing N N 70  
CYS N   H    sing N N 71  
CYS N   H2   sing N N 72  
CYS CA  C    sing N N 73  
CYS CA  CB   sing N N 74  
CYS CA  HA   sing N N 75  
CYS C   O    doub N N 76  
CYS C   OXT  sing N N 77  
CYS CB  SG   sing N N 78  
CYS CB  HB2  sing N N 79  
CYS CB  HB3  sing N N 80  
CYS SG  HG   sing N N 81  
CYS OXT HXT  sing N N 82  
GLN N   CA   sing N N 83  
GLN N   H    sing N N 84  
GLN N   H2   sing N N 85  
GLN CA  C    sing N N 86  
GLN CA  CB   sing N N 87  
GLN CA  HA   sing N N 88  
GLN C   O    doub N N 89  
GLN C   OXT  sing N N 90  
GLN CB  CG   sing N N 91  
GLN CB  HB2  sing N N 92  
GLN CB  HB3  sing N N 93  
GLN CG  CD   sing N N 94  
GLN CG  HG2  sing N N 95  
GLN CG  HG3  sing N N 96  
GLN CD  OE1  doub N N 97  
GLN CD  NE2  sing N N 98  
GLN NE2 HE21 sing N N 99  
GLN NE2 HE22 sing N N 100 
GLN OXT HXT  sing N N 101 
GLU N   CA   sing N N 102 
GLU N   H    sing N N 103 
GLU N   H2   sing N N 104 
GLU CA  C    sing N N 105 
GLU CA  CB   sing N N 106 
GLU CA  HA   sing N N 107 
GLU C   O    doub N N 108 
GLU C   OXT  sing N N 109 
GLU CB  CG   sing N N 110 
GLU CB  HB2  sing N N 111 
GLU CB  HB3  sing N N 112 
GLU CG  CD   sing N N 113 
GLU CG  HG2  sing N N 114 
GLU CG  HG3  sing N N 115 
GLU CD  OE1  doub N N 116 
GLU CD  OE2  sing N N 117 
GLU OE2 HE2  sing N N 118 
GLU OXT HXT  sing N N 119 
GLY N   CA   sing N N 120 
GLY N   H    sing N N 121 
GLY N   H2   sing N N 122 
GLY CA  C    sing N N 123 
GLY CA  HA2  sing N N 124 
GLY CA  HA3  sing N N 125 
GLY C   O    doub N N 126 
GLY C   OXT  sing N N 127 
GLY OXT HXT  sing N N 128 
HIS N   CA   sing N N 129 
HIS N   H    sing N N 130 
HIS N   H2   sing N N 131 
HIS CA  C    sing N N 132 
HIS CA  CB   sing N N 133 
HIS CA  HA   sing N N 134 
HIS C   O    doub N N 135 
HIS C   OXT  sing N N 136 
HIS CB  CG   sing N N 137 
HIS CB  HB2  sing N N 138 
HIS CB  HB3  sing N N 139 
HIS CG  ND1  sing Y N 140 
HIS CG  CD2  doub Y N 141 
HIS ND1 CE1  doub Y N 142 
HIS ND1 HD1  sing N N 143 
HIS CD2 NE2  sing Y N 144 
HIS CD2 HD2  sing N N 145 
HIS CE1 NE2  sing Y N 146 
HIS CE1 HE1  sing N N 147 
HIS NE2 HE2  sing N N 148 
HIS OXT HXT  sing N N 149 
HOH O   H1   sing N N 150 
HOH O   H2   sing N N 151 
ILE N   CA   sing N N 152 
ILE N   H    sing N N 153 
ILE N   H2   sing N N 154 
ILE CA  C    sing N N 155 
ILE CA  CB   sing N N 156 
ILE CA  HA   sing N N 157 
ILE C   O    doub N N 158 
ILE C   OXT  sing N N 159 
ILE CB  CG1  sing N N 160 
ILE CB  CG2  sing N N 161 
ILE CB  HB   sing N N 162 
ILE CG1 CD1  sing N N 163 
ILE CG1 HG12 sing N N 164 
ILE CG1 HG13 sing N N 165 
ILE CG2 HG21 sing N N 166 
ILE CG2 HG22 sing N N 167 
ILE CG2 HG23 sing N N 168 
ILE CD1 HD11 sing N N 169 
ILE CD1 HD12 sing N N 170 
ILE CD1 HD13 sing N N 171 
ILE OXT HXT  sing N N 172 
LEU N   CA   sing N N 173 
LEU N   H    sing N N 174 
LEU N   H2   sing N N 175 
LEU CA  C    sing N N 176 
LEU CA  CB   sing N N 177 
LEU CA  HA   sing N N 178 
LEU C   O    doub N N 179 
LEU C   OXT  sing N N 180 
LEU CB  CG   sing N N 181 
LEU CB  HB2  sing N N 182 
LEU CB  HB3  sing N N 183 
LEU CG  CD1  sing N N 184 
LEU CG  CD2  sing N N 185 
LEU CG  HG   sing N N 186 
LEU CD1 HD11 sing N N 187 
LEU CD1 HD12 sing N N 188 
LEU CD1 HD13 sing N N 189 
LEU CD2 HD21 sing N N 190 
LEU CD2 HD22 sing N N 191 
LEU CD2 HD23 sing N N 192 
LEU OXT HXT  sing N N 193 
LYS N   CA   sing N N 194 
LYS N   H    sing N N 195 
LYS N   H2   sing N N 196 
LYS CA  C    sing N N 197 
LYS CA  CB   sing N N 198 
LYS CA  HA   sing N N 199 
LYS C   O    doub N N 200 
LYS C   OXT  sing N N 201 
LYS CB  CG   sing N N 202 
LYS CB  HB2  sing N N 203 
LYS CB  HB3  sing N N 204 
LYS CG  CD   sing N N 205 
LYS CG  HG2  sing N N 206 
LYS CG  HG3  sing N N 207 
LYS CD  CE   sing N N 208 
LYS CD  HD2  sing N N 209 
LYS CD  HD3  sing N N 210 
LYS CE  NZ   sing N N 211 
LYS CE  HE2  sing N N 212 
LYS CE  HE3  sing N N 213 
LYS NZ  HZ1  sing N N 214 
LYS NZ  HZ2  sing N N 215 
LYS NZ  HZ3  sing N N 216 
LYS OXT HXT  sing N N 217 
MET N   CA   sing N N 218 
MET N   H    sing N N 219 
MET N   H2   sing N N 220 
MET CA  C    sing N N 221 
MET CA  CB   sing N N 222 
MET CA  HA   sing N N 223 
MET C   O    doub N N 224 
MET C   OXT  sing N N 225 
MET CB  CG   sing N N 226 
MET CB  HB2  sing N N 227 
MET CB  HB3  sing N N 228 
MET CG  SD   sing N N 229 
MET CG  HG2  sing N N 230 
MET CG  HG3  sing N N 231 
MET SD  CE   sing N N 232 
MET CE  HE1  sing N N 233 
MET CE  HE2  sing N N 234 
MET CE  HE3  sing N N 235 
MET OXT HXT  sing N N 236 
PHE N   CA   sing N N 237 
PHE N   H    sing N N 238 
PHE N   H2   sing N N 239 
PHE CA  C    sing N N 240 
PHE CA  CB   sing N N 241 
PHE CA  HA   sing N N 242 
PHE C   O    doub N N 243 
PHE C   OXT  sing N N 244 
PHE CB  CG   sing N N 245 
PHE CB  HB2  sing N N 246 
PHE CB  HB3  sing N N 247 
PHE CG  CD1  doub Y N 248 
PHE CG  CD2  sing Y N 249 
PHE CD1 CE1  sing Y N 250 
PHE CD1 HD1  sing N N 251 
PHE CD2 CE2  doub Y N 252 
PHE CD2 HD2  sing N N 253 
PHE CE1 CZ   doub Y N 254 
PHE CE1 HE1  sing N N 255 
PHE CE2 CZ   sing Y N 256 
PHE CE2 HE2  sing N N 257 
PHE CZ  HZ   sing N N 258 
PHE OXT HXT  sing N N 259 
PRO N   CA   sing N N 260 
PRO N   CD   sing N N 261 
PRO N   H    sing N N 262 
PRO CA  C    sing N N 263 
PRO CA  CB   sing N N 264 
PRO CA  HA   sing N N 265 
PRO C   O    doub N N 266 
PRO C   OXT  sing N N 267 
PRO CB  CG   sing N N 268 
PRO CB  HB2  sing N N 269 
PRO CB  HB3  sing N N 270 
PRO CG  CD   sing N N 271 
PRO CG  HG2  sing N N 272 
PRO CG  HG3  sing N N 273 
PRO CD  HD2  sing N N 274 
PRO CD  HD3  sing N N 275 
PRO OXT HXT  sing N N 276 
QPE CAM OAL  sing N N 277 
QPE OAL CAJ  sing N N 278 
QPE CAJ OAK  doub N N 279 
QPE CAJ CAH  sing N N 280 
QPE CAI CAH  sing N N 281 
QPE CAH CAG  doub N Z 282 
QPE CAC CAA  doub Y N 283 
QPE CAC CAD  sing Y N 284 
QPE CAG CAD  sing N N 285 
QPE CAA CAB  sing Y N 286 
QPE CAD CAE  doub Y N 287 
QPE CAB CAF  doub Y N 288 
QPE CAE CAF  sing Y N 289 
QPE CAM H1   sing N N 290 
QPE CAM H2   sing N N 291 
QPE CAM H3   sing N N 292 
QPE CAI H4   sing N N 293 
QPE CAI H5   sing N N 294 
QPE CAI H6   sing N N 295 
QPE CAG H7   sing N N 296 
QPE CAC H8   sing N N 297 
QPE CAA H9   sing N N 298 
QPE CAB H10  sing N N 299 
QPE CAF H11  sing N N 300 
QPE CAE H12  sing N N 301 
SER N   CA   sing N N 302 
SER N   H    sing N N 303 
SER N   H2   sing N N 304 
SER CA  C    sing N N 305 
SER CA  CB   sing N N 306 
SER CA  HA   sing N N 307 
SER C   O    doub N N 308 
SER C   OXT  sing N N 309 
SER CB  OG   sing N N 310 
SER CB  HB2  sing N N 311 
SER CB  HB3  sing N N 312 
SER OG  HG   sing N N 313 
SER OXT HXT  sing N N 314 
THR N   CA   sing N N 315 
THR N   H    sing N N 316 
THR N   H2   sing N N 317 
THR CA  C    sing N N 318 
THR CA  CB   sing N N 319 
THR CA  HA   sing N N 320 
THR C   O    doub N N 321 
THR C   OXT  sing N N 322 
THR CB  OG1  sing N N 323 
THR CB  CG2  sing N N 324 
THR CB  HB   sing N N 325 
THR OG1 HG1  sing N N 326 
THR CG2 HG21 sing N N 327 
THR CG2 HG22 sing N N 328 
THR CG2 HG23 sing N N 329 
THR OXT HXT  sing N N 330 
TRP N   CA   sing N N 331 
TRP N   H    sing N N 332 
TRP N   H2   sing N N 333 
TRP CA  C    sing N N 334 
TRP CA  CB   sing N N 335 
TRP CA  HA   sing N N 336 
TRP C   O    doub N N 337 
TRP C   OXT  sing N N 338 
TRP CB  CG   sing N N 339 
TRP CB  HB2  sing N N 340 
TRP CB  HB3  sing N N 341 
TRP CG  CD1  doub Y N 342 
TRP CG  CD2  sing Y N 343 
TRP CD1 NE1  sing Y N 344 
TRP CD1 HD1  sing N N 345 
TRP CD2 CE2  doub Y N 346 
TRP CD2 CE3  sing Y N 347 
TRP NE1 CE2  sing Y N 348 
TRP NE1 HE1  sing N N 349 
TRP CE2 CZ2  sing Y N 350 
TRP CE3 CZ3  doub Y N 351 
TRP CE3 HE3  sing N N 352 
TRP CZ2 CH2  doub Y N 353 
TRP CZ2 HZ2  sing N N 354 
TRP CZ3 CH2  sing Y N 355 
TRP CZ3 HZ3  sing N N 356 
TRP CH2 HH2  sing N N 357 
TRP OXT HXT  sing N N 358 
TYR N   CA   sing N N 359 
TYR N   H    sing N N 360 
TYR N   H2   sing N N 361 
TYR CA  C    sing N N 362 
TYR CA  CB   sing N N 363 
TYR CA  HA   sing N N 364 
TYR C   O    doub N N 365 
TYR C   OXT  sing N N 366 
TYR CB  CG   sing N N 367 
TYR CB  HB2  sing N N 368 
TYR CB  HB3  sing N N 369 
TYR CG  CD1  doub Y N 370 
TYR CG  CD2  sing Y N 371 
TYR CD1 CE1  sing Y N 372 
TYR CD1 HD1  sing N N 373 
TYR CD2 CE2  doub Y N 374 
TYR CD2 HD2  sing N N 375 
TYR CE1 CZ   doub Y N 376 
TYR CE1 HE1  sing N N 377 
TYR CE2 CZ   sing Y N 378 
TYR CE2 HE2  sing N N 379 
TYR CZ  OH   sing N N 380 
TYR OH  HH   sing N N 381 
TYR OXT HXT  sing N N 382 
VAL N   CA   sing N N 383 
VAL N   H    sing N N 384 
VAL N   H2   sing N N 385 
VAL CA  C    sing N N 386 
VAL CA  CB   sing N N 387 
VAL CA  HA   sing N N 388 
VAL C   O    doub N N 389 
VAL C   OXT  sing N N 390 
VAL CB  CG1  sing N N 391 
VAL CB  CG2  sing N N 392 
VAL CB  HB   sing N N 393 
VAL CG1 HG11 sing N N 394 
VAL CG1 HG12 sing N N 395 
VAL CG1 HG13 sing N N 396 
VAL CG2 HG21 sing N N 397 
VAL CG2 HG22 sing N N 398 
VAL CG2 HG23 sing N N 399 
VAL OXT HXT  sing N N 400 
# 
_pdbx_initial_refinement_model.id               1 
_pdbx_initial_refinement_model.entity_id_list   ? 
_pdbx_initial_refinement_model.type             'experimental model' 
_pdbx_initial_refinement_model.source_name      PDB 
_pdbx_initial_refinement_model.accession_code   4YFP 
_pdbx_initial_refinement_model.details          ? 
# 
_atom_sites.entry_id                    6ZSX 
_atom_sites.Cartn_transf_matrix[1][1]   ? 
_atom_sites.Cartn_transf_matrix[1][2]   ? 
_atom_sites.Cartn_transf_matrix[1][3]   ? 
_atom_sites.Cartn_transf_matrix[2][1]   ? 
_atom_sites.Cartn_transf_matrix[2][2]   ? 
_atom_sites.Cartn_transf_matrix[2][3]   ? 
_atom_sites.Cartn_transf_matrix[3][1]   ? 
_atom_sites.Cartn_transf_matrix[3][2]   ? 
_atom_sites.Cartn_transf_matrix[3][3]   ? 
_atom_sites.Cartn_transf_vector[1]      ? 
_atom_sites.Cartn_transf_vector[2]      ? 
_atom_sites.Cartn_transf_vector[3]      ? 
_atom_sites.fract_transf_matrix[1][1]   -0.00123834 
_atom_sites.fract_transf_matrix[1][2]   0.01747170 
_atom_sites.fract_transf_matrix[1][3]   -0.00993704 
_atom_sites.fract_transf_matrix[2][1]   -0.01667669 
_atom_sites.fract_transf_matrix[2][2]   0.01120454 
_atom_sites.fract_transf_matrix[2][3]   0.00137307 
_atom_sites.fract_transf_matrix[3][1]   0.00374770 
_atom_sites.fract_transf_matrix[3][2]   0.00463630 
_atom_sites.fract_transf_matrix[3][3]   0.00768470 
_atom_sites.fract_transf_vector[1]      -0.248532 
_atom_sites.fract_transf_vector[2]      0.277832 
_atom_sites.fract_transf_vector[3]      0.047330 
_atom_sites.solution_primary            ? 
_atom_sites.solution_secondary          ? 
_atom_sites.solution_hydrogens          ? 
_atom_sites.special_details             ? 
# 
loop_
_atom_type.symbol 
C 
N 
O 
S 
# 
loop_
_atom_site.group_PDB 
_atom_site.id 
_atom_site.type_symbol 
_atom_site.label_atom_id 
_atom_site.label_alt_id 
_atom_site.label_comp_id 
_atom_site.label_asym_id 
_atom_site.label_entity_id 
_atom_site.label_seq_id 
_atom_site.pdbx_PDB_ins_code 
_atom_site.Cartn_x 
_atom_site.Cartn_y 
_atom_site.Cartn_z 
_atom_site.occupancy 
_atom_site.B_iso_or_equiv 
_atom_site.pdbx_formal_charge 
_atom_site.auth_seq_id 
_atom_site.auth_comp_id 
_atom_site.auth_asym_id 
_atom_site.auth_atom_id 
_atom_site.pdbx_PDB_model_num 
ATOM   1    N N   . HIS A 1 3   ? -20.173 -13.282 -7.534  1.00 82.84  ? -1  HIS A N   1 
ATOM   2    C CA  . HIS A 1 3   ? -19.092 -12.438 -6.925  1.00 115.96 ? -1  HIS A CA  1 
ATOM   3    C C   . HIS A 1 3   ? -19.029 -12.696 -5.417  1.00 119.86 ? -1  HIS A C   1 
ATOM   4    O O   . HIS A 1 3   ? -19.686 -12.004 -4.644  1.00 135.71 ? -1  HIS A O   1 
ATOM   5    C CB  . HIS A 1 3   ? -19.287 -10.959 -7.306  1.00 100.57 ? -1  HIS A CB  1 
ATOM   6    N N   . MET A 1 4   ? -18.239 -13.710 -5.019  1.00 128.33 ? 0   MET A N   1 
ATOM   7    C CA  . MET A 1 4   ? -18.056 -14.162 -3.643  1.00 121.58 ? 0   MET A CA  1 
ATOM   8    C C   . MET A 1 4   ? -17.102 -13.220 -2.902  1.00 113.30 ? 0   MET A C   1 
ATOM   9    O O   . MET A 1 4   ? -16.343 -12.482 -3.537  1.00 95.65  ? 0   MET A O   1 
ATOM   10   C CB  . MET A 1 4   ? -17.441 -15.567 -3.617  1.00 125.68 ? 0   MET A CB  1 
ATOM   11   C CG  . MET A 1 4   ? -18.436 -16.720 -3.615  1.00 132.31 ? 0   MET A CG  1 
ATOM   12   S SD  . MET A 1 4   ? -17.610 -18.326 -3.306  1.00 129.05 ? 0   MET A SD  1 
ATOM   13   C CE  . MET A 1 4   ? -17.125 -18.143 -1.587  1.00 135.19 ? 0   MET A CE  1 
ATOM   14   N N   . PRO A 1 5   ? -17.095 -13.221 -1.543  1.00 117.54 ? 1   PRO A N   1 
ATOM   15   C CA  . PRO A 1 5   ? -16.213 -12.340 -0.760  1.00 112.57 ? 1   PRO A CA  1 
ATOM   16   C C   . PRO A 1 5   ? -14.693 -12.555 -0.861  1.00 99.11  ? 1   PRO A C   1 
ATOM   17   O O   . PRO A 1 5   ? -14.170 -13.586 -0.442  1.00 104.28 ? 1   PRO A O   1 
ATOM   18   C CB  . PRO A 1 5   ? -16.760 -12.456 0.680   1.00 108.72 ? 1   PRO A CB  1 
ATOM   19   C CG  . PRO A 1 5   ? -18.136 -13.076 0.516   1.00 113.29 ? 1   PRO A CG  1 
ATOM   20   C CD  . PRO A 1 5   ? -18.003 -13.997 -0.679  1.00 115.06 ? 1   PRO A CD  1 
ATOM   21   N N   . ASN A 1 6   ? -14.001 -11.532 -1.389  1.00 77.07  ? 2   ASN A N   1 
ATOM   22   C CA  . ASN A 1 6   ? -12.564 -11.493 -1.642  1.00 66.38  ? 2   ASN A CA  1 
ATOM   23   C C   . ASN A 1 6   ? -12.025 -10.122 -1.206  1.00 62.67  ? 2   ASN A C   1 
ATOM   24   O O   . ASN A 1 6   ? -12.638 -9.456  -0.381  1.00 68.90  ? 2   ASN A O   1 
ATOM   25   C CB  . ASN A 1 6   ? -12.278 -11.896 -3.101  1.00 59.99  ? 2   ASN A CB  1 
ATOM   26   C CG  . ASN A 1 6   ? -12.890 -10.999 -4.169  1.00 70.35  ? 2   ASN A CG  1 
ATOM   27   O OD1 . ASN A 1 6   ? -13.295 -9.853  -3.916  1.00 65.44  ? 2   ASN A OD1 1 
ATOM   28   N ND2 . ASN A 1 6   ? -12.920 -11.490 -5.404  1.00 62.07  ? 2   ASN A ND2 1 
ATOM   29   N N   . PHE A 1 7   ? -10.914 -9.652  -1.785  1.00 61.03  ? 3   PHE A N   1 
ATOM   30   C CA  . PHE A 1 7   ? -10.331 -8.361  -1.417  1.00 51.76  ? 3   PHE A CA  1 
ATOM   31   C C   . PHE A 1 7   ? -11.258 -7.184  -1.718  1.00 55.15  ? 3   PHE A C   1 
ATOM   32   O O   . PHE A 1 7   ? -11.146 -6.130  -1.086  1.00 59.85  ? 3   PHE A O   1 
ATOM   33   C CB  . PHE A 1 7   ? -8.998  -8.105  -2.120  1.00 51.19  ? 3   PHE A CB  1 
ATOM   34   C CG  . PHE A 1 7   ? -7.765  -8.742  -1.511  1.00 51.87  ? 3   PHE A CG  1 
ATOM   35   C CD1 . PHE A 1 7   ? -7.383  -10.038 -1.842  1.00 49.09  ? 3   PHE A CD1 1 
ATOM   36   C CD2 . PHE A 1 7   ? -6.956  -8.028  -0.637  1.00 52.04  ? 3   PHE A CD2 1 
ATOM   37   C CE1 . PHE A 1 7   ? -6.211  -10.592 -1.335  1.00 48.31  ? 3   PHE A CE1 1 
ATOM   38   C CE2 . PHE A 1 7   ? -5.805  -8.592  -0.100  1.00 51.48  ? 3   PHE A CE2 1 
ATOM   39   C CZ  . PHE A 1 7   ? -5.423  -9.864  -0.465  1.00 49.93  ? 3   PHE A CZ  1 
ATOM   40   N N   . SER A 1 8   ? -12.164 -7.378  -2.680  1.00 51.50  ? 4   SER A N   1 
ATOM   41   C CA  . SER A 1 8   ? -13.107 -6.397  -3.194  1.00 53.94  ? 4   SER A CA  1 
ATOM   42   C C   . SER A 1 8   ? -13.839 -5.687  -2.064  1.00 53.48  ? 4   SER A C   1 
ATOM   43   O O   . SER A 1 8   ? -14.253 -6.320  -1.102  1.00 60.98  ? 4   SER A O   1 
ATOM   44   C CB  . SER A 1 8   ? -14.122 -7.082  -4.103  1.00 51.56  ? 4   SER A CB  1 
ATOM   45   O OG  . SER A 1 8   ? -13.587 -7.214  -5.399  1.00 58.22  ? 4   SER A OG  1 
ATOM   46   N N   . GLY A 1 9   ? -14.058 -4.385  -2.234  1.00 56.34  ? 5   GLY A N   1 
ATOM   47   C CA  . GLY A 1 9   ? -14.853 -3.613  -1.295  1.00 49.99  ? 5   GLY A CA  1 
ATOM   48   C C   . GLY A 1 9   ? -14.158 -2.307  -0.894  1.00 66.75  ? 5   GLY A C   1 
ATOM   49   O O   . GLY A 1 9   ? -13.180 -1.864  -1.511  1.00 57.89  ? 5   GLY A O   1 
ATOM   50   N N   . ASN A 1 10  ? -14.709 -1.683  0.147   1.00 64.83  ? 6   ASN A N   1 
ATOM   51   C CA  . ASN A 1 10  ? -14.393 -0.318  0.509   1.00 58.28  ? 6   ASN A CA  1 
ATOM   52   C C   . ASN A 1 10  ? -13.928 -0.402  1.942   1.00 58.00  ? 6   ASN A C   1 
ATOM   53   O O   . ASN A 1 10  ? -14.684 -0.917  2.761   1.00 60.99  ? 6   ASN A O   1 
ATOM   54   C CB  . ASN A 1 10  ? -15.617 0.607   0.487   1.00 59.41  ? 6   ASN A CB  1 
ATOM   55   C CG  . ASN A 1 10  ? -16.120 0.895   -0.912  1.00 66.57  ? 6   ASN A CG  1 
ATOM   56   O OD1 . ASN A 1 10  ? -15.479 1.604   -1.676  1.00 62.42  ? 6   ASN A OD1 1 
ATOM   57   N ND2 . ASN A 1 10  ? -17.280 0.365   -1.260  1.00 74.91  ? 6   ASN A ND2 1 
ATOM   58   N N   . TRP A 1 11  ? -12.690 0.065   2.186   1.00 52.73  ? 7   TRP A N   1 
ATOM   59   C CA  . TRP A 1 11  ? -11.966 -0.130  3.434   1.00 45.66  ? 7   TRP A CA  1 
ATOM   60   C C   . TRP A 1 11  ? -11.598 1.217   4.032   1.00 48.30  ? 7   TRP A C   1 
ATOM   61   O O   . TRP A 1 11  ? -11.256 2.136   3.295   1.00 55.44  ? 7   TRP A O   1 
ATOM   62   C CB  . TRP A 1 11  ? -10.712 -0.935  3.126   1.00 42.89  ? 7   TRP A CB  1 
ATOM   63   C CG  . TRP A 1 11  ? -10.974 -2.277  2.514   1.00 48.16  ? 7   TRP A CG  1 
ATOM   64   C CD1 . TRP A 1 11  ? -11.069 -2.596  1.184   1.00 49.70  ? 7   TRP A CD1 1 
ATOM   65   C CD2 . TRP A 1 11  ? -11.166 -3.504  3.233   1.00 44.75  ? 7   TRP A CD2 1 
ATOM   66   N NE1 . TRP A 1 11  ? -11.277 -3.944  1.027   1.00 45.57  ? 7   TRP A NE1 1 
ATOM   67   C CE2 . TRP A 1 11  ? -11.349 -4.524  2.268   1.00 49.86  ? 7   TRP A CE2 1 
ATOM   68   C CE3 . TRP A 1 11  ? -11.168 -3.842  4.592   1.00 46.33  ? 7   TRP A CE3 1 
ATOM   69   C CZ2 . TRP A 1 11  ? -11.565 -5.858  2.636   1.00 49.62  ? 7   TRP A CZ2 1 
ATOM   70   C CZ3 . TRP A 1 11  ? -11.350 -5.162  4.953   1.00 54.73  ? 7   TRP A CZ3 1 
ATOM   71   C CH2 . TRP A 1 11  ? -11.543 -6.159  3.986   1.00 52.34  ? 7   TRP A CH2 1 
ATOM   72   N N   . LYS A 1 12  ? -11.674 1.328   5.360   1.00 58.93  ? 8   LYS A N   1 
ATOM   73   C CA  . LYS A 1 12  ? -11.277 2.528   6.083   1.00 49.64  ? 8   LYS A CA  1 
ATOM   74   C C   . LYS A 1 12  ? -10.270 2.154   7.176   1.00 56.80  ? 8   LYS A C   1 
ATOM   75   O O   . LYS A 1 12  ? -10.418 1.125   7.834   1.00 54.17  ? 8   LYS A O   1 
ATOM   76   C CB  . LYS A 1 12  ? -12.523 3.275   6.582   1.00 60.77  ? 8   LYS A CB  1 
ATOM   77   C CG  . LYS A 1 12  ? -13.280 2.680   7.772   1.00 71.82  ? 8   LYS A CG  1 
ATOM   78   N N   . ILE A 1 13  ? -9.226  2.980   7.371   1.00 51.79  ? 9   ILE A N   1 
ATOM   79   C CA  . ILE A 1 13  ? -8.129  2.620   8.265   1.00 51.92  ? 9   ILE A CA  1 
ATOM   80   C C   . ILE A 1 13  ? -8.600  2.710   9.721   1.00 53.83  ? 9   ILE A C   1 
ATOM   81   O O   . ILE A 1 13  ? -9.406  3.572   10.031  1.00 62.42  ? 9   ILE A O   1 
ATOM   82   C CB  . ILE A 1 13  ? -6.916  3.534   7.987   1.00 49.60  ? 9   ILE A CB  1 
ATOM   83   C CG1 . ILE A 1 13  ? -5.667  3.101   8.756   1.00 48.23  ? 9   ILE A CG1 1 
ATOM   84   C CG2 . ILE A 1 13  ? -7.274  4.985   8.290   1.00 50.16  ? 9   ILE A CG2 1 
ATOM   85   C CD1 . ILE A 1 13  ? -4.380  3.714   8.272   1.00 44.75  ? 9   ILE A CD1 1 
ATOM   86   N N   . ILE A 1 14  ? -8.081  1.842   10.611  1.00 60.33  ? 10  ILE A N   1 
ATOM   87   C CA  . ILE A 1 14  ? -8.356  1.921   12.047  1.00 59.57  ? 10  ILE A CA  1 
ATOM   88   C C   . ILE A 1 14  ? -7.060  1.948   12.883  1.00 65.49  ? 10  ILE A C   1 
ATOM   89   O O   . ILE A 1 14  ? -7.081  2.302   14.060  1.00 61.39  ? 10  ILE A O   1 
ATOM   90   C CB  . ILE A 1 14  ? -9.340  0.815   12.512  1.00 56.70  ? 10  ILE A CB  1 
ATOM   91   C CG1 . ILE A 1 14  ? -8.723  -0.578  12.415  1.00 60.29  ? 10  ILE A CG1 1 
ATOM   92   C CG2 . ILE A 1 14  ? -10.682 0.897   11.791  1.00 55.16  ? 10  ILE A CG2 1 
ATOM   93   C CD1 . ILE A 1 14  ? -9.415  -1.624  13.263  1.00 62.88  ? 10  ILE A CD1 1 
ATOM   94   N N   . ARG A 1 15  ? -5.919  1.547   12.313  1.00 60.10  ? 11  ARG A N   1 
ATOM   95   C CA  . ARG A 1 15  ? -4.640  1.665   13.007  1.00 69.16  ? 11  ARG A CA  1 
ATOM   96   C C   . ARG A 1 15  ? -3.550  1.935   11.977  1.00 68.83  ? 11  ARG A C   1 
ATOM   97   O O   . ARG A 1 15  ? -3.682  1.524   10.828  1.00 63.43  ? 11  ARG A O   1 
ATOM   98   C CB  . ARG A 1 15  ? -4.230  0.355   13.686  1.00 59.96  ? 11  ARG A CB  1 
ATOM   99   C CG  . ARG A 1 15  ? -4.689  0.221   15.125  1.00 80.37  ? 11  ARG A CG  1 
ATOM   100  C CD  . ARG A 1 15  ? -3.853  -0.774  15.907  1.00 72.02  ? 11  ARG A CD  1 
ATOM   101  N NE  . ARG A 1 15  ? -3.979  -2.149  15.451  1.00 78.75  ? 11  ARG A NE  1 
ATOM   102  C CZ  . ARG A 1 15  ? -5.097  -2.881  15.503  1.00 79.38  ? 11  ARG A CZ  1 
ATOM   103  N NH1 . ARG A 1 15  ? -6.217  -2.355  15.978  1.00 80.70  ? 11  ARG A NH1 1 
ATOM   104  N NH2 . ARG A 1 15  ? -5.085  -4.132  15.062  1.00 72.12  ? 11  ARG A NH2 1 
ATOM   105  N N   . SER A 1 16  ? -2.448  2.546   12.422  1.00 60.70  ? 12  SER A N   1 
ATOM   106  C CA  . SER A 1 16  ? -1.376  2.966   11.544  1.00 65.87  ? 12  SER A CA  1 
ATOM   107  C C   . SER A 1 16  ? -0.097  3.061   12.374  1.00 74.36  ? 12  SER A C   1 
ATOM   108  O O   . SER A 1 16  ? 0.144   4.079   13.039  1.00 69.96  ? 12  SER A O   1 
ATOM   109  C CB  . SER A 1 16  ? -1.754  4.278   10.855  1.00 63.45  ? 12  SER A CB  1 
ATOM   110  O OG  . SER A 1 16  ? -0.793  4.652   9.875   1.00 56.06  ? 12  SER A OG  1 
ATOM   111  N N   . GLU A 1 17  ? 0.685   1.968   12.358  1.00 62.67  ? 13  GLU A N   1 
ATOM   112  C CA  . GLU A 1 17  ? 1.883   1.857   13.185  1.00 63.45  ? 13  GLU A CA  1 
ATOM   113  C C   . GLU A 1 17  ? 3.141   1.992   12.324  1.00 62.18  ? 13  GLU A C   1 
ATOM   114  O O   . GLU A 1 17  ? 3.206   1.445   11.227  1.00 64.31  ? 13  GLU A O   1 
ATOM   115  C CB  . GLU A 1 17  ? 1.790   0.585   14.025  1.00 72.68  ? 13  GLU A CB  1 
ATOM   116  C CG  . GLU A 1 17  ? 3.123   -0.088  14.314  1.00 92.85  ? 13  GLU A CG  1 
ATOM   117  C CD  . GLU A 1 17  ? 2.998   -1.575  14.634  1.00 104.78 ? 13  GLU A CD  1 
ATOM   118  O OE1 . GLU A 1 17  ? 2.103   -1.925  15.438  1.00 104.01 ? 13  GLU A OE1 1 
ATOM   119  O OE2 . GLU A 1 17  ? 3.782   -2.391  14.065  1.00 86.11  ? 13  GLU A OE2 1 
ATOM   120  N N   . ASN A 1 18  ? 4.085   2.823   12.780  1.00 51.63  ? 14  ASN A N   1 
ATOM   121  C CA  . ASN A 1 18  ? 5.390   3.088   12.170  1.00 53.89  ? 14  ASN A CA  1 
ATOM   122  C C   . ASN A 1 18  ? 5.356   3.897   10.876  1.00 53.46  ? 14  ASN A C   1 
ATOM   123  O O   . ASN A 1 18  ? 6.365   3.916   10.172  1.00 56.00  ? 14  ASN A O   1 
ATOM   124  C CB  . ASN A 1 18  ? 6.259   1.855   11.903  1.00 66.08  ? 14  ASN A CB  1 
ATOM   125  C CG  . ASN A 1 18  ? 6.760   1.232   13.178  1.00 79.13  ? 14  ASN A CG  1 
ATOM   126  O OD1 . ASN A 1 18  ? 6.988   1.928   14.169  1.00 86.04  ? 14  ASN A OD1 1 
ATOM   127  N ND2 . ASN A 1 18  ? 6.879   -0.083  13.169  1.00 73.67  ? 14  ASN A ND2 1 
ATOM   128  N N   . PHE A 1 19  ? 4.268   4.624   10.584  1.00 47.33  ? 15  PHE A N   1 
ATOM   129  C CA  . PHE A 1 19  ? 4.235   5.382   9.339   1.00 45.23  ? 15  PHE A CA  1 
ATOM   130  C C   . PHE A 1 19  ? 5.322   6.453   9.314   1.00 53.70  ? 15  PHE A C   1 
ATOM   131  O O   . PHE A 1 19  ? 5.984   6.666   8.295   1.00 56.20  ? 15  PHE A O   1 
ATOM   132  C CB  . PHE A 1 19  ? 2.850   5.999   9.140   1.00 51.43  ? 15  PHE A CB  1 
ATOM   133  C CG  . PHE A 1 19  ? 2.631   6.594   7.779   1.00 56.80  ? 15  PHE A CG  1 
ATOM   134  C CD1 . PHE A 1 19  ? 2.944   5.879   6.632   1.00 59.19  ? 15  PHE A CD1 1 
ATOM   135  C CD2 . PHE A 1 19  ? 2.097   7.859   7.641   1.00 60.60  ? 15  PHE A CD2 1 
ATOM   136  C CE1 . PHE A 1 19  ? 2.745   6.426   5.373   1.00 65.41  ? 15  PHE A CE1 1 
ATOM   137  C CE2 . PHE A 1 19  ? 1.898   8.407   6.382   1.00 66.09  ? 15  PHE A CE2 1 
ATOM   138  C CZ  . PHE A 1 19  ? 2.214   7.690   5.248   1.00 63.97  ? 15  PHE A CZ  1 
ATOM   139  N N   . GLU A 1 20  ? 5.505   7.125   10.458  1.00 49.69  ? 16  GLU A N   1 
ATOM   140  C CA  . GLU A 1 20  ? 6.392   8.268   10.554  1.00 53.50  ? 16  GLU A CA  1 
ATOM   141  C C   . GLU A 1 20  ? 7.825   7.827   10.265  1.00 53.67  ? 16  GLU A C   1 
ATOM   142  O O   . GLU A 1 20  ? 8.528   8.486   9.508   1.00 54.86  ? 16  GLU A O   1 
ATOM   143  C CB  . GLU A 1 20  ? 6.246   8.899   11.944  1.00 58.40  ? 16  GLU A CB  1 
ATOM   144  C CG  . GLU A 1 20  ? 7.141   10.105  12.137  1.00 70.73  ? 16  GLU A CG  1 
ATOM   145  C CD  . GLU A 1 20  ? 6.971   10.926  13.414  1.00 82.99  ? 16  GLU A CD  1 
ATOM   146  O OE1 . GLU A 1 20  ? 6.148   10.557  14.306  1.00 77.30  ? 16  GLU A OE1 1 
ATOM   147  O OE2 . GLU A 1 20  ? 7.676   11.952  13.509  1.00 82.65  ? 16  GLU A OE2 1 
ATOM   148  N N   . GLU A 1 21  ? 8.244   6.707   10.870  1.00 53.58  ? 17  GLU A N   1 
ATOM   149  C CA  . GLU A 1 21  ? 9.597   6.190   10.722  1.00 60.31  ? 17  GLU A CA  1 
ATOM   150  C C   . GLU A 1 21  ? 9.859   5.670   9.299   1.00 56.78  ? 17  GLU A C   1 
ATOM   151  O O   . GLU A 1 21  ? 10.961  5.818   8.778   1.00 55.98  ? 17  GLU A O   1 
ATOM   152  C CB  . GLU A 1 21  ? 9.978   5.268   11.888  1.00 62.07  ? 17  GLU A CB  1 
ATOM   153  C CG  . GLU A 1 21  ? 8.795   4.627   12.581  1.00 80.57  ? 17  GLU A CG  1 
ATOM   154  C CD  . GLU A 1 21  ? 8.093   5.391   13.701  1.00 91.32  ? 17  GLU A CD  1 
ATOM   155  O OE1 . GLU A 1 21  ? 6.926   5.812   13.493  1.00 81.48  ? 17  GLU A OE1 1 
ATOM   156  O OE2 . GLU A 1 21  ? 8.677   5.509   14.805  1.00 92.20  ? 17  GLU A OE2 1 
ATOM   157  N N   . LEU A 1 22  ? 8.846   5.093   8.642   1.00 58.21  ? 18  LEU A N   1 
ATOM   158  C CA  . LEU A 1 22  ? 8.945   4.788   7.216   1.00 56.54  ? 18  LEU A CA  1 
ATOM   159  C C   . LEU A 1 22  ? 9.328   6.049   6.424   1.00 50.61  ? 18  LEU A C   1 
ATOM   160  O O   . LEU A 1 22  ? 10.267  6.043   5.640   1.00 56.54  ? 18  LEU A O   1 
ATOM   161  C CB  . LEU A 1 22  ? 7.621   4.186   6.720   1.00 52.44  ? 18  LEU A CB  1 
ATOM   162  C CG  . LEU A 1 22  ? 7.604   3.751   5.257   1.00 60.41  ? 18  LEU A CG  1 
ATOM   163  C CD1 . LEU A 1 22  ? 8.138   2.350   5.103   1.00 55.67  ? 18  LEU A CD1 1 
ATOM   164  C CD2 . LEU A 1 22  ? 6.213   3.807   4.674   1.00 57.87  ? 18  LEU A CD2 1 
ATOM   165  N N   . LEU A 1 23  ? 8.610   7.154   6.635   1.00 51.88  ? 19  LEU A N   1 
ATOM   166  C CA  . LEU A 1 23  ? 8.861   8.375   5.880   1.00 51.15  ? 19  LEU A CA  1 
ATOM   167  C C   . LEU A 1 23  ? 10.219  8.979   6.224   1.00 53.34  ? 19  LEU A C   1 
ATOM   168  O O   . LEU A 1 23  ? 10.833  9.632   5.379   1.00 59.56  ? 19  LEU A O   1 
ATOM   169  C CB  . LEU A 1 23  ? 7.750   9.390   6.155   1.00 51.94  ? 19  LEU A CB  1 
ATOM   170  C CG  . LEU A 1 23  ? 6.366   8.995   5.651   1.00 56.35  ? 19  LEU A CG  1 
ATOM   171  C CD1 . LEU A 1 23  ? 5.349   10.033  6.087   1.00 62.89  ? 19  LEU A CD1 1 
ATOM   172  C CD2 . LEU A 1 23  ? 6.362   8.855   4.131   1.00 54.07  ? 19  LEU A CD2 1 
ATOM   173  N N   . LYS A 1 24  ? 10.686  8.778   7.454   1.00 55.23  ? 20  LYS A N   1 
ATOM   174  C CA  . LYS A 1 24  ? 11.998  9.294   7.804   1.00 58.60  ? 20  LYS A CA  1 
ATOM   175  C C   . LYS A 1 24  ? 13.061  8.609   6.953   1.00 60.89  ? 20  LYS A C   1 
ATOM   176  O O   . LYS A 1 24  ? 13.918  9.273   6.384   1.00 65.34  ? 20  LYS A O   1 
ATOM   177  C CB  . LYS A 1 24  ? 12.299  9.074   9.283   1.00 57.16  ? 20  LYS A CB  1 
ATOM   178  C CG  . LYS A 1 24  ? 13.641  9.645   9.707   1.00 62.77  ? 20  LYS A CG  1 
ATOM   179  C CD  . LYS A 1 24  ? 13.806  9.619   11.209  1.00 72.97  ? 20  LYS A CD  1 
ATOM   180  C CE  . LYS A 1 24  ? 15.045  10.361  11.655  1.00 82.34  ? 20  LYS A CE  1 
ATOM   181  N NZ  . LYS A 1 24  ? 15.484  9.885   12.984  1.00 91.43  ? 20  LYS A NZ  1 
ATOM   182  N N   . VAL A 1 25  ? 12.983  7.277   6.867   1.00 65.88  ? 21  VAL A N   1 
ATOM   183  C CA  . VAL A 1 25  ? 13.881  6.448   6.074   1.00 55.73  ? 21  VAL A CA  1 
ATOM   184  C C   . VAL A 1 25  ? 13.857  6.909   4.614   1.00 60.68  ? 21  VAL A C   1 
ATOM   185  O O   . VAL A 1 25  ? 14.864  6.886   3.924   1.00 67.26  ? 21  VAL A O   1 
ATOM   186  C CB  . VAL A 1 25  ? 13.471  4.966   6.224   1.00 58.03  ? 21  VAL A CB  1 
ATOM   187  C CG1 . VAL A 1 25  ? 13.989  4.111   5.089   1.00 64.32  ? 21  VAL A CG1 1 
ATOM   188  C CG2 . VAL A 1 25  ? 13.914  4.380   7.552   1.00 56.92  ? 21  VAL A CG2 1 
ATOM   189  N N   . LEU A 1 26  ? 12.696  7.344   4.130   1.00 62.53  ? 22  LEU A N   1 
ATOM   190  C CA  . LEU A 1 26  ? 12.589  7.845   2.773   1.00 59.23  ? 22  LEU A CA  1 
ATOM   191  C C   . LEU A 1 26  ? 12.968  9.333   2.724   1.00 68.65  ? 22  LEU A C   1 
ATOM   192  O O   . LEU A 1 26  ? 12.699  10.027  1.737   1.00 68.91  ? 22  LEU A O   1 
ATOM   193  C CB  . LEU A 1 26  ? 11.134  7.636   2.335   1.00 60.88  ? 22  LEU A CB  1 
ATOM   194  C CG  . LEU A 1 26  ? 10.623  6.195   2.269   1.00 65.06  ? 22  LEU A CG  1 
ATOM   195  C CD1 . LEU A 1 26  ? 9.144   6.182   1.925   1.00 71.30  ? 22  LEU A CD1 1 
ATOM   196  C CD2 . LEU A 1 26  ? 11.366  5.401   1.215   1.00 68.07  ? 22  LEU A CD2 1 
ATOM   197  N N   . GLY A 1 27  ? 13.529  9.870   3.813   1.00 68.74  ? 23  GLY A N   1 
ATOM   198  C CA  . GLY A 1 27  ? 14.138  11.198  3.779   1.00 61.35  ? 23  GLY A CA  1 
ATOM   199  C C   . GLY A 1 27  ? 13.156  12.375  3.758   1.00 60.11  ? 23  GLY A C   1 
ATOM   200  O O   . GLY A 1 27  ? 13.509  13.460  3.327   1.00 67.35  ? 23  GLY A O   1 
ATOM   201  N N   . VAL A 1 28  ? 11.940  12.177  4.273   1.00 59.84  ? 24  VAL A N   1 
ATOM   202  C CA  . VAL A 1 28  ? 10.943  13.224  4.393   1.00 56.69  ? 24  VAL A CA  1 
ATOM   203  C C   . VAL A 1 28  ? 11.226  13.979  5.683   1.00 58.77  ? 24  VAL A C   1 
ATOM   204  O O   . VAL A 1 28  ? 11.461  13.353  6.716   1.00 75.61  ? 24  VAL A O   1 
ATOM   205  C CB  . VAL A 1 28  ? 9.537   12.599  4.413   1.00 56.45  ? 24  VAL A CB  1 
ATOM   206  C CG1 . VAL A 1 28  ? 8.444   13.603  4.691   1.00 52.75  ? 24  VAL A CG1 1 
ATOM   207  C CG2 . VAL A 1 28  ? 9.246   11.869  3.117   1.00 58.02  ? 24  VAL A CG2 1 
ATOM   208  N N   . ASN A 1 29  ? 11.152  15.311  5.618   1.00 57.26  ? 25  ASN A N   1 
ATOM   209  C CA  . ASN A 1 29  ? 11.429  16.198  6.745   1.00 60.89  ? 25  ASN A CA  1 
ATOM   210  C C   . ASN A 1 29  ? 10.330  16.140  7.814   1.00 61.29  ? 25  ASN A C   1 
ATOM   211  O O   . ASN A 1 29  ? 9.185   15.738  7.556   1.00 64.50  ? 25  ASN A O   1 
ATOM   212  C CB  . ASN A 1 29  ? 11.755  17.620  6.282   1.00 70.78  ? 25  ASN A CB  1 
ATOM   213  C CG  . ASN A 1 29  ? 10.542  18.418  5.811   1.00 92.10  ? 25  ASN A CG  1 
ATOM   214  O OD1 . ASN A 1 29  ? 9.723   18.910  6.603   1.00 87.65  ? 25  ASN A OD1 1 
ATOM   215  N ND2 . ASN A 1 29  ? 10.432  18.595  4.502   1.00 101.69 ? 25  ASN A ND2 1 
ATOM   216  N N   . VAL A 1 30  ? 10.684  16.612  9.015   1.00 51.30  ? 26  VAL A N   1 
ATOM   217  C CA  . VAL A 1 30  ? 9.912   16.415  10.233  1.00 56.90  ? 26  VAL A CA  1 
ATOM   218  C C   . VAL A 1 30  ? 8.502   16.967  10.033  1.00 55.91  ? 26  VAL A C   1 
ATOM   219  O O   . VAL A 1 30  ? 7.515   16.266  10.288  1.00 58.00  ? 26  VAL A O   1 
ATOM   220  C CB  . VAL A 1 30  ? 10.570  17.021  11.498  1.00 54.01  ? 26  VAL A CB  1 
ATOM   221  C CG1 . VAL A 1 30  ? 9.842   16.533  12.745  1.00 51.77  ? 26  VAL A CG1 1 
ATOM   222  C CG2 . VAL A 1 30  ? 12.046  16.661  11.599  1.00 65.88  ? 26  VAL A CG2 1 
ATOM   223  N N   . MET A 1 31  ? 8.418   18.232  9.599   1.00 54.27  ? 27  MET A N   1 
ATOM   224  C CA  . MET A 1 31  ? 7.121   18.890  9.520   1.00 60.77  ? 27  MET A CA  1 
ATOM   225  C C   . MET A 1 31  ? 6.190   18.160  8.529   1.00 50.03  ? 27  MET A C   1 
ATOM   226  O O   . MET A 1 31  ? 5.017   17.967  8.830   1.00 48.08  ? 27  MET A O   1 
ATOM   227  C CB  . MET A 1 31  ? 7.245   20.394  9.235   1.00 62.23  ? 27  MET A CB  1 
ATOM   228  C CG  . MET A 1 31  ? 5.926   21.144  9.391   1.00 80.15  ? 27  MET A CG  1 
ATOM   229  S SD  . MET A 1 31  ? 5.616   22.588  8.314   1.00 100.21 ? 27  MET A SD  1 
ATOM   230  C CE  . MET A 1 31  ? 5.515   21.845  6.678   1.00 72.11  ? 27  MET A CE  1 
ATOM   231  N N   . LEU A 1 32  ? 6.721   17.659  7.413   1.00 48.41  ? 28  LEU A N   1 
ATOM   232  C CA  . LEU A 1 32  ? 5.905   16.923  6.453   1.00 49.73  ? 28  LEU A CA  1 
ATOM   233  C C   . LEU A 1 32  ? 5.547   15.532  6.957   1.00 56.00  ? 28  LEU A C   1 
ATOM   234  O O   . LEU A 1 32  ? 4.441   15.049  6.692   1.00 59.93  ? 28  LEU A O   1 
ATOM   235  C CB  . LEU A 1 32  ? 6.628   16.830  5.109   1.00 58.28  ? 28  LEU A CB  1 
ATOM   236  C CG  . LEU A 1 32  ? 6.837   18.159  4.392   1.00 61.81  ? 28  LEU A CG  1 
ATOM   237  C CD1 . LEU A 1 32  ? 7.513   17.938  3.056   1.00 71.13  ? 28  LEU A CD1 1 
ATOM   238  C CD2 . LEU A 1 32  ? 5.520   18.884  4.208   1.00 65.07  ? 28  LEU A CD2 1 
ATOM   239  N N   . ARG A 1 33  ? 6.449   14.892  7.714   1.00 55.05  ? 29  ARG A N   1 
ATOM   240  C CA  . ARG A 1 33  ? 6.078   13.603  8.278   1.00 48.37  ? 29  ARG A CA  1 
ATOM   241  C C   . ARG A 1 33  ? 4.853   13.779  9.157   1.00 51.15  ? 29  ARG A C   1 
ATOM   242  O O   . ARG A 1 33  ? 3.980   12.914  9.158   1.00 52.48  ? 29  ARG A O   1 
ATOM   243  C CB  . ARG A 1 33  ? 7.178   12.979  9.140   1.00 51.55  ? 29  ARG A CB  1 
ATOM   244  C CG  . ARG A 1 33  ? 8.508   12.818  8.423   1.00 57.24  ? 29  ARG A CG  1 
ATOM   245  C CD  . ARG A 1 33  ? 9.346   11.814  9.161   1.00 50.83  ? 29  ARG A CD  1 
ATOM   246  N NE  . ARG A 1 33  ? 9.987   12.211  10.414  1.00 60.60  ? 29  ARG A NE  1 
ATOM   247  C CZ  . ARG A 1 33  ? 11.156  12.855  10.517  1.00 58.69  ? 29  ARG A CZ  1 
ATOM   248  N NH1 . ARG A 1 33  ? 11.793  13.279  9.438   1.00 51.03  ? 29  ARG A NH1 1 
ATOM   249  N NH2 . ARG A 1 33  ? 11.655  13.122  11.709  1.00 61.15  ? 29  ARG A NH2 1 
ATOM   250  N N   . LYS A 1 34  ? 4.820   14.884  9.922   1.00 51.21  ? 30  LYS A N   1 
ATOM   251  C CA  . LYS A 1 34  ? 3.769   15.082  10.919  1.00 55.28  ? 30  LYS A CA  1 
ATOM   252  C C   . LYS A 1 34  ? 2.429   15.354  10.233  1.00 56.20  ? 30  LYS A C   1 
ATOM   253  O O   . LYS A 1 34  ? 1.381   14.871  10.655  1.00 50.61  ? 30  LYS A O   1 
ATOM   254  C CB  . LYS A 1 34  ? 4.172   16.200  11.890  1.00 53.60  ? 30  LYS A CB  1 
ATOM   255  C CG  . LYS A 1 34  ? 5.421   15.916  12.718  1.00 51.96  ? 30  LYS A CG  1 
ATOM   256  C CD  . LYS A 1 34  ? 5.373   14.631  13.558  1.00 51.99  ? 30  LYS A CD  1 
ATOM   257  C CE  . LYS A 1 34  ? 6.488   14.565  14.582  1.00 49.84  ? 30  LYS A CE  1 
ATOM   258  N NZ  . LYS A 1 34  ? 6.404   13.378  15.472  1.00 49.73  ? 30  LYS A NZ  1 
ATOM   259  N N   . ILE A 1 35  ? 2.486   16.131  9.148   1.00 54.21  ? 31  ILE A N   1 
ATOM   260  C CA  . ILE A 1 35  ? 1.321   16.420  8.331   1.00 55.48  ? 31  ILE A CA  1 
ATOM   261  C C   . ILE A 1 35  ? 0.859   15.161  7.576   1.00 49.83  ? 31  ILE A C   1 
ATOM   262  O O   . ILE A 1 35  ? -0.342  14.957  7.357   1.00 51.03  ? 31  ILE A O   1 
ATOM   263  C CB  . ILE A 1 35  ? 1.665   17.635  7.451   1.00 58.04  ? 31  ILE A CB  1 
ATOM   264  C CG1 . ILE A 1 35  ? 1.567   18.917  8.281   1.00 54.32  ? 31  ILE A CG1 1 
ATOM   265  C CG2 . ILE A 1 35  ? 0.777   17.707  6.229   1.00 61.11  ? 31  ILE A CG2 1 
ATOM   266  C CD1 . ILE A 1 35  ? 2.242   20.104  7.644   1.00 68.56  ? 31  ILE A CD1 1 
ATOM   267  N N   . ALA A 1 36  ? 1.799   14.262  7.263   1.00 46.38  ? 32  ALA A N   1 
ATOM   268  C CA  . ALA A 1 36  ? 1.463   13.020  6.588   1.00 49.22  ? 32  ALA A CA  1 
ATOM   269  C C   . ALA A 1 36  ? 0.847   12.040  7.583   1.00 54.53  ? 32  ALA A C   1 
ATOM   270  O O   . ALA A 1 36  ? -0.052  11.268  7.244   1.00 51.95  ? 32  ALA A O   1 
ATOM   271  C CB  . ALA A 1 36  ? 2.694   12.441  5.944   1.00 47.94  ? 32  ALA A CB  1 
ATOM   272  N N   . VAL A 1 37  ? 1.301   12.106  8.837   1.00 52.79  ? 33  VAL A N   1 
ATOM   273  C CA  . VAL A 1 37  ? 0.708   11.239  9.843   1.00 51.50  ? 33  VAL A CA  1 
ATOM   274  C C   . VAL A 1 37  ? -0.747  11.645  10.061  1.00 49.65  ? 33  VAL A C   1 
ATOM   275  O O   . VAL A 1 37  ? -1.602  10.772  10.104  1.00 56.74  ? 33  VAL A O   1 
ATOM   276  C CB  . VAL A 1 37  ? 1.535   11.109  11.155  1.00 50.01  ? 33  VAL A CB  1 
ATOM   277  C CG1 . VAL A 1 37  ? 0.761   10.399  12.265  1.00 37.18  ? 33  VAL A CG1 1 
ATOM   278  C CG2 . VAL A 1 37  ? 2.813   10.325  10.892  1.00 46.11  ? 33  VAL A CG2 1 
ATOM   279  N N   . ALA A 1 38  ? -1.012  12.953  10.209  1.00 49.90  ? 34  ALA A N   1 
ATOM   280  C CA  . ALA A 1 38  ? -2.377  13.442  10.374  1.00 49.04  ? 34  ALA A CA  1 
ATOM   281  C C   . ALA A 1 38  ? -3.227  13.022  9.170   1.00 52.48  ? 34  ALA A C   1 
ATOM   282  O O   . ALA A 1 38  ? -4.333  12.518  9.334   1.00 55.89  ? 34  ALA A O   1 
ATOM   283  C CB  . ALA A 1 38  ? -2.371  14.947  10.529  1.00 39.92  ? 34  ALA A CB  1 
ATOM   284  N N   . ALA A 1 39  ? -2.706  13.209  7.953   1.00 50.83  ? 35  ALA A N   1 
ATOM   285  C CA  . ALA A 1 39  ? -3.494  12.921  6.751   1.00 52.89  ? 35  ALA A CA  1 
ATOM   286  C C   . ALA A 1 39  ? -3.840  11.435  6.664   1.00 57.01  ? 35  ALA A C   1 
ATOM   287  O O   . ALA A 1 39  ? -4.797  11.085  5.978   1.00 65.07  ? 35  ALA A O   1 
ATOM   288  C CB  . ALA A 1 39  ? -2.752  13.337  5.499   1.00 41.17  ? 35  ALA A CB  1 
ATOM   289  N N   . ALA A 1 40  ? -3.044  10.584  7.336   1.00 60.12  ? 36  ALA A N   1 
ATOM   290  C CA  . ALA A 1 40  ? -3.076  9.133   7.184   1.00 59.77  ? 36  ALA A CA  1 
ATOM   291  C C   . ALA A 1 40  ? -4.214  8.518   7.986   1.00 64.93  ? 36  ALA A C   1 
ATOM   292  O O   . ALA A 1 40  ? -4.579  7.383   7.741   1.00 65.98  ? 36  ALA A O   1 
ATOM   293  C CB  . ALA A 1 40  ? -1.774  8.504   7.599   1.00 57.57  ? 36  ALA A CB  1 
ATOM   294  N N   . SER A 1 41  ? -4.796  9.265   8.921   1.00 62.79  ? 37  SER A N   1 
ATOM   295  C CA  . SER A 1 41  ? -5.896  8.691   9.677   1.00 67.83  ? 37  SER A CA  1 
ATOM   296  C C   . SER A 1 41  ? -7.205  8.782   8.887   1.00 67.43  ? 37  SER A C   1 
ATOM   297  O O   . SER A 1 41  ? -8.240  8.329   9.374   1.00 59.96  ? 37  SER A O   1 
ATOM   298  C CB  . SER A 1 41  ? -6.015  9.350   11.023  1.00 73.93  ? 37  SER A CB  1 
ATOM   299  O OG  . SER A 1 41  ? -6.398  10.694  10.835  1.00 65.72  ? 37  SER A OG  1 
ATOM   300  N N   . LYS A 1 42  ? -7.144  9.351   7.669   1.00 58.07  ? 38  LYS A N   1 
ATOM   301  C CA  . LYS A 1 42  ? -8.280  9.364   6.758   1.00 63.09  ? 38  LYS A CA  1 
ATOM   302  C C   . LYS A 1 42  ? -7.999  8.510   5.508   1.00 59.71  ? 38  LYS A C   1 
ATOM   303  O O   . LYS A 1 42  ? -8.634  8.703   4.477   1.00 59.35  ? 38  LYS A O   1 
ATOM   304  C CB  . LYS A 1 42  ? -8.688  10.810  6.429   1.00 70.54  ? 38  LYS A CB  1 
ATOM   305  C CG  . LYS A 1 42  ? -9.140  11.668  7.612   1.00 75.65  ? 38  LYS A CG  1 
ATOM   306  N N   . TYR A 1 43  ? -7.060  7.551   5.578   1.00 52.91  ? 39  TYR A N   1 
ATOM   307  C CA  . TYR A 1 43  ? -6.875  6.645   4.451   1.00 53.00  ? 39  TYR A CA  1 
ATOM   308  C C   . TYR A 1 43  ? -8.100  5.777   4.207   1.00 49.76  ? 39  TYR A C   1 
ATOM   309  O O   . TYR A 1 43  ? -8.601  5.136   5.107   1.00 56.29  ? 39  TYR A O   1 
ATOM   310  C CB  . TYR A 1 43  ? -5.727  5.662   4.654   1.00 51.01  ? 39  TYR A CB  1 
ATOM   311  C CG  . TYR A 1 43  ? -4.403  6.180   4.187   1.00 52.00  ? 39  TYR A CG  1 
ATOM   312  C CD1 . TYR A 1 43  ? -4.232  6.682   2.906   1.00 57.66  ? 39  TYR A CD1 1 
ATOM   313  C CD2 . TYR A 1 43  ? -3.317  6.188   5.046   1.00 65.17  ? 39  TYR A CD2 1 
ATOM   314  C CE1 . TYR A 1 43  ? -2.999  7.158   2.481   1.00 58.22  ? 39  TYR A CE1 1 
ATOM   315  C CE2 . TYR A 1 43  ? -2.082  6.667   4.641   1.00 61.09  ? 39  TYR A CE2 1 
ATOM   316  C CZ  . TYR A 1 43  ? -1.926  7.158   3.358   1.00 57.57  ? 39  TYR A CZ  1 
ATOM   317  O OH  . TYR A 1 43  ? -0.699  7.624   2.990   1.00 57.68  ? 39  TYR A OH  1 
ATOM   318  N N   . ALA A 1 44  ? -8.553  5.754   2.958   1.00 50.63  ? 40  ALA A N   1 
ATOM   319  C CA  . ALA A 1 44  ? -9.638  4.892   2.531   1.00 51.23  ? 40  ALA A CA  1 
ATOM   320  C C   . ALA A 1 44  ? -9.121  4.104   1.334   1.00 48.57  ? 40  ALA A C   1 
ATOM   321  O O   . ALA A 1 44  ? -8.323  4.606   0.557   1.00 62.29  ? 40  ALA A O   1 
ATOM   322  C CB  . ALA A 1 44  ? -10.868 5.713   2.170   1.00 38.11  ? 40  ALA A CB  1 
ATOM   323  N N   . VAL A 1 45  ? -9.582  2.872   1.173   1.00 51.67  ? 41  VAL A N   1 
ATOM   324  C CA  . VAL A 1 45  ? -9.079  2.049   0.087   1.00 52.78  ? 41  VAL A CA  1 
ATOM   325  C C   . VAL A 1 45  ? -10.283 1.414   -0.593  1.00 56.00  ? 41  VAL A C   1 
ATOM   326  O O   . VAL A 1 45  ? -11.190 0.911   0.066   1.00 59.09  ? 41  VAL A O   1 
ATOM   327  C CB  . VAL A 1 45  ? -8.118  0.970   0.603   1.00 56.76  ? 41  VAL A CB  1 
ATOM   328  C CG1 . VAL A 1 45  ? -7.637  0.059   -0.514  1.00 47.84  ? 41  VAL A CG1 1 
ATOM   329  C CG2 . VAL A 1 45  ? -6.951  1.557   1.392   1.00 59.39  ? 41  VAL A CG2 1 
ATOM   330  N N   . GLU A 1 46  ? -10.306 1.470   -1.919  1.00 54.44  ? 42  GLU A N   1 
ATOM   331  C CA  . GLU A 1 46  ? -11.385 0.807   -2.616  1.00 59.24  ? 42  GLU A CA  1 
ATOM   332  C C   . GLU A 1 46  ? -10.721 -0.204  -3.547  1.00 59.02  ? 42  GLU A C   1 
ATOM   333  O O   . GLU A 1 46  ? -9.799  0.163   -4.259  1.00 60.72  ? 42  GLU A O   1 
ATOM   334  C CB  . GLU A 1 46  ? -12.350 1.818   -3.245  1.00 56.67  ? 42  GLU A CB  1 
ATOM   335  C CG  . GLU A 1 46  ? -13.370 1.163   -4.183  1.00 83.86  ? 42  GLU A CG  1 
ATOM   336  C CD  . GLU A 1 46  ? -14.097 2.008   -5.229  1.00 98.41  ? 42  GLU A CD  1 
ATOM   337  O OE1 . GLU A 1 46  ? -13.460 2.893   -5.854  1.00 109.03 ? 42  GLU A OE1 1 
ATOM   338  O OE2 . GLU A 1 46  ? -15.305 1.765   -5.439  1.00 109.52 ? 42  GLU A OE2 1 
ATOM   339  N N   . ILE A 1 47  ? -11.145 -1.476  -3.469  1.00 55.75  ? 43  ILE A N   1 
ATOM   340  C CA  . ILE A 1 47  ? -10.587 -2.547  -4.280  1.00 49.79  ? 43  ILE A CA  1 
ATOM   341  C C   . ILE A 1 47  ? -11.701 -3.207  -5.101  1.00 49.97  ? 43  ILE A C   1 
ATOM   342  O O   . ILE A 1 47  ? -12.776 -3.516  -4.578  1.00 57.17  ? 43  ILE A O   1 
ATOM   343  C CB  . ILE A 1 47  ? -9.875  -3.572  -3.367  1.00 52.84  ? 43  ILE A CB  1 
ATOM   344  C CG1 . ILE A 1 47  ? -8.821  -2.887  -2.479  1.00 48.18  ? 43  ILE A CG1 1 
ATOM   345  C CG2 . ILE A 1 47  ? -9.286  -4.706  -4.222  1.00 47.66  ? 43  ILE A CG2 1 
ATOM   346  C CD1 . ILE A 1 47  ? -7.952  -3.837  -1.657  1.00 43.00  ? 43  ILE A CD1 1 
ATOM   347  N N   . LYS A 1 48  ? -11.423 -3.456  -6.375  1.00 48.33  ? 44  LYS A N   1 
ATOM   348  C CA  . LYS A 1 48  ? -12.227 -4.360  -7.199  1.00 53.27  ? 44  LYS A CA  1 
ATOM   349  C C   . LYS A 1 48  ? -11.278 -5.433  -7.730  1.00 52.02  ? 44  LYS A C   1 
ATOM   350  O O   . LYS A 1 48  ? -10.304 -5.121  -8.416  1.00 55.48  ? 44  LYS A O   1 
ATOM   351  C CB  . LYS A 1 48  ? -12.929 -3.661  -8.377  1.00 52.74  ? 44  LYS A CB  1 
ATOM   352  C CG  . LYS A 1 48  ? -13.749 -2.412  -8.050  1.00 70.21  ? 44  LYS A CG  1 
ATOM   353  N N   . GLN A 1 49  ? -11.524 -6.683  -7.332  1.00 51.23  ? 45  GLN A N   1 
ATOM   354  C CA  . GLN A 1 49  ? -10.665 -7.796  -7.684  1.00 55.68  ? 45  GLN A CA  1 
ATOM   355  C C   . GLN A 1 49  ? -11.484 -8.732  -8.573  1.00 63.11  ? 45  GLN A C   1 
ATOM   356  O O   . GLN A 1 49  ? -12.587 -9.121  -8.195  1.00 60.04  ? 45  GLN A O   1 
ATOM   357  C CB  . GLN A 1 49  ? -10.189 -8.537  -6.424  1.00 46.27  ? 45  GLN A CB  1 
ATOM   358  C CG  . GLN A 1 49  ? -9.559  -9.898  -6.725  1.00 45.23  ? 45  GLN A CG  1 
ATOM   359  C CD  . GLN A 1 49  ? -9.246  -10.815 -5.555  1.00 58.31  ? 45  GLN A CD  1 
ATOM   360  O OE1 . GLN A 1 49  ? -9.536  -10.541 -4.377  1.00 58.02  ? 45  GLN A OE1 1 
ATOM   361  N NE2 . GLN A 1 49  ? -8.597  -11.929 -5.883  1.00 46.17  ? 45  GLN A NE2 1 
ATOM   362  N N   . GLU A 1 50  ? -10.938 -9.107  -9.737  1.00 70.72  ? 46  GLU A N   1 
ATOM   363  C CA  . GLU A 1 50  ? -11.543 -10.179 -10.514 1.00 73.15  ? 46  GLU A CA  1 
ATOM   364  C C   . GLU A 1 50  ? -10.469 -11.175 -10.932 1.00 64.65  ? 46  GLU A C   1 
ATOM   365  O O   . GLU A 1 50  ? -9.582  -10.864 -11.724 1.00 65.77  ? 46  GLU A O   1 
ATOM   366  C CB  . GLU A 1 50  ? -12.337 -9.641  -11.707 1.00 77.51  ? 46  GLU A CB  1 
ATOM   367  C CG  . GLU A 1 50  ? -13.471 -10.566 -12.108 1.00 98.56  ? 46  GLU A CG  1 
ATOM   368  C CD  . GLU A 1 50  ? -14.015 -10.350 -13.508 1.00 121.01 ? 46  GLU A CD  1 
ATOM   369  O OE1 . GLU A 1 50  ? -13.197 -10.306 -14.476 1.00 117.38 ? 46  GLU A OE1 1 
ATOM   370  O OE2 . GLU A 1 50  ? -15.256 -10.239 -13.632 1.00 127.86 ? 46  GLU A OE2 1 
ATOM   371  N N   . GLY A 1 51  ? -10.580 -12.382 -10.387 1.00 63.40  ? 47  GLY A N   1 
ATOM   372  C CA  . GLY A 1 51  ? -9.551  -13.394 -10.558 1.00 65.57  ? 47  GLY A CA  1 
ATOM   373  C C   . GLY A 1 51  ? -8.194  -12.868 -10.096 1.00 67.37  ? 47  GLY A C   1 
ATOM   374  O O   . GLY A 1 51  ? -7.989  -12.621 -8.911  1.00 66.30  ? 47  GLY A O   1 
ATOM   375  N N   . ASP A 1 52  ? -7.350  -12.613 -11.077 1.00 63.41  ? 48  ASP A N   1 
ATOM   376  C CA  . ASP A 1 52  ? -5.930  -12.361 -10.966 1.00 65.33  ? 48  ASP A CA  1 
ATOM   377  C C   . ASP A 1 52  ? -5.681  -10.852 -10.954 1.00 60.76  ? 48  ASP A C   1 
ATOM   378  O O   . ASP A 1 52  ? -4.542  -10.406 -10.844 1.00 61.98  ? 48  ASP A O   1 
ATOM   379  C CB  . ASP A 1 52  ? -5.321  -12.791 -12.307 1.00 78.45  ? 48  ASP A CB  1 
ATOM   380  C CG  . ASP A 1 52  ? -4.085  -13.654 -12.162 1.00 100.96 ? 48  ASP A CG  1 
ATOM   381  O OD1 . ASP A 1 52  ? -3.861  -14.129 -11.032 1.00 119.84 ? 48  ASP A OD1 1 
ATOM   382  O OD2 . ASP A 1 52  ? -3.346  -13.839 -13.178 1.00 103.92 ? 48  ASP A OD2 1 
ATOM   383  N N   . THR A 1 53  ? -6.734  -10.086 -11.163 1.00 53.08  ? 49  THR A N   1 
ATOM   384  C CA  . THR A 1 53  ? -6.663  -8.764  -11.777 1.00 58.42  ? 49  THR A CA  1 
ATOM   385  C C   . THR A 1 53  ? -7.235  -7.752  -10.796 1.00 50.10  ? 49  THR A C   1 
ATOM   386  O O   . THR A 1 53  ? -8.312  -7.985  -10.251 1.00 50.36  ? 49  THR A O   1 
ATOM   387  C CB  . THR A 1 53  ? -7.425  -8.700  -13.120 1.00 57.24  ? 49  THR A CB  1 
ATOM   388  O OG1 . THR A 1 53  ? -6.606  -9.297  -14.123 1.00 68.23  ? 49  THR A OG1 1 
ATOM   389  C CG2 . THR A 1 53  ? -7.673  -7.282  -13.593 1.00 61.64  ? 49  THR A CG2 1 
ATOM   390  N N   . PHE A 1 54  ? -6.537  -6.624  -10.606 1.00 49.56  ? 50  PHE A N   1 
ATOM   391  C CA  . PHE A 1 54  ? -6.923  -5.762  -9.501  1.00 48.93  ? 50  PHE A CA  1 
ATOM   392  C C   . PHE A 1 54  ? -7.031  -4.303  -9.896  1.00 48.16  ? 50  PHE A C   1 
ATOM   393  O O   . PHE A 1 54  ? -6.112  -3.734  -10.497 1.00 47.17  ? 50  PHE A O   1 
ATOM   394  C CB  . PHE A 1 54  ? -5.881  -5.813  -8.381  1.00 46.44  ? 50  PHE A CB  1 
ATOM   395  C CG  . PHE A 1 54  ? -5.985  -7.046  -7.521  1.00 50.67  ? 50  PHE A CG  1 
ATOM   396  C CD1 . PHE A 1 54  ? -5.350  -8.223  -7.887  1.00 49.92  ? 50  PHE A CD1 1 
ATOM   397  C CD2 . PHE A 1 54  ? -6.701  -7.031  -6.337  1.00 42.86  ? 50  PHE A CD2 1 
ATOM   398  C CE1 . PHE A 1 54  ? -5.438  -9.361  -7.101  1.00 52.91  ? 50  PHE A CE1 1 
ATOM   399  C CE2 . PHE A 1 54  ? -6.754  -8.161  -5.534  1.00 51.71  ? 50  PHE A CE2 1 
ATOM   400  C CZ  . PHE A 1 54  ? -6.156  -9.337  -5.930  1.00 51.18  ? 50  PHE A CZ  1 
ATOM   401  N N   . TYR A 1 55  ? -8.108  -3.680  -9.417  1.00 47.30  ? 51  TYR A N   1 
ATOM   402  C CA  . TYR A 1 55  ? -8.143  -2.227  -9.411  1.00 58.07  ? 51  TYR A CA  1 
ATOM   403  C C   . TYR A 1 55  ? -8.098  -1.735  -7.963  1.00 53.64  ? 51  TYR A C   1 
ATOM   404  O O   . TYR A 1 55  ? -8.944  -2.151  -7.178  1.00 51.91  ? 51  TYR A O   1 
ATOM   405  C CB  . TYR A 1 55  ? -9.389  -1.713  -10.146 1.00 52.24  ? 51  TYR A CB  1 
ATOM   406  C CG  . TYR A 1 55  ? -9.768  -0.291  -9.815  1.00 57.74  ? 51  TYR A CG  1 
ATOM   407  C CD1 . TYR A 1 55  ? -9.165  0.775   -10.471 1.00 72.85  ? 51  TYR A CD1 1 
ATOM   408  C CD2 . TYR A 1 55  ? -10.717 0.007   -8.839  1.00 65.35  ? 51  TYR A CD2 1 
ATOM   409  C CE1 . TYR A 1 55  ? -9.502  2.093   -10.190 1.00 72.83  ? 51  TYR A CE1 1 
ATOM   410  C CE2 . TYR A 1 55  ? -11.062 1.318   -8.538  1.00 65.07  ? 51  TYR A CE2 1 
ATOM   411  C CZ  . TYR A 1 55  ? -10.463 2.367   -9.227  1.00 70.23  ? 51  TYR A CZ  1 
ATOM   412  O OH  . TYR A 1 55  ? -10.781 3.675   -8.966  1.00 75.79  ? 51  TYR A OH  1 
ATOM   413  N N   . ILE A 1 56  ? -7.156  -0.824  -7.643  1.00 49.08  ? 52  ILE A N   1 
ATOM   414  C CA  . ILE A 1 56  ? -7.036  -0.298  -6.288  1.00 49.85  ? 52  ILE A CA  1 
ATOM   415  C C   . ILE A 1 56  ? -6.953  1.232   -6.272  1.00 50.14  ? 52  ILE A C   1 
ATOM   416  O O   . ILE A 1 56  ? -6.040  1.806   -6.854  1.00 52.79  ? 52  ILE A O   1 
ATOM   417  C CB  . ILE A 1 56  ? -5.855  -0.938  -5.519  1.00 49.11  ? 52  ILE A CB  1 
ATOM   418  C CG1 . ILE A 1 56  ? -6.043  -2.450  -5.423  1.00 51.19  ? 52  ILE A CG1 1 
ATOM   419  C CG2 . ILE A 1 56  ? -5.753  -0.327  -4.119  1.00 48.57  ? 52  ILE A CG2 1 
ATOM   420  C CD1 . ILE A 1 56  ? -4.868  -3.213  -4.856  1.00 52.27  ? 52  ILE A CD1 1 
ATOM   421  N N   . LYS A 1 57  ? -7.865  1.869   -5.510  1.00 49.09  ? 53  LYS A N   1 
ATOM   422  C CA  . LYS A 1 57  ? -7.882  3.299   -5.259  1.00 50.64  ? 53  LYS A CA  1 
ATOM   423  C C   . LYS A 1 57  ? -7.587  3.605   -3.788  1.00 52.83  ? 53  LYS A C   1 
ATOM   424  O O   . LYS A 1 57  ? -8.420  3.353   -2.925  1.00 54.00  ? 53  LYS A O   1 
ATOM   425  C CB  . LYS A 1 57  ? -9.267  3.850   -5.592  1.00 47.82  ? 53  LYS A CB  1 
ATOM   426  C CG  . LYS A 1 57  ? -9.288  5.355   -5.814  1.00 65.26  ? 53  LYS A CG  1 
ATOM   427  C CD  . LYS A 1 57  ? -10.492 5.828   -6.599  1.00 72.18  ? 53  LYS A CD  1 
ATOM   428  C CE  . LYS A 1 57  ? -11.786 5.855   -5.802  1.00 79.65  ? 53  LYS A CE  1 
ATOM   429  N NZ  . LYS A 1 57  ? -12.905 6.346   -6.647  1.00 93.73  ? 53  LYS A NZ  1 
ATOM   430  N N   . VAL A 1 58  ? -6.437  4.232   -3.528  1.00 48.79  ? 54  VAL A N   1 
ATOM   431  C CA  . VAL A 1 58  ? -6.061  4.746   -2.222  1.00 46.44  ? 54  VAL A CA  1 
ATOM   432  C C   . VAL A 1 58  ? -6.290  6.249   -2.184  1.00 53.62  ? 54  VAL A C   1 
ATOM   433  O O   . VAL A 1 58  ? -5.813  6.989   -3.040  1.00 57.95  ? 54  VAL A O   1 
ATOM   434  C CB  . VAL A 1 58  ? -4.590  4.443   -1.884  1.00 44.62  ? 54  VAL A CB  1 
ATOM   435  C CG1 . VAL A 1 58  ? -4.249  4.979   -0.508  1.00 50.21  ? 54  VAL A CG1 1 
ATOM   436  C CG2 . VAL A 1 58  ? -4.335  2.954   -1.881  1.00 46.33  ? 54  VAL A CG2 1 
ATOM   437  N N   . SER A 1 59  ? -6.996  6.709   -1.150  1.00 58.24  ? 55  SER A N   1 
ATOM   438  C CA  . SER A 1 59  ? -7.204  8.140   -1.030  1.00 55.30  ? 55  SER A CA  1 
ATOM   439  C C   . SER A 1 59  ? -7.129  8.619   0.424   1.00 59.72  ? 55  SER A C   1 
ATOM   440  O O   . SER A 1 59  ? -7.423  7.888   1.377   1.00 57.38  ? 55  SER A O   1 
ATOM   441  C CB  . SER A 1 59  ? -8.492  8.523   -1.673  1.00 60.45  ? 55  SER A CB  1 
ATOM   442  O OG  . SER A 1 59  ? -9.557  8.139   -0.842  1.00 66.71  ? 55  SER A OG  1 
ATOM   443  N N   . THR A 1 60  ? -6.687  9.870   0.574   1.00 55.41  ? 56  THR A N   1 
ATOM   444  C CA  . THR A 1 60  ? -6.907  10.655  1.777   1.00 54.94  ? 56  THR A CA  1 
ATOM   445  C C   . THR A 1 60  ? -7.891  11.774  1.422   1.00 55.43  ? 56  THR A C   1 
ATOM   446  O O   . THR A 1 60  ? -8.500  11.757  0.353   1.00 60.30  ? 56  THR A O   1 
ATOM   447  C CB  . THR A 1 60  ? -5.571  11.168  2.336   1.00 51.19  ? 56  THR A CB  1 
ATOM   448  O OG1 . THR A 1 60  ? -4.902  11.762  1.232   1.00 54.08  ? 56  THR A OG1 1 
ATOM   449  C CG2 . THR A 1 60  ? -4.648  10.078  2.819   1.00 56.80  ? 56  THR A CG2 1 
ATOM   450  N N   . THR A 1 61  ? -7.982  12.774  2.299   1.00 50.42  ? 57  THR A N   1 
ATOM   451  C CA  . THR A 1 61  ? -8.799  13.965  2.126   1.00 53.91  ? 57  THR A CA  1 
ATOM   452  C C   . THR A 1 61  ? -8.488  14.710  0.821   1.00 53.25  ? 57  THR A C   1 
ATOM   453  O O   . THR A 1 61  ? -9.417  15.145  0.141   1.00 53.26  ? 57  THR A O   1 
ATOM   454  C CB  . THR A 1 61  ? -8.745  14.852  3.394   1.00 64.75  ? 57  THR A CB  1 
ATOM   455  O OG1 . THR A 1 61  ? -9.273  14.065  4.465   1.00 63.29  ? 57  THR A OG1 1 
ATOM   456  C CG2 . THR A 1 61  ? -9.591  16.107  3.314   1.00 59.98  ? 57  THR A CG2 1 
ATOM   457  N N   . VAL A 1 62  ? -7.210  14.927  0.481   1.00 44.82  ? 58  VAL A N   1 
ATOM   458  C CA  . VAL A 1 62  ? -6.936  15.844  -0.620  1.00 44.15  ? 58  VAL A CA  1 
ATOM   459  C C   . VAL A 1 62  ? -6.359  15.136  -1.862  1.00 51.45  ? 58  VAL A C   1 
ATOM   460  O O   . VAL A 1 62  ? -6.188  15.766  -2.900  1.00 51.61  ? 58  VAL A O   1 
ATOM   461  C CB  . VAL A 1 62  ? -6.115  17.076  -0.175  1.00 48.93  ? 58  VAL A CB  1 
ATOM   462  C CG1 . VAL A 1 62  ? -6.790  17.811  0.997   1.00 42.40  ? 58  VAL A CG1 1 
ATOM   463  C CG2 . VAL A 1 62  ? -4.658  16.732  0.131   1.00 39.84  ? 58  VAL A CG2 1 
ATOM   464  N N   . TYR A 1 63  ? -6.114  13.820  -1.789  1.00 55.25  ? 59  TYR A N   1 
ATOM   465  C CA  . TYR A 1 63  ? -5.263  13.124  -2.747  1.00 49.24  ? 59  TYR A CA  1 
ATOM   466  C C   . TYR A 1 63  ? -5.780  11.697  -2.963  1.00 51.42  ? 59  TYR A C   1 
ATOM   467  O O   . TYR A 1 63  ? -6.221  11.036  -2.027  1.00 51.25  ? 59  TYR A O   1 
ATOM   468  C CB  . TYR A 1 63  ? -3.810  13.124  -2.241  1.00 55.78  ? 59  TYR A CB  1 
ATOM   469  C CG  . TYR A 1 63  ? -2.792  12.932  -3.331  1.00 56.75  ? 59  TYR A CG  1 
ATOM   470  C CD1 . TYR A 1 63  ? -2.339  14.010  -4.077  1.00 54.10  ? 59  TYR A CD1 1 
ATOM   471  C CD2 . TYR A 1 63  ? -2.334  11.665  -3.667  1.00 60.68  ? 59  TYR A CD2 1 
ATOM   472  C CE1 . TYR A 1 63  ? -1.460  13.836  -5.135  1.00 63.20  ? 59  TYR A CE1 1 
ATOM   473  C CE2 . TYR A 1 63  ? -1.420  11.477  -4.692  1.00 59.41  ? 59  TYR A CE2 1 
ATOM   474  C CZ  . TYR A 1 63  ? -0.998  12.566  -5.441  1.00 67.37  ? 59  TYR A CZ  1 
ATOM   475  O OH  . TYR A 1 63  ? -0.106  12.406  -6.460  1.00 79.04  ? 59  TYR A OH  1 
ATOM   476  N N   . THR A 1 64  ? -5.699  11.206  -4.198  1.00 49.97  ? 60  THR A N   1 
ATOM   477  C CA  . THR A 1 64  ? -6.238  9.906   -4.540  1.00 50.10  ? 60  THR A CA  1 
ATOM   478  C C   . THR A 1 64  ? -5.317  9.311   -5.590  1.00 54.02  ? 60  THR A C   1 
ATOM   479  O O   . THR A 1 64  ? -4.792  10.075  -6.387  1.00 59.92  ? 60  THR A O   1 
ATOM   480  C CB  . THR A 1 64  ? -7.698  10.035  -4.998  1.00 53.03  ? 60  THR A CB  1 
ATOM   481  O OG1 . THR A 1 64  ? -8.152  8.716   -5.275  1.00 62.66  ? 60  THR A OG1 1 
ATOM   482  C CG2 . THR A 1 64  ? -7.926  10.844  -6.255  1.00 53.39  ? 60  THR A CG2 1 
ATOM   483  N N   . THR A 1 65  ? -5.050  7.992   -5.544  1.00 50.21  ? 61  THR A N   1 
ATOM   484  C CA  . THR A 1 65  ? -4.342  7.346   -6.644  1.00 64.26  ? 61  THR A CA  1 
ATOM   485  C C   . THR A 1 65  ? -4.935  5.971   -6.950  1.00 65.65  ? 61  THR A C   1 
ATOM   486  O O   . THR A 1 65  ? -5.464  5.292   -6.065  1.00 65.37  ? 61  THR A O   1 
ATOM   487  C CB  . THR A 1 65  ? -2.812  7.316   -6.483  1.00 75.96  ? 61  THR A CB  1 
ATOM   488  O OG1 . THR A 1 65  ? -2.560  6.866   -5.164  1.00 61.21  ? 61  THR A OG1 1 
ATOM   489  C CG2 . THR A 1 65  ? -2.127  8.652   -6.708  1.00 89.98  ? 61  THR A CG2 1 
ATOM   490  N N   . GLU A 1 66  ? -4.844  5.587   -8.229  1.00 58.16  ? 62  GLU A N   1 
ATOM   491  C CA  . GLU A 1 66  ? -5.383  4.327   -8.712  1.00 61.88  ? 62  GLU A CA  1 
ATOM   492  C C   . GLU A 1 66  ? -4.254  3.484   -9.282  1.00 63.23  ? 62  GLU A C   1 
ATOM   493  O O   . GLU A 1 66  ? -3.388  3.994   -9.983  1.00 64.60  ? 62  GLU A O   1 
ATOM   494  C CB  . GLU A 1 66  ? -6.361  4.566   -9.857  1.00 65.76  ? 62  GLU A CB  1 
ATOM   495  C CG  . GLU A 1 66  ? -7.646  5.248   -9.426  1.00 84.57  ? 62  GLU A CG  1 
ATOM   496  C CD  . GLU A 1 66  ? -8.434  5.939   -10.531 1.00 91.17  ? 62  GLU A CD  1 
ATOM   497  O OE1 . GLU A 1 66  ? -7.805  6.497   -11.469 1.00 95.36  ? 62  GLU A OE1 1 
ATOM   498  O OE2 . GLU A 1 66  ? -9.679  5.934   -10.441 1.00 91.29  ? 62  GLU A OE2 1 
ATOM   499  N N   . ILE A 1 67  ? -4.253  2.204   -9.002  1.00 61.07  ? 63  ILE A N   1 
ATOM   500  C CA  . ILE A 1 67  ? -3.437  1.315   -9.802  1.00 56.26  ? 63  ILE A CA  1 
ATOM   501  C C   . ILE A 1 67  ? -4.303  0.176   -10.305 1.00 50.65  ? 63  ILE A C   1 
ATOM   502  O O   . ILE A 1 67  ? -5.373  -0.081  -9.761  1.00 52.92  ? 63  ILE A O   1 
ATOM   503  C CB  . ILE A 1 67  ? -2.198  0.852   -9.030  1.00 62.01  ? 63  ILE A CB  1 
ATOM   504  C CG1 . ILE A 1 67  ? -2.560  -0.265  -8.050  1.00 58.85  ? 63  ILE A CG1 1 
ATOM   505  C CG2 . ILE A 1 67  ? -1.539  2.040   -8.329  1.00 62.14  ? 63  ILE A CG2 1 
ATOM   506  C CD1 . ILE A 1 67  ? -1.369  -1.056  -7.562  1.00 57.96  ? 63  ILE A CD1 1 
ATOM   507  N N   . ASN A 1 68  ? -3.906  -0.395  -11.431 1.00 56.93  ? 64  ASN A N   1 
ATOM   508  C CA  . ASN A 1 68  ? -4.488  -1.584  -12.036 1.00 63.24  ? 64  ASN A CA  1 
ATOM   509  C C   . ASN A 1 68  ? -3.314  -2.514  -12.307 1.00 59.90  ? 64  ASN A C   1 
ATOM   510  O O   . ASN A 1 68  ? -2.283  -2.081  -12.821 1.00 54.04  ? 64  ASN A O   1 
ATOM   511  C CB  . ASN A 1 68  ? -5.201  -1.347  -13.378 1.00 66.04  ? 64  ASN A CB  1 
ATOM   512  C CG  . ASN A 1 68  ? -6.460  -0.507  -13.285 1.00 76.94  ? 64  ASN A CG  1 
ATOM   513  O OD1 . ASN A 1 68  ? -7.578  -1.025  -13.312 1.00 77.85  ? 64  ASN A OD1 1 
ATOM   514  N ND2 . ASN A 1 68  ? -6.284  0.801   -13.181 1.00 70.30  ? 64  ASN A ND2 1 
ATOM   515  N N   . PHE A 1 69  ? -3.458  -3.774  -11.908 1.00 53.97  ? 65  PHE A N   1 
ATOM   516  C CA  . PHE A 1 69  ? -2.378  -4.709  -12.135 1.00 47.23  ? 65  PHE A CA  1 
ATOM   517  C C   . PHE A 1 69  ? -2.937  -6.120  -12.242 1.00 48.88  ? 65  PHE A C   1 
ATOM   518  O O   . PHE A 1 69  ? -4.059  -6.424  -11.807 1.00 49.12  ? 65  PHE A O   1 
ATOM   519  C CB  . PHE A 1 69  ? -1.312  -4.558  -11.050 1.00 53.15  ? 65  PHE A CB  1 
ATOM   520  C CG  . PHE A 1 69  ? -1.744  -5.004  -9.676  1.00 57.79  ? 65  PHE A CG  1 
ATOM   521  C CD1 . PHE A 1 69  ? -1.663  -6.345  -9.301  1.00 54.56  ? 65  PHE A CD1 1 
ATOM   522  C CD2 . PHE A 1 69  ? -2.172  -4.077  -8.733  1.00 54.55  ? 65  PHE A CD2 1 
ATOM   523  C CE1 . PHE A 1 69  ? -2.039  -6.751  -8.027  1.00 57.13  ? 65  PHE A CE1 1 
ATOM   524  C CE2 . PHE A 1 69  ? -2.545  -4.487  -7.459  1.00 57.60  ? 65  PHE A CE2 1 
ATOM   525  C CZ  . PHE A 1 69  ? -2.503  -5.825  -7.112  1.00 56.94  ? 65  PHE A CZ  1 
ATOM   526  N N   . LYS A 1 70  ? -2.133  -6.961  -12.882 1.00 52.65  ? 66  LYS A N   1 
ATOM   527  C CA  . LYS A 1 70  ? -2.405  -8.376  -12.897 1.00 55.18  ? 66  LYS A CA  1 
ATOM   528  C C   . LYS A 1 70  ? -1.310  -8.983  -12.044 1.00 55.51  ? 66  LYS A C   1 
ATOM   529  O O   . LYS A 1 70  ? -0.136  -8.585  -12.157 1.00 45.64  ? 66  LYS A O   1 
ATOM   530  C CB  . LYS A 1 70  ? -2.395  -8.892  -14.339 1.00 62.12  ? 66  LYS A CB  1 
ATOM   531  C CG  . LYS A 1 70  ? -3.393  -9.994  -14.671 1.00 70.45  ? 66  LYS A CG  1 
ATOM   532  C CD  . LYS A 1 70  ? -3.522  -10.221 -16.164 1.00 85.81  ? 66  LYS A CD  1 
ATOM   533  C CE  . LYS A 1 70  ? -4.063  -11.590 -16.528 1.00 98.85  ? 66  LYS A CE  1 
ATOM   534  N NZ  . LYS A 1 70  ? -3.316  -12.686 -15.858 1.00 83.94  ? 66  LYS A NZ  1 
ATOM   535  N N   . VAL A 1 71  ? -1.698  -9.934  -11.184 1.00 54.35  ? 67  VAL A N   1 
ATOM   536  C CA  . VAL A 1 71  ? -0.642  -10.641 -10.476 1.00 53.69  ? 67  VAL A CA  1 
ATOM   537  C C   . VAL A 1 71  ? 0.275   -11.275 -11.518 1.00 53.76  ? 67  VAL A C   1 
ATOM   538  O O   . VAL A 1 71  ? -0.208  -11.798 -12.518 1.00 55.12  ? 67  VAL A O   1 
ATOM   539  C CB  . VAL A 1 71  ? -1.186  -11.718 -9.531  1.00 53.87  ? 67  VAL A CB  1 
ATOM   540  C CG1 . VAL A 1 71  ? -0.019  -12.472 -8.904  1.00 54.39  ? 67  VAL A CG1 1 
ATOM   541  C CG2 . VAL A 1 71  ? -2.085  -11.105 -8.470  1.00 46.23  ? 67  VAL A CG2 1 
ATOM   542  N N   . GLY A 1 72  ? 1.592   -11.196 -11.291 1.00 50.99  ? 68  GLY A N   1 
ATOM   543  C CA  . GLY A 1 72  ? 2.558   -11.811 -12.191 1.00 49.28  ? 68  GLY A CA  1 
ATOM   544  C C   . GLY A 1 72  ? 3.056   -10.897 -13.312 1.00 56.83  ? 68  GLY A C   1 
ATOM   545  O O   . GLY A 1 72  ? 4.054   -11.209 -13.944 1.00 62.89  ? 68  GLY A O   1 
ATOM   546  N N   . GLU A 1 73  ? 2.411   -9.746  -13.533 1.00 64.17  ? 69  GLU A N   1 
ATOM   547  C CA  . GLU A 1 73  ? 2.785   -8.910  -14.661 1.00 59.67  ? 69  GLU A CA  1 
ATOM   548  C C   . GLU A 1 73  ? 3.250   -7.538  -14.161 1.00 65.45  ? 69  GLU A C   1 
ATOM   549  O O   . GLU A 1 73  ? 2.609   -6.924  -13.312 1.00 63.63  ? 69  GLU A O   1 
ATOM   550  C CB  . GLU A 1 73  ? 1.637   -8.959  -15.668 1.00 65.73  ? 69  GLU A CB  1 
ATOM   551  C CG  . GLU A 1 73  ? 1.359   -7.666  -16.415 1.00 93.75  ? 69  GLU A CG  1 
ATOM   552  C CD  . GLU A 1 73  ? -0.007  -7.680  -17.089 1.00 97.00  ? 69  GLU A CD  1 
ATOM   553  O OE1 . GLU A 1 73  ? -0.675  -6.603  -17.155 1.00 87.79  ? 69  GLU A OE1 1 
ATOM   554  O OE2 . GLU A 1 73  ? -0.415  -8.780  -17.525 1.00 103.69 ? 69  GLU A OE2 1 
ATOM   555  N N   . GLU A 1 74  ? 4.388   -7.078  -14.699 1.00 57.86  ? 70  GLU A N   1 
ATOM   556  C CA  . GLU A 1 74  ? 5.011   -5.817  -14.335 1.00 67.68  ? 70  GLU A CA  1 
ATOM   557  C C   . GLU A 1 74  ? 4.089   -4.644  -14.646 1.00 59.63  ? 70  GLU A C   1 
ATOM   558  O O   . GLU A 1 74  ? 3.379   -4.664  -15.641 1.00 64.17  ? 70  GLU A O   1 
ATOM   559  C CB  . GLU A 1 74  ? 6.334   -5.669  -15.081 1.00 74.71  ? 70  GLU A CB  1 
ATOM   560  C CG  . GLU A 1 74  ? 7.021   -4.347  -14.819 1.00 95.25  ? 70  GLU A CG  1 
ATOM   561  C CD  . GLU A 1 74  ? 8.530   -4.468  -14.661 1.00 115.73 ? 70  GLU A CD  1 
ATOM   562  O OE1 . GLU A 1 74  ? 9.255   -3.811  -15.440 1.00 118.69 ? 70  GLU A OE1 1 
ATOM   563  O OE2 . GLU A 1 74  ? 8.975   -5.213  -13.749 1.00 111.44 ? 70  GLU A OE2 1 
ATOM   564  N N   . PHE A 1 75  ? 4.093   -3.638  -13.762 1.00 63.24  ? 71  PHE A N   1 
ATOM   565  C CA  . PHE A 1 75  ? 3.323   -2.414  -13.946 1.00 56.08  ? 71  PHE A CA  1 
ATOM   566  C C   . PHE A 1 75  ? 4.093   -1.260  -13.312 1.00 58.53  ? 71  PHE A C   1 
ATOM   567  O O   . PHE A 1 75  ? 5.097   -1.473  -12.639 1.00 65.63  ? 71  PHE A O   1 
ATOM   568  C CB  . PHE A 1 75  ? 1.892   -2.590  -13.429 1.00 54.63  ? 71  PHE A CB  1 
ATOM   569  C CG  . PHE A 1 75  ? 1.781   -2.623  -11.924 1.00 62.79  ? 71  PHE A CG  1 
ATOM   570  C CD1 . PHE A 1 75  ? 1.984   -3.808  -11.211 1.00 62.08  ? 71  PHE A CD1 1 
ATOM   571  C CD2 . PHE A 1 75  ? 1.483   -1.467  -11.209 1.00 53.82  ? 71  PHE A CD2 1 
ATOM   572  C CE1 . PHE A 1 75  ? 1.888   -3.843  -9.821  1.00 56.74  ? 71  PHE A CE1 1 
ATOM   573  C CE2 . PHE A 1 75  ? 1.401   -1.500  -9.819  1.00 58.60  ? 71  PHE A CE2 1 
ATOM   574  C CZ  . PHE A 1 75  ? 1.618   -2.680  -9.127  1.00 56.93  ? 71  PHE A CZ  1 
ATOM   575  N N   . GLU A 1 76  ? 3.648   -0.029  -13.563 1.00 71.73  ? 72  GLU A N   1 
ATOM   576  C CA  . GLU A 1 76  ? 4.386   1.153   -13.142 1.00 73.05  ? 72  GLU A CA  1 
ATOM   577  C C   . GLU A 1 76  ? 3.543   1.883   -12.099 1.00 66.56  ? 72  GLU A C   1 
ATOM   578  O O   . GLU A 1 76  ? 2.316   1.949   -12.199 1.00 63.34  ? 72  GLU A O   1 
ATOM   579  C CB  . GLU A 1 76  ? 4.695   2.073   -14.334 1.00 83.75  ? 72  GLU A CB  1 
ATOM   580  C CG  . GLU A 1 76  ? 6.089   1.920   -14.932 1.00 92.33  ? 72  GLU A CG  1 
ATOM   581  N N   . GLU A 1 77  ? 4.206   2.412   -11.078 1.00 57.74  ? 73  GLU A N   1 
ATOM   582  C CA  . GLU A 1 77  ? 3.464   3.030   -9.998  1.00 64.01  ? 73  GLU A CA  1 
ATOM   583  C C   . GLU A 1 77  ? 4.461   3.899   -9.251  1.00 60.22  ? 73  GLU A C   1 
ATOM   584  O O   . GLU A 1 77  ? 5.488   4.254   -9.816  1.00 71.11  ? 73  GLU A O   1 
ATOM   585  C CB  . GLU A 1 77  ? 2.751   1.943   -9.174  1.00 62.92  ? 73  GLU A CB  1 
ATOM   586  C CG  . GLU A 1 77  ? 3.634   1.297   -8.107  1.00 72.62  ? 73  GLU A CG  1 
ATOM   587  C CD  . GLU A 1 77  ? 2.980   0.476   -6.993  1.00 78.95  ? 73  GLU A CD  1 
ATOM   588  O OE1 . GLU A 1 77  ? 1.812   0.782   -6.608  1.00 87.41  ? 73  GLU A OE1 1 
ATOM   589  O OE2 . GLU A 1 77  ? 3.637   -0.479  -6.500  1.00 61.69  ? 73  GLU A OE2 1 
ATOM   590  N N   . GLN A 1 78  ? 4.188   4.201   -7.983  1.00 72.15  ? 74  GLN A N   1 
ATOM   591  C CA  . GLN A 1 78  ? 5.082   5.071   -7.241  1.00 74.03  ? 74  GLN A CA  1 
ATOM   592  C C   . GLN A 1 78  ? 5.325   4.528   -5.843  1.00 67.89  ? 74  GLN A C   1 
ATOM   593  O O   . GLN A 1 78  ? 4.466   3.859   -5.272  1.00 78.04  ? 74  GLN A O   1 
ATOM   594  C CB  . GLN A 1 78  ? 4.462   6.455   -7.092  1.00 83.06  ? 74  GLN A CB  1 
ATOM   595  C CG  . GLN A 1 78  ? 4.446   7.248   -8.386  1.00 92.01  ? 74  GLN A CG  1 
ATOM   596  C CD  . GLN A 1 78  ? 3.485   8.390   -8.208  1.00 97.98  ? 74  GLN A CD  1 
ATOM   597  O OE1 . GLN A 1 78  ? 2.278   8.182   -8.072  1.00 111.78 ? 74  GLN A OE1 1 
ATOM   598  N NE2 . GLN A 1 78  ? 4.027   9.598   -8.166  1.00 94.15  ? 74  GLN A NE2 1 
ATOM   599  N N   . THR A 1 79  ? 6.520   4.832   -5.326  1.00 63.91  ? 75  THR A N   1 
ATOM   600  C CA  . THR A 1 79  ? 6.912   4.575   -3.952  1.00 74.30  ? 75  THR A CA  1 
ATOM   601  C C   . THR A 1 79  ? 6.041   5.443   -3.049  1.00 69.39  ? 75  THR A C   1 
ATOM   602  O O   . THR A 1 79  ? 5.400   6.357   -3.549  1.00 70.52  ? 75  THR A O   1 
ATOM   603  C CB  . THR A 1 79  ? 8.391   4.930   -3.774  1.00 80.28  ? 75  THR A CB  1 
ATOM   604  O OG1 . THR A 1 79  ? 8.518   6.321   -4.066  1.00 79.57  ? 75  THR A OG1 1 
ATOM   605  C CG2 . THR A 1 79  ? 9.306   4.130   -4.676  1.00 74.40  ? 75  THR A CG2 1 
ATOM   606  N N   . VAL A 1 80  ? 6.021   5.171   -1.734  1.00 69.05  ? 76  VAL A N   1 
ATOM   607  C CA  . VAL A 1 80  ? 5.251   6.005   -0.820  1.00 78.92  ? 76  VAL A CA  1 
ATOM   608  C C   . VAL A 1 80  ? 5.636   7.494   -0.957  1.00 82.19  ? 76  VAL A C   1 
ATOM   609  O O   . VAL A 1 80  ? 4.796   8.374   -0.739  1.00 70.08  ? 76  VAL A O   1 
ATOM   610  C CB  . VAL A 1 80  ? 5.359   5.502   0.633   1.00 83.05  ? 76  VAL A CB  1 
ATOM   611  C CG1 . VAL A 1 80  ? 4.277   6.109   1.522   1.00 74.82  ? 76  VAL A CG1 1 
ATOM   612  C CG2 . VAL A 1 80  ? 5.311   3.988   0.699   1.00 74.97  ? 76  VAL A CG2 1 
ATOM   613  N N   . ASP A 1 81  ? 6.885   7.775   -1.374  1.00 74.80  ? 77  ASP A N   1 
ATOM   614  C CA  . ASP A 1 81  ? 7.398   9.134   -1.509  1.00 88.98  ? 77  ASP A CA  1 
ATOM   615  C C   . ASP A 1 81  ? 7.437   9.638   -2.965  1.00 92.35  ? 77  ASP A C   1 
ATOM   616  O O   . ASP A 1 81  ? 8.194   10.562  -3.268  1.00 100.08 ? 77  ASP A O   1 
ATOM   617  C CB  . ASP A 1 81  ? 8.742   9.293   -0.777  1.00 95.73  ? 77  ASP A CB  1 
ATOM   618  C CG  . ASP A 1 81  ? 9.965   8.724   -1.497  1.00 97.95  ? 77  ASP A CG  1 
ATOM   619  O OD1 . ASP A 1 81  ? 9.970   7.492   -1.800  1.00 88.99  ? 77  ASP A OD1 1 
ATOM   620  O OD2 . ASP A 1 81  ? 10.917  9.517   -1.750  1.00 87.08  ? 77  ASP A OD2 1 
ATOM   621  N N   . GLY A 1 82  ? 6.646   9.053   -3.880  1.00 79.75  ? 78  GLY A N   1 
ATOM   622  C CA  . GLY A 1 82  ? 6.384   9.700   -5.162  1.00 75.46  ? 78  GLY A CA  1 
ATOM   623  C C   . GLY A 1 82  ? 7.330   9.321   -6.308  1.00 73.54  ? 78  GLY A C   1 
ATOM   624  O O   . GLY A 1 82  ? 7.021   9.560   -7.471  1.00 77.36  ? 78  GLY A O   1 
ATOM   625  N N   . ARG A 1 83  ? 8.464   8.691   -6.004  1.00 79.59  ? 79  ARG A N   1 
ATOM   626  C CA  . ARG A 1 83  ? 9.408   8.310   -7.048  1.00 79.37  ? 79  ARG A CA  1 
ATOM   627  C C   . ARG A 1 83  ? 8.816   7.182   -7.899  1.00 76.59  ? 79  ARG A C   1 
ATOM   628  O O   . ARG A 1 83  ? 8.353   6.176   -7.369  1.00 74.35  ? 79  ARG A O   1 
ATOM   629  C CB  . ARG A 1 83  ? 10.768  7.985   -6.413  1.00 80.38  ? 79  ARG A CB  1 
ATOM   630  C CG  . ARG A 1 83  ? 11.245  9.021   -5.390  1.00 82.63  ? 79  ARG A CG  1 
ATOM   631  C CD  . ARG A 1 83  ? 12.595  8.763   -4.722  1.00 84.97  ? 79  ARG A CD  1 
ATOM   632  N NE  . ARG A 1 83  ? 13.610  8.769   -5.769  1.00 105.60 ? 79  ARG A NE  1 
ATOM   633  C CZ  . ARG A 1 83  ? 14.868  8.327   -5.671  1.00 104.78 ? 79  ARG A CZ  1 
ATOM   634  N NH1 . ARG A 1 83  ? 15.324  7.799   -4.539  1.00 91.91  ? 79  ARG A NH1 1 
ATOM   635  N NH2 . ARG A 1 83  ? 15.682  8.445   -6.708  1.00 101.62 ? 79  ARG A NH2 1 
ATOM   636  N N   . PRO A 1 84  ? 8.777   7.312   -9.248  1.00 82.48  ? 80  PRO A N   1 
ATOM   637  C CA  . PRO A 1 84  ? 8.278   6.237   -10.111 1.00 78.61  ? 80  PRO A CA  1 
ATOM   638  C C   . PRO A 1 84  ? 9.067   4.930   -9.994  1.00 76.38  ? 80  PRO A C   1 
ATOM   639  O O   . PRO A 1 84  ? 10.275  4.922   -9.746  1.00 69.06  ? 80  PRO A O   1 
ATOM   640  C CB  . PRO A 1 84  ? 8.353   6.817   -11.539 1.00 81.82  ? 80  PRO A CB  1 
ATOM   641  C CG  . PRO A 1 84  ? 8.395   8.320   -11.325 1.00 85.73  ? 80  PRO A CG  1 
ATOM   642  C CD  . PRO A 1 84  ? 9.153   8.510   -10.022 1.00 87.62  ? 80  PRO A CD  1 
ATOM   643  N N   . CYS A 1 85  ? 8.363   3.807   -10.157 1.00 67.83  ? 81  CYS A N   1 
ATOM   644  C CA  . CYS A 1 85  ? 9.011   2.521   -9.984  1.00 66.70  ? 81  CYS A CA  1 
ATOM   645  C C   . CYS A 1 85  ? 8.320   1.483   -10.860 1.00 66.18  ? 81  CYS A C   1 
ATOM   646  O O   . CYS A 1 85  ? 7.177   1.682   -11.287 1.00 68.02  ? 81  CYS A O   1 
ATOM   647  C CB  . CYS A 1 85  ? 9.025   2.111   -8.512  1.00 72.47  ? 81  CYS A CB  1 
ATOM   648  S SG  . CYS A 1 85  ? 7.381   1.960   -7.742  1.00 77.26  ? 81  CYS A SG  1 
ATOM   649  N N   . LYS A 1 86  ? 9.050   0.390   -11.134 1.00 69.83  ? 82  LYS A N   1 
ATOM   650  C CA  . LYS A 1 86  ? 8.460   -0.816  -11.705 1.00 69.48  ? 82  LYS A CA  1 
ATOM   651  C C   . LYS A 1 86  ? 8.171   -1.788  -10.563 1.00 71.61  ? 82  LYS A C   1 
ATOM   652  O O   . LYS A 1 86  ? 9.050   -2.064  -9.741  1.00 67.38  ? 82  LYS A O   1 
ATOM   653  C CB  . LYS A 1 86  ? 9.308   -1.410  -12.840 1.00 73.94  ? 82  LYS A CB  1 
ATOM   654  C CG  . LYS A 1 86  ? 9.131   -0.757  -14.212 1.00 82.05  ? 82  LYS A CG  1 
ATOM   655  N N   . SER A 1 87  ? 6.918   -2.270  -10.537 1.00 65.42  ? 83  SER A N   1 
ATOM   656  C CA  . SER A 1 87  ? 6.346   -3.059  -9.460  1.00 63.52  ? 83  SER A CA  1 
ATOM   657  C C   . SER A 1 87  ? 5.911   -4.416  -9.997  1.00 64.10  ? 83  SER A C   1 
ATOM   658  O O   . SER A 1 87  ? 5.438   -4.494  -11.131 1.00 62.61  ? 83  SER A O   1 
ATOM   659  C CB  . SER A 1 87  ? 5.168   -2.338  -8.880  1.00 59.94  ? 83  SER A CB  1 
ATOM   660  O OG  . SER A 1 87  ? 5.597   -1.479  -7.838  1.00 66.47  ? 83  SER A OG  1 
ATOM   661  N N   . LEU A 1 88  ? 6.053   -5.464  -9.161  1.00 58.39  ? 84  LEU A N   1 
ATOM   662  C CA  . LEU A 1 88  ? 5.591   -6.798  -9.516  1.00 59.27  ? 84  LEU A CA  1 
ATOM   663  C C   . LEU A 1 88  ? 5.023   -7.513  -8.291  1.00 57.68  ? 84  LEU A C   1 
ATOM   664  O O   . LEU A 1 88  ? 5.729   -7.685  -7.297  1.00 60.89  ? 84  LEU A O   1 
ATOM   665  C CB  . LEU A 1 88  ? 6.785   -7.549  -10.099 1.00 53.69  ? 84  LEU A CB  1 
ATOM   666  C CG  . LEU A 1 88  ? 6.584   -8.997  -10.539 1.00 66.93  ? 84  LEU A CG  1 
ATOM   667  C CD1 . LEU A 1 88  ? 5.555   -9.124  -11.679 1.00 59.41  ? 84  LEU A CD1 1 
ATOM   668  C CD2 . LEU A 1 88  ? 7.942   -9.536  -10.973 1.00 59.22  ? 84  LEU A CD2 1 
ATOM   669  N N   . VAL A 1 89  ? 3.773   -7.986  -8.430  1.00 48.48  ? 85  VAL A N   1 
ATOM   670  C CA  . VAL A 1 89  ? 2.967   -8.578  -7.373  1.00 49.10  ? 85  VAL A CA  1 
ATOM   671  C C   . VAL A 1 89  ? 2.907   -10.098 -7.528  1.00 53.13  ? 85  VAL A C   1 
ATOM   672  O O   . VAL A 1 89  ? 2.558   -10.618 -8.588  1.00 57.88  ? 85  VAL A O   1 
ATOM   673  C CB  . VAL A 1 89  ? 1.549   -7.957  -7.325  1.00 48.23  ? 85  VAL A CB  1 
ATOM   674  C CG1 . VAL A 1 89  ? 0.636   -8.701  -6.388  1.00 43.95  ? 85  VAL A CG1 1 
ATOM   675  C CG2 . VAL A 1 89  ? 1.549   -6.487  -6.926  1.00 53.80  ? 85  VAL A CG2 1 
ATOM   676  N N   . LYS A 1 90  ? 3.170   -10.808 -6.420  1.00 52.80  ? 86  LYS A N   1 
ATOM   677  C CA  . LYS A 1 90  ? 3.032   -12.253 -6.376  1.00 47.33  ? 86  LYS A CA  1 
ATOM   678  C C   . LYS A 1 90  ? 2.155   -12.641 -5.197  1.00 53.59  ? 86  LYS A C   1 
ATOM   679  O O   . LYS A 1 90  ? 2.130   -11.909 -4.199  1.00 49.74  ? 86  LYS A O   1 
ATOM   680  C CB  . LYS A 1 90  ? 4.411   -12.897 -6.278  1.00 47.27  ? 86  LYS A CB  1 
ATOM   681  C CG  . LYS A 1 90  ? 5.151   -12.872 -7.597  1.00 47.71  ? 86  LYS A CG  1 
ATOM   682  C CD  . LYS A 1 90  ? 6.585   -13.164 -7.469  1.00 51.84  ? 86  LYS A CD  1 
ATOM   683  C CE  . LYS A 1 90  ? 7.271   -12.757 -8.739  1.00 52.83  ? 86  LYS A CE  1 
ATOM   684  N NZ  . LYS A 1 90  ? 8.277   -13.769 -9.087  1.00 59.74  ? 86  LYS A NZ  1 
ATOM   685  N N   . TRP A 1 91  ? 1.423   -13.764 -5.344  1.00 43.74  ? 87  TRP A N   1 
ATOM   686  C CA  . TRP A 1 91  ? 0.703   -14.322 -4.210  1.00 47.09  ? 87  TRP A CA  1 
ATOM   687  C C   . TRP A 1 91  ? 1.701   -15.003 -3.272  1.00 48.93  ? 87  TRP A C   1 
ATOM   688  O O   . TRP A 1 91  ? 2.709   -15.550 -3.730  1.00 47.93  ? 87  TRP A O   1 
ATOM   689  C CB  . TRP A 1 91  ? -0.327  -15.345 -4.683  1.00 53.50  ? 87  TRP A CB  1 
ATOM   690  C CG  . TRP A 1 91  ? -1.400  -14.870 -5.616  1.00 56.18  ? 87  TRP A CG  1 
ATOM   691  C CD1 . TRP A 1 91  ? -1.502  -15.109 -6.956  1.00 53.06  ? 87  TRP A CD1 1 
ATOM   692  C CD2 . TRP A 1 91  ? -2.602  -14.183 -5.246  1.00 56.91  ? 87  TRP A CD2 1 
ATOM   693  N NE1 . TRP A 1 91  ? -2.687  -14.624 -7.449  1.00 56.24  ? 87  TRP A NE1 1 
ATOM   694  C CE2 . TRP A 1 91  ? -3.369  -14.022 -6.427  1.00 56.85  ? 87  TRP A CE2 1 
ATOM   695  C CE3 . TRP A 1 91  ? -3.087  -13.668 -4.038  1.00 57.48  ? 87  TRP A CE3 1 
ATOM   696  C CZ2 . TRP A 1 91  ? -4.601  -13.374 -6.429  1.00 54.99  ? 87  TRP A CZ2 1 
ATOM   697  C CZ3 . TRP A 1 91  ? -4.313  -13.037 -4.045  1.00 61.65  ? 87  TRP A CZ3 1 
ATOM   698  C CH2 . TRP A 1 91  ? -5.053  -12.891 -5.218  1.00 56.14  ? 87  TRP A CH2 1 
ATOM   699  N N   . GLU A 1 92  ? 1.377   -15.008 -1.971  1.00 50.98  ? 88  GLU A N   1 
ATOM   700  C CA  . GLU A 1 92  ? 2.163   -15.649 -0.933  1.00 52.18  ? 88  GLU A CA  1 
ATOM   701  C C   . GLU A 1 92  ? 1.315   -16.704 -0.221  1.00 57.86  ? 88  GLU A C   1 
ATOM   702  O O   . GLU A 1 92  ? 1.832   -17.669 0.347   1.00 69.99  ? 88  GLU A O   1 
ATOM   703  C CB  . GLU A 1 92  ? 2.659   -14.573 0.023   1.00 63.37  ? 88  GLU A CB  1 
ATOM   704  C CG  . GLU A 1 92  ? 3.896   -14.981 0.792   1.00 92.61  ? 88  GLU A CG  1 
ATOM   705  C CD  . GLU A 1 92  ? 4.236   -14.068 1.960   1.00 106.05 ? 88  GLU A CD  1 
ATOM   706  O OE1 . GLU A 1 92  ? 3.294   -13.635 2.673   1.00 96.28  ? 88  GLU A OE1 1 
ATOM   707  O OE2 . GLU A 1 92  ? 5.446   -13.797 2.160   1.00 114.10 ? 88  GLU A OE2 1 
ATOM   708  N N   . SER A 1 93  ? -0.006  -16.552 -0.293  1.00 54.89  ? 89  SER A N   1 
ATOM   709  C CA  . SER A 1 93  ? -0.926  -17.551 0.243   1.00 56.64  ? 89  SER A CA  1 
ATOM   710  C C   . SER A 1 93  ? -2.299  -17.260 -0.353  1.00 56.18  ? 89  SER A C   1 
ATOM   711  O O   . SER A 1 93  ? -2.398  -16.466 -1.289  1.00 68.18  ? 89  SER A O   1 
ATOM   712  C CB  . SER A 1 93  ? -0.981  -17.451 1.754   1.00 54.41  ? 89  SER A CB  1 
ATOM   713  O OG  . SER A 1 93  ? -1.849  -16.383 2.150   1.00 67.19  ? 89  SER A OG  1 
ATOM   714  N N   . GLU A 1 94  ? -3.371  -17.755 0.271   1.00 54.94  ? 90  GLU A N   1 
ATOM   715  C CA  . GLU A 1 94  ? -4.670  -17.582 -0.349  1.00 52.23  ? 90  GLU A CA  1 
ATOM   716  C C   . GLU A 1 94  ? -5.004  -16.104 -0.399  1.00 59.70  ? 90  GLU A C   1 
ATOM   717  O O   . GLU A 1 94  ? -5.601  -15.614 -1.376  1.00 58.41  ? 90  GLU A O   1 
ATOM   718  C CB  . GLU A 1 94  ? -5.764  -18.359 0.376   1.00 69.05  ? 90  GLU A CB  1 
ATOM   719  C CG  . GLU A 1 94  ? -7.119  -18.342 -0.338  1.00 67.63  ? 90  GLU A CG  1 
ATOM   720  C CD  . GLU A 1 94  ? -8.177  -19.214 0.335   1.00 83.91  ? 90  GLU A CD  1 
ATOM   721  O OE1 . GLU A 1 94  ? -7.790  -20.060 1.183   1.00 94.35  ? 90  GLU A OE1 1 
ATOM   722  O OE2 . GLU A 1 94  ? -9.394  -19.061 0.012   1.00 82.06  ? 90  GLU A OE2 1 
ATOM   723  N N   . ASN A 1 95  ? -4.610  -15.413 0.669   1.00 62.19  ? 91  ASN A N   1 
ATOM   724  C CA  . ASN A 1 95  ? -5.189  -14.097 0.865   1.00 68.70  ? 91  ASN A CA  1 
ATOM   725  C C   . ASN A 1 95  ? -4.108  -13.073 1.185   1.00 53.37  ? 91  ASN A C   1 
ATOM   726  O O   . ASN A 1 95  ? -4.333  -12.155 1.958   1.00 65.28  ? 91  ASN A O   1 
ATOM   727  C CB  . ASN A 1 95  ? -6.348  -14.150 1.869   1.00 84.38  ? 91  ASN A CB  1 
ATOM   728  C CG  . ASN A 1 95  ? -7.653  -14.652 1.271   1.00 82.41  ? 91  ASN A CG  1 
ATOM   729  O OD1 . ASN A 1 95  ? -8.100  -14.199 0.213   1.00 71.29  ? 91  ASN A OD1 1 
ATOM   730  N ND2 . ASN A 1 95  ? -8.290  -15.571 1.974   1.00 71.50  ? 91  ASN A ND2 1 
ATOM   731  N N   . LYS A 1 96  ? -2.937  -13.244 0.577   1.00 52.78  ? 92  LYS A N   1 
ATOM   732  C CA  . LYS A 1 96  ? -1.837  -12.329 0.774   1.00 51.98  ? 92  LYS A CA  1 
ATOM   733  C C   . LYS A 1 96  ? -1.084  -12.158 -0.542  1.00 45.91  ? 92  LYS A C   1 
ATOM   734  O O   . LYS A 1 96  ? -0.713  -13.126 -1.182  1.00 46.46  ? 92  LYS A O   1 
ATOM   735  C CB  . LYS A 1 96  ? -0.929  -12.843 1.902   1.00 49.70  ? 92  LYS A CB  1 
ATOM   736  C CG  . LYS A 1 96  ? 0.289   -11.961 2.169   1.00 60.38  ? 92  LYS A CG  1 
ATOM   737  C CD  . LYS A 1 96  ? 0.967   -12.104 3.529   1.00 63.46  ? 92  LYS A CD  1 
ATOM   738  C CE  . LYS A 1 96  ? 1.974   -10.994 3.802   1.00 68.25  ? 92  LYS A CE  1 
ATOM   739  N NZ  . LYS A 1 96  ? 2.374   -10.926 5.235   1.00 75.34  ? 92  LYS A NZ  1 
ATOM   740  N N   . MET A 1 97  ? -0.770  -10.914 -0.886  1.00 47.63  ? 93  MET A N   1 
ATOM   741  C CA  . MET A 1 97  ? 0.088   -10.643 -2.017  1.00 48.31  ? 93  MET A CA  1 
ATOM   742  C C   . MET A 1 97  ? 1.224   -9.732  -1.569  1.00 51.03  ? 93  MET A C   1 
ATOM   743  O O   . MET A 1 97  ? 1.085   -8.965  -0.607  1.00 53.99  ? 93  MET A O   1 
ATOM   744  C CB  . MET A 1 97  ? -0.717  -9.977  -3.141  1.00 55.04  ? 93  MET A CB  1 
ATOM   745  C CG  . MET A 1 97  ? -1.259  -8.611  -2.760  1.00 59.57  ? 93  MET A CG  1 
ATOM   746  S SD  . MET A 1 97  ? -2.627  -8.040  -3.811  1.00 68.71  ? 93  MET A SD  1 
ATOM   747  C CE  . MET A 1 97  ? -3.221  -9.656  -4.307  1.00 67.41  ? 93  MET A CE  1 
ATOM   748  N N   . VAL A 1 98  ? 2.355   -9.848  -2.268  1.00 51.85  ? 94  VAL A N   1 
ATOM   749  C CA  . VAL A 1 98  ? 3.550   -9.086  -1.948  1.00 55.82  ? 94  VAL A CA  1 
ATOM   750  C C   . VAL A 1 98  ? 4.075   -8.475  -3.244  1.00 58.97  ? 94  VAL A C   1 
ATOM   751  O O   . VAL A 1 98  ? 4.015   -9.088  -4.314  1.00 54.75  ? 94  VAL A O   1 
ATOM   752  C CB  . VAL A 1 98  ? 4.605   -9.959  -1.242  1.00 55.66  ? 94  VAL A CB  1 
ATOM   753  C CG1 . VAL A 1 98  ? 4.870   -11.219 -2.013  1.00 61.03  ? 94  VAL A CG1 1 
ATOM   754  C CG2 . VAL A 1 98  ? 5.916   -9.205  -1.020  1.00 56.37  ? 94  VAL A CG2 1 
ATOM   755  N N   . CYS A 1 99  ? 4.557   -7.239  -3.140  1.00 55.95  ? 95  CYS A N   1 
ATOM   756  C CA  . CYS A 1 99  ? 4.972   -6.478  -4.302  1.00 56.24  ? 95  CYS A CA  1 
ATOM   757  C C   . CYS A 1 99  ? 6.389   -5.979  -4.062  1.00 59.13  ? 95  CYS A C   1 
ATOM   758  O O   . CYS A 1 99  ? 6.627   -5.340  -3.037  1.00 58.48  ? 95  CYS A O   1 
ATOM   759  C CB  . CYS A 1 99  ? 4.048   -5.279  -4.473  1.00 63.89  ? 95  CYS A CB  1 
ATOM   760  S SG  . CYS A 1 99  ? 4.433   -4.229  -5.903  1.00 64.10  ? 95  CYS A SG  1 
ATOM   761  N N   . GLU A 1 100 ? 7.301   -6.340  -4.978  1.00 58.20  ? 96  GLU A N   1 
ATOM   762  C CA  . GLU A 1 100 ? 8.659   -5.815  -5.049  1.00 61.58  ? 96  GLU A CA  1 
ATOM   763  C C   . GLU A 1 100 ? 8.706   -4.641  -6.032  1.00 61.93  ? 96  GLU A C   1 
ATOM   764  O O   . GLU A 1 100 ? 8.097   -4.680  -7.100  1.00 68.11  ? 96  GLU A O   1 
ATOM   765  C CB  . GLU A 1 100 ? 9.631   -6.952  -5.361  1.00 62.90  ? 96  GLU A CB  1 
ATOM   766  C CG  . GLU A 1 100 ? 9.710   -7.980  -4.234  1.00 76.18  ? 96  GLU A CG  1 
ATOM   767  N N   . GLN A 1 101 ? 9.381   -3.565  -5.621  1.00 58.10  ? 97  GLN A N   1 
ATOM   768  C CA  . GLN A 1 101 ? 9.483   -2.326  -6.378  1.00 59.75  ? 97  GLN A CA  1 
ATOM   769  C C   . GLN A 1 101 ? 10.954  -2.092  -6.739  1.00 60.83  ? 97  GLN A C   1 
ATOM   770  O O   . GLN A 1 101 ? 11.846  -2.412  -5.966  1.00 61.63  ? 97  GLN A O   1 
ATOM   771  C CB  . GLN A 1 101 ? 8.925   -1.130  -5.583  1.00 59.18  ? 97  GLN A CB  1 
ATOM   772  C CG  . GLN A 1 101 ? 7.463   -1.261  -5.137  1.00 58.58  ? 97  GLN A CG  1 
ATOM   773  C CD  . GLN A 1 101 ? 6.968   -0.023  -4.423  1.00 70.94  ? 97  GLN A CD  1 
ATOM   774  O OE1 . GLN A 1 101 ? 7.631   0.522   -3.537  1.00 71.53  ? 97  GLN A OE1 1 
ATOM   775  N NE2 . GLN A 1 101 ? 5.783   0.442   -4.800  1.00 68.55  ? 97  GLN A NE2 1 
ATOM   776  N N   . LYS A 1 102 ? 11.196  -1.574  -7.951  1.00 77.65  ? 98  LYS A N   1 
ATOM   777  C CA  . LYS A 1 102 ? 12.509  -1.171  -8.432  1.00 76.89  ? 98  LYS A CA  1 
ATOM   778  C C   . LYS A 1 102 ? 12.342  0.230   -9.011  1.00 75.18  ? 98  LYS A C   1 
ATOM   779  O O   . LYS A 1 102 ? 11.434  0.446   -9.821  1.00 68.95  ? 98  LYS A O   1 
ATOM   780  C CB  . LYS A 1 102 ? 13.001  -2.107  -9.548  1.00 80.51  ? 98  LYS A CB  1 
ATOM   781  C CG  . LYS A 1 102 ? 13.517  -3.483  -9.127  1.00 88.62  ? 98  LYS A CG  1 
ATOM   782  N N   . LEU A 1 103 ? 13.190  1.176   -8.568  1.00 72.39  ? 99  LEU A N   1 
ATOM   783  C CA  . LEU A 1 103 ? 13.128  2.554   -9.052  1.00 78.57  ? 99  LEU A CA  1 
ATOM   784  C C   . LEU A 1 103 ? 13.390  2.619   -10.565 1.00 71.61  ? 99  LEU A C   1 
ATOM   785  O O   . LEU A 1 103 ? 14.251  1.909   -11.075 1.00 71.86  ? 99  LEU A O   1 
ATOM   786  C CB  . LEU A 1 103 ? 14.128  3.401   -8.255  1.00 71.05  ? 99  LEU A CB  1 
ATOM   787  C CG  . LEU A 1 103 ? 13.704  3.738   -6.827  1.00 72.38  ? 99  LEU A CG  1 
ATOM   788  C CD1 . LEU A 1 103 ? 14.914  3.932   -5.925  1.00 64.47  ? 99  LEU A CD1 1 
ATOM   789  C CD2 . LEU A 1 103 ? 12.787  4.962   -6.799  1.00 68.85  ? 99  LEU A CD2 1 
ATOM   790  N N   . LEU A 1 104 ? 12.601  3.428   -11.293 1.00 76.62  ? 100 LEU A N   1 
ATOM   791  C CA  . LEU A 1 104 ? 12.855  3.730   -12.699 1.00 81.00  ? 100 LEU A CA  1 
ATOM   792  C C   . LEU A 1 104 ? 14.184  4.482   -12.819 1.00 92.92  ? 100 LEU A C   1 
ATOM   793  O O   . LEU A 1 104 ? 15.014  4.163   -13.664 1.00 93.85  ? 100 LEU A O   1 
ATOM   794  C CB  . LEU A 1 104 ? 11.723  4.599   -13.265 1.00 81.00  ? 100 LEU A CB  1 
ATOM   795  C CG  . LEU A 1 104 ? 10.416  3.896   -13.639 1.00 85.70  ? 100 LEU A CG  1 
ATOM   796  C CD1 . LEU A 1 104 ? 9.514   4.839   -14.437 1.00 86.33  ? 100 LEU A CD1 1 
ATOM   797  C CD2 . LEU A 1 104 ? 10.666  2.606   -14.414 1.00 67.15  ? 100 LEU A CD2 1 
ATOM   798  N N   . LYS A 1 105 ? 14.376  5.488   -11.960 1.00 89.91  ? 101 LYS A N   1 
ATOM   799  C CA  . LYS A 1 105 ? 15.537  6.351   -12.035 1.00 88.46  ? 101 LYS A CA  1 
ATOM   800  C C   . LYS A 1 105 ? 16.088  6.506   -10.625 1.00 86.11  ? 101 LYS A C   1 
ATOM   801  O O   . LYS A 1 105 ? 15.332  6.705   -9.681  1.00 89.82  ? 101 LYS A O   1 
ATOM   802  C CB  . LYS A 1 105 ? 15.154  7.707   -12.654 1.00 76.74  ? 101 LYS A CB  1 
ATOM   803  N N   . GLY A 1 106 ? 17.412  6.386   -10.498 1.00 93.31  ? 102 GLY A N   1 
ATOM   804  C CA  . GLY A 1 106 ? 18.108  6.737   -9.271  1.00 87.01  ? 102 GLY A CA  1 
ATOM   805  C C   . GLY A 1 106 ? 18.463  5.509   -8.439  1.00 89.36  ? 102 GLY A C   1 
ATOM   806  O O   . GLY A 1 106 ? 18.240  4.374   -8.858  1.00 80.94  ? 102 GLY A O   1 
ATOM   807  N N   . GLU A 1 107 ? 19.068  5.774   -7.279  1.00 90.67  ? 103 GLU A N   1 
ATOM   808  C CA  . GLU A 1 107 ? 19.225  4.805   -6.210  1.00 97.72  ? 103 GLU A CA  1 
ATOM   809  C C   . GLU A 1 107 ? 18.382  5.316   -5.043  1.00 100.46 ? 103 GLU A C   1 
ATOM   810  O O   . GLU A 1 107 ? 17.950  6.465   -5.041  1.00 103.37 ? 103 GLU A O   1 
ATOM   811  C CB  . GLU A 1 107 ? 20.708  4.604   -5.867  1.00 82.26  ? 103 GLU A CB  1 
ATOM   812  N N   . GLY A 1 108 ? 18.125  4.446   -4.067  1.00 90.71  ? 104 GLY A N   1 
ATOM   813  C CA  . GLY A 1 108 ? 17.292  4.772   -2.926  1.00 82.92  ? 104 GLY A CA  1 
ATOM   814  C C   . GLY A 1 108 ? 17.129  3.526   -2.067  1.00 80.75  ? 104 GLY A C   1 
ATOM   815  O O   . GLY A 1 108 ? 17.773  2.524   -2.332  1.00 93.72  ? 104 GLY A O   1 
ATOM   816  N N   . PRO A 1 109 ? 16.244  3.511   -1.048  1.00 89.09  ? 105 PRO A N   1 
ATOM   817  C CA  . PRO A 1 109 ? 16.074  2.320   -0.207  1.00 81.58  ? 105 PRO A CA  1 
ATOM   818  C C   . PRO A 1 109 ? 15.202  1.266   -0.903  1.00 80.20  ? 105 PRO A C   1 
ATOM   819  O O   . PRO A 1 109 ? 14.379  1.615   -1.747  1.00 74.58  ? 105 PRO A O   1 
ATOM   820  C CB  . PRO A 1 109 ? 15.372  2.898   1.029   1.00 81.73  ? 105 PRO A CB  1 
ATOM   821  C CG  . PRO A 1 109 ? 15.328  4.410   0.810   1.00 84.02  ? 105 PRO A CG  1 
ATOM   822  C CD  . PRO A 1 109 ? 15.339  4.610   -0.685  1.00 86.47  ? 105 PRO A CD  1 
ATOM   823  N N   . LYS A 1 110 ? 15.396  -0.023  -0.571  1.00 75.97  ? 106 LYS A N   1 
ATOM   824  C CA  . LYS A 1 110 ? 14.572  -1.098  -1.116  1.00 79.07  ? 106 LYS A CA  1 
ATOM   825  C C   . LYS A 1 110 ? 13.153  -0.974  -0.550  1.00 81.14  ? 106 LYS A C   1 
ATOM   826  O O   . LYS A 1 110 ? 12.958  -0.950  0.676   1.00 69.43  ? 106 LYS A O   1 
ATOM   827  C CB  . LYS A 1 110 ? 15.190  -2.476  -0.826  1.00 80.22  ? 106 LYS A CB  1 
ATOM   828  C CG  . LYS A 1 110 ? 14.694  -3.623  -1.705  1.00 80.96  ? 106 LYS A CG  1 
ATOM   829  C CD  . LYS A 1 110 ? 15.432  -4.952  -1.531  1.00 81.49  ? 106 LYS A CD  1 
ATOM   830  N N   . THR A 1 111 ? 12.170  -0.848  -1.457  1.00 70.22  ? 107 THR A N   1 
ATOM   831  C CA  . THR A 1 111 ? 10.784  -0.671  -1.051  1.00 68.00  ? 107 THR A CA  1 
ATOM   832  C C   . THR A 1 111 ? 9.960   -1.879  -1.466  1.00 66.64  ? 107 THR A C   1 
ATOM   833  O O   . THR A 1 111 ? 10.251  -2.524  -2.473  1.00 74.39  ? 107 THR A O   1 
ATOM   834  C CB  . THR A 1 111 ? 10.159  0.652   -1.526  1.00 74.17  ? 107 THR A CB  1 
ATOM   835  O OG1 . THR A 1 111 ? 10.434  0.978   -2.891  1.00 74.27  ? 107 THR A OG1 1 
ATOM   836  C CG2 . THR A 1 111 ? 10.561  1.830   -0.663  1.00 85.60  ? 107 THR A CG2 1 
ATOM   837  N N   . SER A 1 112 ? 8.931   -2.160  -0.662  1.00 66.19  ? 108 SER A N   1 
ATOM   838  C CA  . SER A 1 112 ? 7.953   -3.208  -0.916  1.00 56.10  ? 108 SER A CA  1 
ATOM   839  C C   . SER A 1 112 ? 6.666   -2.945  -0.126  1.00 54.73  ? 108 SER A C   1 
ATOM   840  O O   . SER A 1 112 ? 6.626   -2.149  0.814   1.00 63.30  ? 108 SER A O   1 
ATOM   841  C CB  . SER A 1 112 ? 8.518   -4.596  -0.670  1.00 58.84  ? 108 SER A CB  1 
ATOM   842  O OG  . SER A 1 112 ? 8.943   -4.756  0.681   1.00 69.19  ? 108 SER A OG  1 
ATOM   843  N N   . TRP A 1 113 ? 5.579   -3.554  -0.590  1.00 55.01  ? 109 TRP A N   1 
ATOM   844  C CA  . TRP A 1 113 ? 4.342   -3.590  0.157   1.00 52.14  ? 109 TRP A CA  1 
ATOM   845  C C   . TRP A 1 113 ? 3.702   -4.979  0.089   1.00 52.37  ? 109 TRP A C   1 
ATOM   846  O O   . TRP A 1 113 ? 4.051   -5.796  -0.760  1.00 56.61  ? 109 TRP A O   1 
ATOM   847  C CB  . TRP A 1 113 ? 3.403   -2.469  -0.282  1.00 49.93  ? 109 TRP A CB  1 
ATOM   848  C CG  . TRP A 1 113 ? 3.013   -2.450  -1.732  1.00 57.06  ? 109 TRP A CG  1 
ATOM   849  C CD1 . TRP A 1 113 ? 3.578   -1.684  -2.705  1.00 50.97  ? 109 TRP A CD1 1 
ATOM   850  C CD2 . TRP A 1 113 ? 1.951   -3.190  -2.376  1.00 54.02  ? 109 TRP A CD2 1 
ATOM   851  N NE1 . TRP A 1 113 ? 2.951   -1.900  -3.900  1.00 51.94  ? 109 TRP A NE1 1 
ATOM   852  C CE2 . TRP A 1 113 ? 1.941   -2.799  -3.730  1.00 51.07  ? 109 TRP A CE2 1 
ATOM   853  C CE3 . TRP A 1 113 ? 0.995   -4.121  -1.945  1.00 61.60  ? 109 TRP A CE3 1 
ATOM   854  C CZ2 . TRP A 1 113 ? 1.046   -3.329  -4.656  1.00 60.54  ? 109 TRP A CZ2 1 
ATOM   855  C CZ3 . TRP A 1 113 ? 0.108   -4.657  -2.858  1.00 62.90  ? 109 TRP A CZ3 1 
ATOM   856  C CH2 . TRP A 1 113 ? 0.139   -4.263  -4.199  1.00 65.08  ? 109 TRP A CH2 1 
ATOM   857  N N   . THR A 1 114 ? 2.797   -5.240  1.048   1.00 57.96  ? 110 THR A N   1 
ATOM   858  C CA  . THR A 1 114 ? 1.914   -6.394  1.060   1.00 50.13  ? 110 THR A CA  1 
ATOM   859  C C   . THR A 1 114 ? 0.498   -5.957  1.439   1.00 49.53  ? 110 THR A C   1 
ATOM   860  O O   . THR A 1 114 ? 0.286   -4.933  2.078   1.00 54.65  ? 110 THR A O   1 
ATOM   861  C CB  . THR A 1 114 ? 2.428   -7.448  2.040   1.00 54.54  ? 110 THR A CB  1 
ATOM   862  O OG1 . THR A 1 114 ? 2.014   -6.874  3.276   1.00 60.48  ? 110 THR A OG1 1 
ATOM   863  C CG2 . THR A 1 114 ? 3.936   -7.644  2.014   1.00 45.58  ? 110 THR A CG2 1 
ATOM   864  N N   . LYS A 1 115 ? -0.476  -6.756  1.016   1.00 46.74  ? 111 LYS A N   1 
ATOM   865  C CA  . LYS A 1 115 ? -1.862  -6.665  1.420   1.00 48.65  ? 111 LYS A CA  1 
ATOM   866  C C   . LYS A 1 115 ? -2.347  -8.083  1.693   1.00 49.26  ? 111 LYS A C   1 
ATOM   867  O O   . LYS A 1 115 ? -1.960  -9.031  1.009   1.00 53.45  ? 111 LYS A O   1 
ATOM   868  C CB  . LYS A 1 115 ? -2.755  -6.018  0.349   1.00 49.62  ? 111 LYS A CB  1 
ATOM   869  C CG  . LYS A 1 115 ? -2.734  -4.494  0.299   1.00 61.10  ? 111 LYS A CG  1 
ATOM   870  C CD  . LYS A 1 115 ? -3.712  -3.911  -0.706  1.00 64.84  ? 111 LYS A CD  1 
ATOM   871  C CE  . LYS A 1 115 ? -3.630  -2.397  -0.835  1.00 66.08  ? 111 LYS A CE  1 
ATOM   872  N NZ  . LYS A 1 115 ? -2.393  -1.953  -1.523  1.00 73.13  ? 111 LYS A NZ  1 
ATOM   873  N N   . GLU A 1 116 ? -3.224  -8.195  2.689   1.00 51.43  ? 112 GLU A N   1 
ATOM   874  C CA  . GLU A 1 116 ? -3.635  -9.461  3.262   1.00 55.44  ? 112 GLU A CA  1 
ATOM   875  C C   . GLU A 1 116 ? -4.993  -9.272  3.913   1.00 58.32  ? 112 GLU A C   1 
ATOM   876  O O   . GLU A 1 116 ? -5.190  -8.315  4.667   1.00 60.76  ? 112 GLU A O   1 
ATOM   877  C CB  . GLU A 1 116 ? -2.623  -9.879  4.329   1.00 54.88  ? 112 GLU A CB  1 
ATOM   878  C CG  . GLU A 1 116 ? -3.208  -10.749 5.415   1.00 73.85  ? 112 GLU A CG  1 
ATOM   879  C CD  . GLU A 1 116 ? -2.245  -11.679 6.139   1.00 78.39  ? 112 GLU A CD  1 
ATOM   880  O OE1 . GLU A 1 116 ? -1.083  -11.267 6.391   1.00 94.44  ? 112 GLU A OE1 1 
ATOM   881  O OE2 . GLU A 1 116 ? -2.665  -12.821 6.450   1.00 77.72  ? 112 GLU A OE2 1 
ATOM   882  N N   . LEU A 1 117 ? -5.892  -10.208 3.598   1.00 55.59  ? 113 LEU A N   1 
ATOM   883  C CA  . LEU A 1 117 ? -7.199  -10.361 4.206   1.00 59.37  ? 113 LEU A CA  1 
ATOM   884  C C   . LEU A 1 117 ? -7.037  -11.348 5.352   1.00 60.60  ? 113 LEU A C   1 
ATOM   885  O O   . LEU A 1 117 ? -6.586  -12.458 5.108   1.00 71.36  ? 113 LEU A O   1 
ATOM   886  C CB  . LEU A 1 117 ? -8.083  -11.013 3.142   1.00 61.55  ? 113 LEU A CB  1 
ATOM   887  C CG  . LEU A 1 117 ? -9.253  -10.199 2.605   1.00 71.70  ? 113 LEU A CG  1 
ATOM   888  C CD1 . LEU A 1 117 ? -9.849  -10.921 1.405   1.00 72.66  ? 113 LEU A CD1 1 
ATOM   889  C CD2 . LEU A 1 117 ? -10.327 -9.998  3.683   1.00 79.43  ? 113 LEU A CD2 1 
ATOM   890  N N   . THR A 1 118 ? -7.426  -10.974 6.579   1.00 64.42  ? 114 THR A N   1 
ATOM   891  C CA  . THR A 1 118 ? -7.338  -11.905 7.707   1.00 64.14  ? 114 THR A CA  1 
ATOM   892  C C   . THR A 1 118 ? -8.641  -12.697 7.840   1.00 71.44  ? 114 THR A C   1 
ATOM   893  O O   . THR A 1 118 ? -9.653  -12.337 7.237   1.00 63.75  ? 114 THR A O   1 
ATOM   894  C CB  . THR A 1 118 ? -7.061  -11.185 9.034   1.00 60.04  ? 114 THR A CB  1 
ATOM   895  O OG1 . THR A 1 118 ? -8.196  -10.381 9.382   1.00 66.86  ? 114 THR A OG1 1 
ATOM   896  C CG2 . THR A 1 118 ? -5.827  -10.313 8.985   1.00 55.89  ? 114 THR A CG2 1 
ATOM   897  N N   . ASN A 1 119 ? -8.612  -13.745 8.678   1.00 89.63  ? 115 ASN A N   1 
ATOM   898  C CA  . ASN A 1 119 ? -9.763  -14.606 8.924   1.00 90.26  ? 115 ASN A CA  1 
ATOM   899  C C   . ASN A 1 119 ? -10.960 -13.813 9.451   1.00 94.04  ? 115 ASN A C   1 
ATOM   900  O O   . ASN A 1 119 ? -12.095 -14.082 9.056   1.00 92.69  ? 115 ASN A O   1 
ATOM   901  C CB  . ASN A 1 119 ? -9.418  -15.780 9.842   1.00 96.19  ? 115 ASN A CB  1 
ATOM   902  C CG  . ASN A 1 119 ? -8.310  -16.636 9.267   1.00 108.71 ? 115 ASN A CG  1 
ATOM   903  O OD1 . ASN A 1 119 ? -8.403  -17.130 8.135   1.00 82.53  ? 115 ASN A OD1 1 
ATOM   904  N ND2 . ASN A 1 119 ? -7.247  -16.792 10.039  1.00 115.66 ? 115 ASN A ND2 1 
ATOM   905  N N   . ASP A 1 120 ? -10.719 -12.828 10.326  1.00 82.82  ? 116 ASP A N   1 
ATOM   906  C CA  . ASP A 1 120 ? -11.847 -12.054 10.827  1.00 92.94  ? 116 ASP A CA  1 
ATOM   907  C C   . ASP A 1 120 ? -12.037 -10.725 10.083  1.00 84.85  ? 116 ASP A C   1 
ATOM   908  O O   . ASP A 1 120 ? -12.367 -9.720  10.697  1.00 87.08  ? 116 ASP A O   1 
ATOM   909  C CB  . ASP A 1 120 ? -11.880 -11.986 12.359  1.00 101.95 ? 116 ASP A CB  1 
ATOM   910  C CG  . ASP A 1 120 ? -10.512 -11.875 13.004  1.00 107.11 ? 116 ASP A CG  1 
ATOM   911  O OD1 . ASP A 1 120 ? -9.599  -11.309 12.367  1.00 112.49 ? 116 ASP A OD1 1 
ATOM   912  O OD2 . ASP A 1 120 ? -10.376 -12.354 14.142  1.00 110.59 ? 116 ASP A OD2 1 
ATOM   913  N N   . GLY A 1 121 ? -11.843 -10.727 8.758   1.00 75.79  ? 117 GLY A N   1 
ATOM   914  C CA  . GLY A 1 121 ? -12.389 -9.718  7.857   1.00 71.43  ? 117 GLY A CA  1 
ATOM   915  C C   . GLY A 1 121 ? -11.683 -8.363  7.883   1.00 67.64  ? 117 GLY A C   1 
ATOM   916  O O   . GLY A 1 121 ? -12.302 -7.354  7.565   1.00 72.54  ? 117 GLY A O   1 
ATOM   917  N N   . GLU A 1 122 ? -10.402 -8.333  8.262   1.00 62.18  ? 118 GLU A N   1 
ATOM   918  C CA  . GLU A 1 122 ? -9.606  -7.122  8.142   1.00 62.90  ? 118 GLU A CA  1 
ATOM   919  C C   . GLU A 1 122 ? -8.662  -7.236  6.950   1.00 58.26  ? 118 GLU A C   1 
ATOM   920  O O   . GLU A 1 122 ? -8.195  -8.328  6.612   1.00 54.96  ? 118 GLU A O   1 
ATOM   921  C CB  . GLU A 1 122 ? -8.740  -6.880  9.380   1.00 56.42  ? 118 GLU A CB  1 
ATOM   922  C CG  . GLU A 1 122 ? -9.548  -6.397  10.575  1.00 74.59  ? 118 GLU A CG  1 
ATOM   923  C CD  . GLU A 1 122 ? -8.800  -6.406  11.902  1.00 90.98  ? 118 GLU A CD  1 
ATOM   924  O OE1 . GLU A 1 122 ? -7.716  -7.051  11.970  1.00 92.92  ? 118 GLU A OE1 1 
ATOM   925  O OE2 . GLU A 1 122 ? -9.302  -5.772  12.873  1.00 89.23  ? 118 GLU A OE2 1 
ATOM   926  N N   . LEU A 1 123 ? -8.365  -6.070  6.368   1.00 55.58  ? 119 LEU A N   1 
ATOM   927  C CA  . LEU A 1 123 ? -7.297  -5.924  5.402   1.00 51.27  ? 119 LEU A CA  1 
ATOM   928  C C   . LEU A 1 123 ? -6.081  -5.310  6.081   1.00 52.88  ? 119 LEU A C   1 
ATOM   929  O O   . LEU A 1 123 ? -6.177  -4.256  6.701   1.00 60.83  ? 119 LEU A O   1 
ATOM   930  C CB  . LEU A 1 123 ? -7.814  -5.050  4.263   1.00 52.58  ? 119 LEU A CB  1 
ATOM   931  C CG  . LEU A 1 123 ? -6.802  -4.768  3.155   1.00 57.22  ? 119 LEU A CG  1 
ATOM   932  C CD1 . LEU A 1 123 ? -6.667  -5.976  2.261   1.00 55.52  ? 119 LEU A CD1 1 
ATOM   933  C CD2 . LEU A 1 123 ? -7.234  -3.552  2.342   1.00 56.85  ? 119 LEU A CD2 1 
ATOM   934  N N   . ILE A 1 124 ? -4.944  -6.002  5.980   1.00 55.08  ? 120 ILE A N   1 
ATOM   935  C CA  . ILE A 1 124 ? -3.677  -5.503  6.487   1.00 52.93  ? 120 ILE A CA  1 
ATOM   936  C C   . ILE A 1 124 ? -2.709  -5.158  5.344   1.00 52.67  ? 120 ILE A C   1 
ATOM   937  O O   . ILE A 1 124 ? -2.450  -5.974  4.465   1.00 61.13  ? 120 ILE A O   1 
ATOM   938  C CB  . ILE A 1 124 ? -3.079  -6.519  7.464   1.00 52.33  ? 120 ILE A CB  1 
ATOM   939  C CG1 . ILE A 1 124 ? -4.122  -6.934  8.511   1.00 61.02  ? 120 ILE A CG1 1 
ATOM   940  C CG2 . ILE A 1 124 ? -1.814  -5.949  8.088   1.00 50.90  ? 120 ILE A CG2 1 
ATOM   941  C CD1 . ILE A 1 124 ? -3.536  -7.477  9.792   1.00 71.41  ? 120 ILE A CD1 1 
ATOM   942  N N   . LEU A 1 125 ? -2.153  -3.941  5.404   1.00 49.43  ? 121 LEU A N   1 
ATOM   943  C CA  . LEU A 1 125 ? -1.204  -3.374  4.461   1.00 46.44  ? 121 LEU A CA  1 
ATOM   944  C C   . LEU A 1 125 ? 0.103   -3.134  5.198   1.00 54.89  ? 121 LEU A C   1 
ATOM   945  O O   . LEU A 1 125 ? 0.114   -2.470  6.239   1.00 57.30  ? 121 LEU A O   1 
ATOM   946  C CB  . LEU A 1 125 ? -1.804  -2.056  3.984   1.00 57.37  ? 121 LEU A CB  1 
ATOM   947  C CG  . LEU A 1 125 ? -1.143  -1.327  2.818   1.00 72.93  ? 121 LEU A CG  1 
ATOM   948  C CD1 . LEU A 1 125 ? -2.226  -0.927  1.825   1.00 73.92  ? 121 LEU A CD1 1 
ATOM   949  C CD2 . LEU A 1 125 ? -0.457  -0.067  3.326   1.00 63.72  ? 121 LEU A CD2 1 
ATOM   950  N N   . THR A 1 126 ? 1.181   -3.750  4.694   1.00 55.21  ? 122 THR A N   1 
ATOM   951  C CA  . THR A 1 126 ? 2.515   -3.450  5.190   1.00 58.69  ? 122 THR A CA  1 
ATOM   952  C C   . THR A 1 126 ? 3.305   -2.740  4.089   1.00 55.54  ? 122 THR A C   1 
ATOM   953  O O   . THR A 1 126 ? 3.186   -3.091  2.923   1.00 52.17  ? 122 THR A O   1 
ATOM   954  C CB  . THR A 1 126 ? 3.230   -4.687  5.764   1.00 59.83  ? 122 THR A CB  1 
ATOM   955  O OG1 . THR A 1 126 ? 3.780   -5.383  4.646   1.00 71.58  ? 122 THR A OG1 1 
ATOM   956  C CG2 . THR A 1 126 ? 2.349   -5.603  6.593   1.00 51.10  ? 122 THR A CG2 1 
ATOM   957  N N   . MET A 1 127 ? 4.121   -1.749  4.472   1.00 50.98  ? 123 MET A N   1 
ATOM   958  C CA  . MET A 1 127 ? 5.010   -1.061  3.546   1.00 47.16  ? 123 MET A CA  1 
ATOM   959  C C   . MET A 1 127 ? 6.390   -1.001  4.186   1.00 51.65  ? 123 MET A C   1 
ATOM   960  O O   . MET A 1 127 ? 6.523   -0.658  5.362   1.00 52.51  ? 123 MET A O   1 
ATOM   961  C CB  . MET A 1 127 ? 4.526   0.352   3.246   1.00 46.95  ? 123 MET A CB  1 
ATOM   962  C CG  . MET A 1 127 ? 3.082   0.406   2.773   1.00 57.42  ? 123 MET A CG  1 
ATOM   963  S SD  . MET A 1 127 ? 2.566   2.144   2.636   1.00 74.51  ? 123 MET A SD  1 
ATOM   964  C CE  . MET A 1 127 ? 1.845   2.450   4.250   1.00 70.29  ? 123 MET A CE  1 
ATOM   965  N N   . THR A 1 128 ? 7.389   -1.420  3.409   1.00 55.26  ? 124 THR A N   1 
ATOM   966  C CA  . THR A 1 128 ? 8.742   -1.660  3.865   1.00 51.97  ? 124 THR A CA  1 
ATOM   967  C C   . THR A 1 128 ? 9.654   -0.735  3.082   1.00 61.01  ? 124 THR A C   1 
ATOM   968  O O   . THR A 1 128 ? 9.486   -0.545  1.875   1.00 67.72  ? 124 THR A O   1 
ATOM   969  C CB  . THR A 1 128 ? 9.147   -3.131  3.712   1.00 57.16  ? 124 THR A CB  1 
ATOM   970  O OG1 . THR A 1 128 ? 8.151   -3.932  4.355   1.00 65.06  ? 124 THR A OG1 1 
ATOM   971  C CG2 . THR A 1 128 ? 10.460  -3.467  4.375   1.00 56.10  ? 124 THR A CG2 1 
ATOM   972  N N   . ALA A 1 129 ? 10.545  -0.094  3.843   1.00 66.75  ? 125 ALA A N   1 
ATOM   973  C CA  . ALA A 1 129 ? 11.692  0.636   3.335   1.00 68.96  ? 125 ALA A CA  1 
ATOM   974  C C   . ALA A 1 129 ? 12.909  0.223   4.168   1.00 72.81  ? 125 ALA A C   1 
ATOM   975  O O   . ALA A 1 129 ? 12.952  0.466   5.380   1.00 66.12  ? 125 ALA A O   1 
ATOM   976  C CB  . ALA A 1 129 ? 11.406  2.114   3.385   1.00 60.03  ? 125 ALA A CB  1 
ATOM   977  N N   . ASP A 1 130 ? 13.844  -0.486  3.507   1.00 71.81  ? 126 ASP A N   1 
ATOM   978  C CA  . ASP A 1 130 ? 14.983  -1.149  4.128   1.00 69.01  ? 126 ASP A CA  1 
ATOM   979  C C   . ASP A 1 130 ? 14.513  -1.957  5.325   1.00 66.19  ? 126 ASP A C   1 
ATOM   980  O O   . ASP A 1 130 ? 13.758  -2.908  5.154   1.00 77.45  ? 126 ASP A O   1 
ATOM   981  C CB  . ASP A 1 130 ? 16.107  -0.184  4.507   1.00 78.28  ? 126 ASP A CB  1 
ATOM   982  C CG  . ASP A 1 130 ? 16.735  0.487   3.297   1.00 97.18  ? 126 ASP A CG  1 
ATOM   983  O OD1 . ASP A 1 130 ? 16.922  -0.211  2.271   1.00 105.63 ? 126 ASP A OD1 1 
ATOM   984  O OD2 . ASP A 1 130 ? 17.010  1.710   3.374   1.00 98.88  ? 126 ASP A OD2 1 
ATOM   985  N N   . ASP A 1 131 ? 14.946  -1.544  6.522   1.00 69.76  ? 127 ASP A N   1 
ATOM   986  C CA  . ASP A 1 131 ? 14.734  -2.342  7.718   1.00 66.06  ? 127 ASP A CA  1 
ATOM   987  C C   . ASP A 1 131 ? 13.460  -1.905  8.443   1.00 70.34  ? 127 ASP A C   1 
ATOM   988  O O   . ASP A 1 131 ? 13.124  -2.506  9.461   1.00 77.77  ? 127 ASP A O   1 
ATOM   989  C CB  . ASP A 1 131 ? 15.983  -2.354  8.605   1.00 75.19  ? 127 ASP A CB  1 
ATOM   990  N N   . VAL A 1 132 ? 12.728  -0.908  7.898   1.00 66.27  ? 128 VAL A N   1 
ATOM   991  C CA  . VAL A 1 132 ? 11.541  -0.353  8.557   1.00 62.86  ? 128 VAL A CA  1 
ATOM   992  C C   . VAL A 1 132 ? 10.247  -0.864  7.915   1.00 60.39  ? 128 VAL A C   1 
ATOM   993  O O   . VAL A 1 132 ? 10.047  -0.688  6.708   1.00 60.39  ? 128 VAL A O   1 
ATOM   994  C CB  . VAL A 1 132 ? 11.574  1.193   8.608   1.00 67.52  ? 128 VAL A CB  1 
ATOM   995  C CG1 . VAL A 1 132 ? 10.244  1.783   9.060   1.00 50.46  ? 128 VAL A CG1 1 
ATOM   996  C CG2 . VAL A 1 132 ? 12.737  1.731   9.450   1.00 56.89  ? 128 VAL A CG2 1 
ATOM   997  N N   . VAL A 1 133 ? 9.347   -1.423  8.755   1.00 61.00  ? 129 VAL A N   1 
ATOM   998  C CA  . VAL A 1 133 ? 8.044   -1.953  8.348   1.00 60.15  ? 129 VAL A CA  1 
ATOM   999  C C   . VAL A 1 133 ? 6.867   -1.152  8.934   1.00 64.51  ? 129 VAL A C   1 
ATOM   1000 O O   . VAL A 1 133 ? 6.652   -1.173  10.150  1.00 65.43  ? 129 VAL A O   1 
ATOM   1001 C CB  . VAL A 1 133 ? 7.916   -3.452  8.693   1.00 58.29  ? 129 VAL A CB  1 
ATOM   1002 C CG1 . VAL A 1 133 ? 6.603   -4.042  8.190   1.00 49.23  ? 129 VAL A CG1 1 
ATOM   1003 C CG2 . VAL A 1 133 ? 9.090   -4.243  8.134   1.00 60.29  ? 129 VAL A CG2 1 
ATOM   1004 N N   . CYS A 1 134 ? 6.042   -0.532  8.058   1.00 60.08  ? 130 CYS A N   1 
ATOM   1005 C CA  . CYS A 1 134 ? 4.800   0.140   8.447   1.00 52.24  ? 130 CYS A CA  1 
ATOM   1006 C C   . CYS A 1 134 ? 3.584   -0.774  8.276   1.00 56.29  ? 130 CYS A C   1 
ATOM   1007 O O   . CYS A 1 134 ? 3.451   -1.457  7.261   1.00 58.10  ? 130 CYS A O   1 
ATOM   1008 C CB  . CYS A 1 134 ? 4.548   1.387   7.606   1.00 59.24  ? 130 CYS A CB  1 
ATOM   1009 S SG  . CYS A 1 134 ? 2.950   2.199   7.904   1.00 66.48  ? 130 CYS A SG  1 
ATOM   1010 N N   . THR A 1 135 ? 2.670   -0.739  9.261   1.00 53.57  ? 131 THR A N   1 
ATOM   1011 C CA  . THR A 1 135 ? 1.503   -1.607  9.279   1.00 58.83  ? 131 THR A CA  1 
ATOM   1012 C C   . THR A 1 135 ? 0.228   -0.785  9.430   1.00 57.04  ? 131 THR A C   1 
ATOM   1013 O O   . THR A 1 135 ? 0.098   0.030   10.343  1.00 54.21  ? 131 THR A O   1 
ATOM   1014 C CB  . THR A 1 135 ? 1.597   -2.711  10.332  1.00 54.81  ? 131 THR A CB  1 
ATOM   1015 O OG1 . THR A 1 135 ? 2.821   -3.391  10.089  1.00 63.90  ? 131 THR A OG1 1 
ATOM   1016 C CG2 . THR A 1 135 ? 0.483   -3.723  10.190  1.00 49.93  ? 131 THR A CG2 1 
ATOM   1017 N N   . GLN A 1 136 ? -0.703  -1.005  8.500   1.00 51.08  ? 132 GLN A N   1 
ATOM   1018 C CA  . GLN A 1 136 ? -1.957  -0.287  8.536   1.00 50.28  ? 132 GLN A CA  1 
ATOM   1019 C C   . GLN A 1 136 ? -3.060  -1.339  8.475   1.00 53.52  ? 132 GLN A C   1 
ATOM   1020 O O   . GLN A 1 136 ? -3.007  -2.228  7.628   1.00 62.04  ? 132 GLN A O   1 
ATOM   1021 C CB  . GLN A 1 136 ? -1.983  0.774   7.428   1.00 57.26  ? 132 GLN A CB  1 
ATOM   1022 C CG  . GLN A 1 136 ? -1.012  1.943   7.630   1.00 52.33  ? 132 GLN A CG  1 
ATOM   1023 C CD  . GLN A 1 136 ? -1.122  2.933   6.491   1.00 67.10  ? 132 GLN A CD  1 
ATOM   1024 O OE1 . GLN A 1 136 ? -1.306  2.563   5.335   1.00 66.31  ? 132 GLN A OE1 1 
ATOM   1025 N NE2 . GLN A 1 136 ? -1.022  4.216   6.800   1.00 63.53  ? 132 GLN A NE2 1 
ATOM   1026 N N   . VAL A 1 137 ? -4.030  -1.257  9.400   1.00 54.72  ? 133 VAL A N   1 
ATOM   1027 C CA  . VAL A 1 137 ? -5.165  -2.172  9.476   1.00 48.99  ? 133 VAL A CA  1 
ATOM   1028 C C   . VAL A 1 137 ? -6.415  -1.436  9.008   1.00 49.49  ? 133 VAL A C   1 
ATOM   1029 O O   . VAL A 1 137 ? -6.653  -0.307  9.441   1.00 51.77  ? 133 VAL A O   1 
ATOM   1030 C CB  . VAL A 1 137 ? -5.336  -2.690  10.920  1.00 53.11  ? 133 VAL A CB  1 
ATOM   1031 C CG1 . VAL A 1 137 ? -6.452  -3.719  11.039  1.00 57.20  ? 133 VAL A CG1 1 
ATOM   1032 C CG2 . VAL A 1 137 ? -4.029  -3.261  11.451  1.00 48.33  ? 133 VAL A CG2 1 
ATOM   1033 N N   . PHE A 1 138 ? -7.204  -2.075  8.129   1.00 52.17  ? 134 PHE A N   1 
ATOM   1034 C CA  . PHE A 1 138 ? -8.436  -1.480  7.626   1.00 51.54  ? 134 PHE A CA  1 
ATOM   1035 C C   . PHE A 1 138 ? -9.610  -2.427  7.851   1.00 54.77  ? 134 PHE A C   1 
ATOM   1036 O O   . PHE A 1 138 ? -9.435  -3.641  7.886   1.00 54.55  ? 134 PHE A O   1 
ATOM   1037 C CB  . PHE A 1 138 ? -8.364  -1.212  6.110   1.00 54.30  ? 134 PHE A CB  1 
ATOM   1038 C CG  . PHE A 1 138 ? -7.269  -0.288  5.632   1.00 48.30  ? 134 PHE A CG  1 
ATOM   1039 C CD1 . PHE A 1 138 ? -5.931  -0.681  5.667   1.00 50.31  ? 134 PHE A CD1 1 
ATOM   1040 C CD2 . PHE A 1 138 ? -7.573  0.990   5.169   1.00 48.49  ? 134 PHE A CD2 1 
ATOM   1041 C CE1 . PHE A 1 138 ? -4.916  0.180   5.241   1.00 43.74  ? 134 PHE A CE1 1 
ATOM   1042 C CE2 . PHE A 1 138 ? -6.564  1.853   4.747   1.00 47.97  ? 134 PHE A CE2 1 
ATOM   1043 C CZ  . PHE A 1 138 ? -5.240  1.435   4.770   1.00 44.47  ? 134 PHE A CZ  1 
ATOM   1044 N N   . VAL A 1 139 ? -10.823 -1.870  7.905   1.00 54.42  ? 135 VAL A N   1 
ATOM   1045 C CA  . VAL A 1 139 ? -12.010 -2.690  8.048   1.00 58.04  ? 135 VAL A CA  1 
ATOM   1046 C C   . VAL A 1 139 ? -12.988 -2.263  6.962   1.00 57.23  ? 135 VAL A C   1 
ATOM   1047 O O   . VAL A 1 139 ? -12.882 -1.145  6.445   1.00 58.53  ? 135 VAL A O   1 
ATOM   1048 C CB  . VAL A 1 139 ? -12.660 -2.488  9.434   1.00 66.51  ? 135 VAL A CB  1 
ATOM   1049 C CG1 . VAL A 1 139 ? -11.879 -3.139  10.553  1.00 48.55  ? 135 VAL A CG1 1 
ATOM   1050 C CG2 . VAL A 1 139 ? -12.899 -1.013  9.726   1.00 65.46  ? 135 VAL A CG2 1 
ATOM   1051 N N   . ARG A 1 140 ? -13.969 -3.138  6.683   1.00 58.04  ? 136 ARG A N   1 
ATOM   1052 C CA  . ARG A 1 140 ? -14.993 -2.826  5.701   1.00 59.59  ? 136 ARG A CA  1 
ATOM   1053 C C   . ARG A 1 140 ? -15.775 -1.593  6.147   1.00 66.16  ? 136 ARG A C   1 
ATOM   1054 O O   . ARG A 1 140 ? -16.041 -1.404  7.329   1.00 71.60  ? 136 ARG A O   1 
ATOM   1055 C CB  . ARG A 1 140 ? -15.849 -4.053  5.394   1.00 51.73  ? 136 ARG A CB  1 
ATOM   1056 C CG  . ARG A 1 140 ? -15.063 -5.151  4.702   1.00 56.37  ? 136 ARG A CG  1 
ATOM   1057 C CD  . ARG A 1 140 ? -15.972 -6.165  4.043   1.00 59.76  ? 136 ARG A CD  1 
ATOM   1058 N NE  . ARG A 1 140 ? -15.472 -6.506  2.721   1.00 59.99  ? 136 ARG A NE  1 
ATOM   1059 C CZ  . ARG A 1 140 ? -14.633 -7.490  2.515   1.00 60.51  ? 136 ARG A CZ  1 
ATOM   1060 N NH1 . ARG A 1 140 ? -14.229 -8.228  3.540   1.00 66.83  ? 136 ARG A NH1 1 
ATOM   1061 N NH2 . ARG A 1 140 ? -14.215 -7.737  1.294   1.00 59.10  ? 136 ARG A NH2 1 
ATOM   1062 N N   . GLU A 1 141 ? -16.108 -0.745  5.176   1.00 80.07  ? 137 GLU A N   1 
ATOM   1063 C CA  . GLU A 1 141 ? -16.594 0.601   5.421   1.00 81.86  ? 137 GLU A CA  1 
ATOM   1064 C C   . GLU A 1 141 ? -18.008 0.511   5.994   1.00 103.55 ? 137 GLU A C   1 
ATOM   1065 O O   . GLU A 1 141 ? -18.775 -0.360  5.570   1.00 117.86 ? 137 GLU A O   1 
ATOM   1066 C CB  . GLU A 1 141 ? -16.555 1.396   4.116   1.00 79.85  ? 137 GLU A CB  1 
ATOM   1067 C CG  . GLU A 1 141 ? -16.952 2.852   4.263   1.00 101.21 ? 137 GLU A CG  1 
ATOM   1068 C CD  . GLU A 1 141 ? -17.411 3.511   2.972   1.00 110.30 ? 137 GLU A CD  1 
ATOM   1069 O OE1 . GLU A 1 141 ? -16.788 4.522   2.569   1.00 113.51 ? 137 GLU A OE1 1 
ATOM   1070 O OE2 . GLU A 1 141 ? -18.397 3.019   2.371   1.00 106.81 ? 137 GLU A OE2 1 
ATOM   1071 O OXT . GLU A 1 141 ? -18.372 1.297   6.881   1.00 128.67 ? 137 GLU A OXT 1 
HETATM 1072 C CAM . QPE B 2 .   ? -2.632  2.093   -5.333  0.80 87.20  ? 201 QPE A CAM 1 
HETATM 1073 O OAL . QPE B 2 .   ? -2.408  0.978   -4.423  0.80 102.74 ? 201 QPE A OAL 1 
HETATM 1074 C CAJ . QPE B 2 .   ? -1.245  1.096   -3.705  0.80 103.71 ? 201 QPE A CAJ 1 
HETATM 1075 O OAK . QPE B 2 .   ? -0.330  1.800   -4.120  0.80 129.32 ? 201 QPE A OAK 1 
HETATM 1076 C CAH . QPE B 2 .   ? -1.125  0.303   -2.341  0.80 99.17  ? 201 QPE A CAH 1 
HETATM 1077 C CAI . QPE B 2 .   ? -2.306  -0.580  -1.862  0.80 91.50  ? 201 QPE A CAI 1 
HETATM 1078 C CAG . QPE B 2 .   ? -0.074  0.342   -1.532  0.80 82.08  ? 201 QPE A CAG 1 
HETATM 1079 C CAD . QPE B 2 .   ? 1.102   1.037   -1.820  0.80 78.69  ? 201 QPE A CAD 1 
HETATM 1080 C CAC . QPE B 2 .   ? 1.565   1.279   -3.140  0.80 74.60  ? 201 QPE A CAC 1 
HETATM 1081 C CAA . QPE B 2 .   ? 2.764   1.959   -3.425  0.80 70.18  ? 201 QPE A CAA 1 
HETATM 1082 C CAB . QPE B 2 .   ? 3.536   2.376   -2.338  0.80 71.52  ? 201 QPE A CAB 1 
HETATM 1083 C CAF . QPE B 2 .   ? 3.083   2.103   -1.040  0.80 71.89  ? 201 QPE A CAF 1 
HETATM 1084 C CAE . QPE B 2 .   ? 1.886   1.439   -0.753  0.80 66.90  ? 201 QPE A CAE 1 
HETATM 1085 O O   . HOH C 3 .   ? -2.890  -15.953 -10.117 1.00 59.28  ? 301 HOH A O   1 
HETATM 1086 O O   . HOH C 3 .   ? 4.813   8.638   14.747  1.00 69.06  ? 302 HOH A O   1 
HETATM 1087 O O   . HOH C 3 .   ? 1.913   5.646   12.329  1.00 55.46  ? 303 HOH A O   1 
HETATM 1088 O O   . HOH C 3 .   ? -0.225  -7.071  4.492   1.00 62.32  ? 304 HOH A O   1 
HETATM 1089 O O   . HOH C 3 .   ? 2.079   -7.599  -10.924 1.00 45.26  ? 305 HOH A O   1 
HETATM 1090 O O   . HOH C 3 .   ? -2.279  16.621  7.142   1.00 49.62  ? 306 HOH A O   1 
HETATM 1091 O O   . HOH C 3 .   ? -11.899 -14.202 0.578   1.00 86.06  ? 307 HOH A O   1 
HETATM 1092 O O   . HOH C 3 .   ? -7.161  -9.636  11.789  1.00 72.32  ? 308 HOH A O   1 
HETATM 1093 O O   . HOH C 3 .   ? 4.906   -2.643  11.649  1.00 57.21  ? 309 HOH A O   1 
HETATM 1094 O O   . HOH C 3 .   ? 10.757  19.954  8.946   1.00 67.36  ? 310 HOH A O   1 
HETATM 1095 O O   . HOH C 3 .   ? -10.797 6.225   6.458   1.00 63.47  ? 311 HOH A O   1 
HETATM 1096 O O   . HOH C 3 .   ? 4.335   6.841   13.243  1.00 61.11  ? 312 HOH A O   1 
HETATM 1097 O O   . HOH C 3 .   ? 1.405   0.306   -15.341 1.00 73.54  ? 313 HOH A O   1 
HETATM 1098 O O   . HOH C 3 .   ? -8.188  -14.151 -4.057  1.00 64.94  ? 314 HOH A O   1 
HETATM 1099 O O   . HOH C 3 .   ? -15.884 -8.837  -0.916  1.00 62.47  ? 315 HOH A O   1 
HETATM 1100 O O   . HOH C 3 .   ? -10.357 5.470   -2.020  1.00 55.40  ? 316 HOH A O   1 
HETATM 1101 O O   . HOH C 3 .   ? -10.544 -11.681 -14.987 1.00 71.16  ? 317 HOH A O   1 
HETATM 1102 O O   . HOH C 3 .   ? -10.408 -5.558  -11.538 1.00 72.76  ? 318 HOH A O   1 
HETATM 1103 O O   . HOH C 3 .   ? -3.467  8.064   -9.699  1.00 71.05  ? 319 HOH A O   1 
HETATM 1104 O O   . HOH C 3 .   ? -7.994  6.396   11.937  1.00 66.92  ? 320 HOH A O   1 
HETATM 1105 O O   . HOH C 3 .   ? 8.190   8.728   16.407  1.00 85.82  ? 321 HOH A O   1 
HETATM 1106 O O   . HOH C 3 .   ? -18.953 -0.829  1.733   1.00 77.94  ? 322 HOH A O   1 
HETATM 1107 O O   . HOH C 3 .   ? -3.768  -4.517  -16.113 1.00 76.82  ? 323 HOH A O   1 
HETATM 1108 O O   . HOH C 3 .   ? 5.117   -1.274  -17.521 1.00 77.01  ? 324 HOH A O   1 
# 
